data_3BWN
#
_entry.id   3BWN
#
_cell.length_a   93.410
_cell.length_b   97.830
_cell.length_c   139.460
_cell.angle_alpha   90.00
_cell.angle_beta   104.35
_cell.angle_gamma   90.00
#
_symmetry.space_group_name_H-M   'P 1 21 1'
#
loop_
_entity.id
_entity.type
_entity.pdbx_description
1 polymer 'L-tryptophan aminotransferase'
2 polymer 'L-tryptophan aminotransferase'
3 non-polymer "4'-DEOXY-4'-AMINOPYRIDOXAL-5'-PHOSPHATE"
4 non-polymer 'PHOSPHATE ION'
5 non-polymer PHENYLALANINE
6 water water
#
loop_
_entity_poly.entity_id
_entity_poly.type
_entity_poly.pdbx_seq_one_letter_code
_entity_poly.pdbx_strand_id
1 'polypeptide(L)'
;MVKLENSRKPEKISNKNIPMSDFVVNLDHGDPTAYEEYWRKMGDRCTVTIRGCDLMSYFSDMTNLCWFLEPELEDAIKDL
HGVVGNAATEDRYIVVGTGSTQLCQAAVHALSSLARSQPVSVVAAAPFYSTYVEETTYVRSGMYKWEGDAWGFDKKGPYI
ELVTSPNNPDGTIRETVVNRPDDDEAKVIHDFAYYWPHYTPITRRQDHDIMLFTFSKITGHAGSRIGWALVKDKEVAKKM
VEYIIVNSIGVSKESQVRTAKILNVLKETCKSESESENFFKYGREMMKNRWEKLREVVKESDAFTLPKYPEAFCNYFGKS
LESYPAFAWLGTKEETDLVSELRRHKVMSRAGERCGSDKKHVRVSMLSREDVFNVFLERLANMKLIKSIDL
;
A,B,D,E,F
2 'polypeptide(L)'
;MVKLENSRKPEKISNKNIPMSDFVVNLDHGDPTAYEEYWRKMGDRCTVTIRGCDLMSYFSDMTNLCWFLEPELEDAIKDL
HGVVGNAATEDRYIVVGTGSTQLCQAAVHALSSLARSQPVSVVAAAPFYSTYVEETTYVRSGMYKWEGDAWGFDKKGPYI
ELVTSPNNPDGTIRETVVNRPDDDEAKVIHDFAYYWPHYTPITRRQDHDIMLFTFS(LLP)ITGHAGSRIGWALVKDKEV
AKKMVEYIIVNSIGVSKESQVRTAKILNVLKETCKSESESENFFKYGREMMKNRWEKLREVVKESDAFTLPKYPEAFCNY
FGKSLESYPAFAWLGTKEETDLVSELRRHKVMSRAGERCGSDKKHVRVSMLSREDVFNVFLERLANMKLIKSIDL
;
C
#
# COMPACT_ATOMS: atom_id res chain seq x y z
N ILE A 18 -33.28 22.67 25.24
CA ILE A 18 -32.58 21.44 25.75
C ILE A 18 -31.09 21.44 25.41
N PRO A 19 -30.24 21.61 26.44
CA PRO A 19 -28.79 21.47 26.29
C PRO A 19 -28.33 20.03 26.04
N MET A 20 -27.10 19.90 25.53
CA MET A 20 -26.42 18.61 25.41
C MET A 20 -25.57 18.35 26.67
N SER A 21 -26.14 18.75 27.83
CA SER A 21 -25.75 18.27 29.15
C SER A 21 -26.82 17.30 29.68
N ASP A 22 -28.10 17.63 29.43
CA ASP A 22 -29.24 16.79 29.85
C ASP A 22 -29.61 15.60 28.90
N PHE A 23 -29.22 15.70 27.62
CA PHE A 23 -29.33 14.60 26.64
C PHE A 23 -28.70 13.30 27.17
N VAL A 24 -29.43 12.19 27.17
CA VAL A 24 -28.77 10.94 27.59
C VAL A 24 -28.04 10.32 26.41
N VAL A 25 -26.78 10.05 26.63
CA VAL A 25 -25.98 9.39 25.62
C VAL A 25 -25.99 7.90 25.96
N ASN A 26 -26.64 7.12 25.09
CA ASN A 26 -26.83 5.69 25.36
C ASN A 26 -25.77 4.81 24.69
N LEU A 27 -24.76 4.41 25.46
CA LEU A 27 -23.67 3.59 24.96
C LEU A 27 -23.63 2.26 25.70
N ASP A 28 -24.79 1.87 26.27
CA ASP A 28 -24.95 0.61 27.01
C ASP A 28 -25.01 -0.54 26.01
N HIS A 29 -25.86 -0.40 25.01
CA HIS A 29 -26.05 -1.40 23.99
C HIS A 29 -25.12 -1.02 22.85
N GLY A 30 -24.76 -1.99 22.04
CA GLY A 30 -23.87 -1.74 20.94
C GLY A 30 -24.65 -1.61 19.65
N ASP A 31 -25.74 -0.86 19.67
CA ASP A 31 -26.51 -0.69 18.47
C ASP A 31 -25.52 -0.05 17.48
N PRO A 32 -25.22 -0.72 16.36
CA PRO A 32 -24.08 -0.26 15.55
C PRO A 32 -24.48 0.75 14.49
N THR A 33 -24.78 1.99 14.91
CA THR A 33 -25.37 2.95 13.92
C THR A 33 -24.34 3.79 13.20
N ALA A 34 -23.10 3.68 13.68
CA ALA A 34 -21.89 4.27 13.01
C ALA A 34 -21.86 4.21 11.49
N TYR A 35 -22.42 3.14 10.95
CA TYR A 35 -22.23 2.71 9.55
C TYR A 35 -23.34 3.14 8.62
N GLU A 36 -24.26 3.92 9.15
CA GLU A 36 -25.44 4.25 8.38
C GLU A 36 -25.19 5.23 7.24
N GLU A 37 -24.45 6.30 7.53
CA GLU A 37 -24.13 7.29 6.48
C GLU A 37 -23.43 6.58 5.34
N TYR A 38 -22.49 5.72 5.71
CA TYR A 38 -21.76 4.90 4.73
C TYR A 38 -22.72 4.21 3.77
N TRP A 39 -23.67 3.45 4.31
CA TRP A 39 -24.64 2.67 3.52
C TRP A 39 -25.61 3.53 2.73
N ARG A 40 -25.93 4.70 3.29
CA ARG A 40 -26.75 5.69 2.59
C ARG A 40 -26.08 6.09 1.30
N LYS A 41 -24.81 6.47 1.44
CA LYS A 41 -23.94 6.90 0.32
C LYS A 41 -23.87 5.91 -0.82
N MET A 42 -23.83 4.63 -0.50
CA MET A 42 -23.72 3.59 -1.54
C MET A 42 -24.92 3.54 -2.50
N GLY A 43 -25.95 4.32 -2.19
CA GLY A 43 -27.08 4.54 -3.08
C GLY A 43 -27.79 3.30 -3.57
N ASP A 44 -28.23 3.34 -4.84
CA ASP A 44 -29.21 2.41 -5.41
C ASP A 44 -28.78 0.94 -5.60
N ARG A 45 -27.52 0.64 -5.38
CA ARG A 45 -27.07 -0.71 -5.65
C ARG A 45 -27.27 -1.65 -4.46
N CYS A 46 -27.55 -1.08 -3.28
CA CYS A 46 -27.71 -1.83 -2.03
C CYS A 46 -29.13 -2.30 -1.84
N THR A 47 -30.00 -1.78 -2.70
CA THR A 47 -31.46 -1.96 -2.64
C THR A 47 -31.93 -3.38 -2.87
N VAL A 48 -32.93 -3.79 -2.11
CA VAL A 48 -33.49 -5.14 -2.22
C VAL A 48 -34.95 -5.03 -2.62
N THR A 49 -35.33 -5.80 -3.63
CA THR A 49 -36.68 -5.76 -4.16
C THR A 49 -37.29 -7.16 -4.03
N ILE A 50 -38.40 -7.26 -3.28
CA ILE A 50 -39.14 -8.51 -3.04
C ILE A 50 -40.63 -8.41 -3.46
N ARG A 51 -41.04 -9.28 -4.38
CA ARG A 51 -42.39 -9.26 -4.93
C ARG A 51 -43.38 -10.09 -4.12
N GLY A 52 -44.66 -9.74 -4.22
CA GLY A 52 -45.72 -10.40 -3.45
C GLY A 52 -45.64 -11.89 -3.34
N CYS A 53 -45.17 -12.56 -4.38
CA CYS A 53 -45.18 -14.02 -4.39
C CYS A 53 -43.85 -14.71 -4.03
N ASP A 54 -42.81 -13.95 -3.70
CA ASP A 54 -41.48 -14.52 -3.41
C ASP A 54 -41.42 -14.97 -1.95
N LEU A 55 -40.52 -15.90 -1.67
CA LEU A 55 -40.15 -16.24 -0.29
C LEU A 55 -41.29 -16.72 0.59
N MET A 56 -42.26 -17.38 -0.02
CA MET A 56 -43.50 -17.74 0.60
C MET A 56 -43.38 -19.05 1.34
N SER A 57 -42.63 -20.00 0.79
CA SER A 57 -42.48 -21.30 1.41
C SER A 57 -41.64 -21.34 2.69
N TYR A 58 -41.95 -22.33 3.54
CA TYR A 58 -41.20 -22.56 4.76
C TYR A 58 -39.77 -23.00 4.40
N PHE A 59 -39.63 -23.80 3.36
CA PHE A 59 -38.35 -24.39 2.97
C PHE A 59 -37.57 -23.57 1.95
N SER A 60 -36.23 -23.58 2.07
CA SER A 60 -35.34 -23.03 1.01
C SER A 60 -34.81 -24.11 0.09
N ASP A 61 -34.24 -25.15 0.69
CA ASP A 61 -33.57 -26.26 0.02
C ASP A 61 -33.49 -27.50 0.92
N MET A 62 -34.33 -28.49 0.66
CA MET A 62 -34.41 -29.69 1.52
C MET A 62 -33.23 -30.66 1.39
N THR A 63 -32.31 -30.31 0.48
CA THR A 63 -31.05 -31.00 0.19
C THR A 63 -29.94 -30.56 1.13
N ASN A 64 -30.08 -29.36 1.69
CA ASN A 64 -29.13 -28.88 2.66
C ASN A 64 -29.51 -29.36 4.02
N LEU A 65 -28.50 -29.70 4.80
CA LEU A 65 -28.72 -29.97 6.17
C LEU A 65 -29.59 -28.83 6.74
N CYS A 66 -29.17 -27.58 6.50
CA CYS A 66 -29.95 -26.42 6.93
C CYS A 66 -30.88 -26.07 5.80
N TRP A 67 -32.09 -26.59 5.91
CA TRP A 67 -33.04 -26.44 4.80
C TRP A 67 -33.74 -25.10 4.71
N PHE A 68 -33.50 -24.29 5.71
CA PHE A 68 -34.14 -23.00 5.76
C PHE A 68 -33.12 -21.93 5.51
N LEU A 69 -31.97 -22.32 4.99
CA LEU A 69 -30.90 -21.39 4.53
C LEU A 69 -31.02 -21.19 3.06
N GLU A 70 -31.05 -19.92 2.64
CA GLU A 70 -31.21 -19.52 1.25
C GLU A 70 -29.89 -19.62 0.52
N PRO A 71 -29.90 -20.20 -0.69
CA PRO A 71 -28.66 -20.39 -1.43
C PRO A 71 -27.89 -19.09 -1.67
N GLU A 72 -28.56 -18.02 -2.06
CA GLU A 72 -27.83 -16.80 -2.32
C GLU A 72 -27.05 -16.38 -1.07
N LEU A 73 -27.61 -16.64 0.10
CA LEU A 73 -26.94 -16.31 1.37
C LEU A 73 -25.78 -17.20 1.67
N GLU A 74 -25.94 -18.49 1.46
CA GLU A 74 -24.82 -19.43 1.59
C GLU A 74 -23.62 -19.01 0.76
N ASP A 75 -23.87 -18.67 -0.51
CA ASP A 75 -22.83 -18.31 -1.43
C ASP A 75 -22.14 -17.08 -0.94
N ALA A 76 -22.93 -16.09 -0.49
CA ALA A 76 -22.45 -14.80 0.02
C ALA A 76 -21.59 -14.97 1.25
N ILE A 77 -22.02 -15.80 2.20
CA ILE A 77 -21.20 -16.06 3.38
C ILE A 77 -19.83 -16.62 2.96
N LYS A 78 -19.80 -17.65 2.13
CA LYS A 78 -18.55 -18.35 1.83
C LYS A 78 -17.60 -17.51 0.96
N ASP A 79 -18.18 -16.81 0.00
CA ASP A 79 -17.45 -15.84 -0.79
C ASP A 79 -16.79 -14.83 0.11
N LEU A 80 -17.53 -14.35 1.10
CA LEU A 80 -17.03 -13.33 2.02
C LEU A 80 -15.92 -13.83 2.96
N HIS A 81 -16.05 -15.01 3.57
CA HIS A 81 -14.90 -15.55 4.32
C HIS A 81 -13.72 -15.85 3.37
N GLY A 82 -14.00 -16.07 2.10
CA GLY A 82 -12.94 -16.29 1.12
C GLY A 82 -12.10 -15.07 0.80
N VAL A 83 -12.76 -13.96 0.50
CA VAL A 83 -12.06 -12.74 0.15
C VAL A 83 -11.27 -12.19 1.34
N VAL A 84 -11.80 -12.36 2.56
CA VAL A 84 -11.21 -11.78 3.77
C VAL A 84 -10.25 -12.75 4.41
N GLY A 85 -10.61 -14.03 4.38
CA GLY A 85 -9.67 -15.05 4.81
C GLY A 85 -9.65 -15.25 6.30
N ASN A 86 -10.75 -14.93 7.00
CA ASN A 86 -10.82 -15.08 8.50
C ASN A 86 -11.33 -16.39 9.08
N ALA A 87 -12.06 -17.14 8.25
CA ALA A 87 -12.57 -18.41 8.69
C ALA A 87 -12.61 -19.37 7.54
N ALA A 88 -12.35 -20.65 7.86
CA ALA A 88 -12.43 -21.76 6.91
C ALA A 88 -13.87 -22.13 6.69
N THR A 89 -14.26 -22.26 5.42
CA THR A 89 -15.63 -22.67 5.14
C THR A 89 -15.77 -24.01 4.43
N GLU A 90 -14.68 -24.77 4.25
CA GLU A 90 -14.75 -26.05 3.49
C GLU A 90 -15.05 -27.20 4.42
N ASP A 91 -15.62 -28.28 3.88
CA ASP A 91 -15.97 -29.48 4.66
C ASP A 91 -16.63 -29.19 6.00
N ARG A 92 -17.63 -28.32 5.98
CA ARG A 92 -18.35 -28.00 7.17
C ARG A 92 -19.70 -27.48 6.79
N TYR A 93 -20.64 -27.60 7.72
CA TYR A 93 -22.04 -27.17 7.51
C TYR A 93 -22.24 -25.73 7.92
N ILE A 94 -23.05 -25.00 7.18
CA ILE A 94 -23.44 -23.64 7.58
C ILE A 94 -24.89 -23.64 8.15
N VAL A 95 -25.06 -22.98 9.29
CA VAL A 95 -26.36 -22.84 9.94
C VAL A 95 -26.60 -21.37 10.13
N VAL A 96 -27.74 -20.89 9.66
CA VAL A 96 -28.13 -19.54 9.90
C VAL A 96 -29.03 -19.53 11.09
N GLY A 97 -28.95 -18.42 11.86
CA GLY A 97 -29.90 -18.10 12.91
C GLY A 97 -30.32 -16.63 12.92
N THR A 98 -31.39 -16.33 13.69
CA THR A 98 -31.95 -14.98 13.89
C THR A 98 -30.98 -14.30 14.81
N GLY A 99 -29.94 -13.71 14.20
CA GLY A 99 -28.79 -13.26 14.95
C GLY A 99 -27.95 -14.41 15.49
N SER A 100 -26.71 -14.11 15.86
CA SER A 100 -25.78 -15.04 16.43
C SER A 100 -26.26 -15.52 17.79
N THR A 101 -27.11 -14.69 18.42
CA THR A 101 -27.81 -14.94 19.68
C THR A 101 -28.55 -16.30 19.70
N GLN A 102 -29.40 -16.57 18.70
CA GLN A 102 -30.10 -17.82 18.59
C GLN A 102 -29.10 -18.94 18.29
N LEU A 103 -28.00 -18.60 17.58
CA LEU A 103 -26.93 -19.54 17.18
C LEU A 103 -26.10 -20.07 18.31
N CYS A 104 -25.57 -19.16 19.13
CA CYS A 104 -24.88 -19.62 20.38
C CYS A 104 -25.77 -20.53 21.31
N GLN A 105 -27.08 -20.25 21.36
CA GLN A 105 -27.98 -21.05 22.19
C GLN A 105 -28.29 -22.40 21.54
N ALA A 106 -28.43 -22.39 20.22
CA ALA A 106 -28.59 -23.62 19.45
C ALA A 106 -27.42 -24.53 19.64
N ALA A 107 -26.21 -23.98 19.63
CA ALA A 107 -24.98 -24.76 19.84
C ALA A 107 -24.89 -25.33 21.21
N VAL A 108 -25.20 -24.52 22.24
CA VAL A 108 -25.17 -24.98 23.63
C VAL A 108 -26.18 -26.09 23.84
N HIS A 109 -27.41 -25.88 23.37
CA HIS A 109 -28.45 -26.92 23.38
C HIS A 109 -28.05 -28.17 22.59
N ALA A 110 -27.41 -28.00 21.43
CA ALA A 110 -26.97 -29.13 20.61
C ALA A 110 -25.83 -29.90 21.28
N LEU A 111 -24.80 -29.21 21.71
CA LEU A 111 -23.71 -29.88 22.45
C LEU A 111 -24.16 -30.51 23.78
N SER A 112 -25.11 -29.88 24.48
CA SER A 112 -25.68 -30.45 25.71
C SER A 112 -26.38 -31.76 25.46
N SER A 113 -27.08 -31.86 24.33
CA SER A 113 -27.82 -33.07 23.91
C SER A 113 -26.92 -34.26 23.65
N LEU A 114 -25.70 -34.00 23.22
CA LEU A 114 -24.78 -35.07 22.84
C LEU A 114 -23.75 -35.36 23.92
N ALA A 115 -23.89 -34.73 25.08
CA ALA A 115 -22.99 -35.02 26.18
C ALA A 115 -23.47 -36.29 26.90
N ARG A 116 -22.52 -37.11 27.34
CA ARG A 116 -22.83 -38.32 28.11
C ARG A 116 -23.88 -38.06 29.19
N SER A 117 -23.76 -36.94 29.90
CA SER A 117 -24.67 -36.60 30.99
C SER A 117 -25.03 -35.11 31.05
N GLN A 118 -26.10 -34.79 31.79
CA GLN A 118 -26.50 -33.40 32.02
C GLN A 118 -26.62 -33.13 33.54
N PRO A 119 -26.65 -31.85 33.97
CA PRO A 119 -26.38 -30.59 33.26
C PRO A 119 -24.95 -30.53 32.78
N VAL A 120 -24.75 -29.82 31.68
CA VAL A 120 -23.42 -29.54 31.17
C VAL A 120 -23.01 -28.13 31.63
N SER A 121 -21.77 -27.96 32.10
CA SER A 121 -21.36 -26.67 32.68
C SER A 121 -20.94 -25.73 31.57
N VAL A 122 -21.52 -24.54 31.52
CA VAL A 122 -21.15 -23.56 30.50
C VAL A 122 -20.37 -22.44 31.16
N VAL A 123 -19.13 -22.22 30.70
CA VAL A 123 -18.28 -21.18 31.26
C VAL A 123 -17.64 -20.35 30.15
N ALA A 124 -17.07 -19.20 30.54
CA ALA A 124 -16.37 -18.23 29.66
C ALA A 124 -15.38 -17.37 30.51
N ALA A 125 -14.15 -17.16 30.05
CA ALA A 125 -13.18 -16.42 30.85
C ALA A 125 -13.75 -15.05 31.17
N ALA A 126 -13.60 -14.59 32.41
CA ALA A 126 -13.95 -13.20 32.80
C ALA A 126 -12.84 -12.21 32.44
N PRO A 127 -13.22 -10.97 32.03
CA PRO A 127 -14.59 -10.53 31.83
C PRO A 127 -15.20 -11.03 30.52
N PHE A 128 -16.48 -11.42 30.59
CA PHE A 128 -17.14 -12.06 29.46
C PHE A 128 -18.37 -11.28 28.99
N TYR A 129 -18.99 -11.76 27.94
CA TYR A 129 -20.17 -11.14 27.36
C TYR A 129 -21.32 -11.37 28.32
N SER A 130 -21.77 -10.31 28.98
CA SER A 130 -22.84 -10.41 29.97
C SER A 130 -24.00 -11.25 29.46
N THR A 131 -24.49 -10.94 28.25
CA THR A 131 -25.64 -11.64 27.67
C THR A 131 -25.60 -13.16 27.85
N TYR A 132 -24.39 -13.74 27.84
CA TYR A 132 -24.21 -15.18 28.01
C TYR A 132 -24.90 -15.66 29.29
N VAL A 133 -24.80 -14.89 30.36
CA VAL A 133 -25.40 -15.27 31.65
C VAL A 133 -26.91 -15.32 31.46
N GLU A 134 -27.47 -14.39 30.67
CA GLU A 134 -28.91 -14.34 30.38
C GLU A 134 -29.33 -15.55 29.56
N GLU A 135 -28.63 -15.77 28.45
CA GLU A 135 -28.93 -16.85 27.50
C GLU A 135 -28.94 -18.25 28.13
N THR A 136 -28.10 -18.46 29.14
CA THR A 136 -27.92 -19.79 29.76
C THR A 136 -28.80 -19.99 31.03
N THR A 137 -29.33 -18.87 31.52
CA THR A 137 -30.16 -18.82 32.73
C THR A 137 -31.70 -18.73 32.47
N TYR A 138 -32.15 -18.01 31.43
CA TYR A 138 -33.59 -17.62 31.31
C TYR A 138 -34.69 -18.70 31.20
N VAL A 139 -34.39 -19.85 30.59
CA VAL A 139 -35.40 -20.91 30.52
C VAL A 139 -35.32 -21.99 31.60
N ARG A 140 -34.34 -21.90 32.51
CA ARG A 140 -34.12 -22.86 33.63
C ARG A 140 -34.11 -24.30 33.14
N SER A 141 -33.30 -24.52 32.11
CA SER A 141 -33.19 -25.81 31.47
C SER A 141 -32.33 -26.76 32.32
N GLY A 142 -32.77 -28.02 32.42
CA GLY A 142 -32.01 -29.06 33.12
C GLY A 142 -30.86 -29.69 32.35
N MET A 143 -30.53 -29.11 31.20
CA MET A 143 -29.55 -29.67 30.27
C MET A 143 -28.17 -29.09 30.45
N TYR A 144 -28.09 -27.84 30.90
CA TYR A 144 -26.86 -27.07 31.03
C TYR A 144 -27.01 -26.09 32.21
N LYS A 145 -25.88 -25.77 32.86
CA LYS A 145 -25.84 -24.80 33.97
C LYS A 145 -24.68 -23.87 33.74
N TRP A 146 -24.96 -22.57 33.75
CA TRP A 146 -23.91 -21.55 33.67
C TRP A 146 -23.08 -21.61 34.96
N GLU A 147 -21.76 -21.83 34.79
CA GLU A 147 -20.86 -21.93 35.93
C GLU A 147 -19.82 -20.78 36.00
N GLY A 148 -20.17 -19.61 35.49
CA GLY A 148 -19.36 -18.41 35.67
C GLY A 148 -17.97 -18.51 35.07
N ASP A 149 -17.04 -17.69 35.54
CA ASP A 149 -15.67 -17.61 35.02
C ASP A 149 -14.97 -18.94 34.76
N ALA A 150 -14.38 -19.03 33.57
CA ALA A 150 -13.64 -20.20 33.15
C ALA A 150 -12.31 -20.35 33.91
N TRP A 151 -11.56 -19.26 34.07
CA TRP A 151 -10.30 -19.27 34.85
C TRP A 151 -10.53 -19.97 36.18
N GLY A 152 -11.51 -19.48 36.92
CA GLY A 152 -11.95 -20.14 38.17
C GLY A 152 -12.87 -21.36 38.06
N PHE A 153 -12.82 -22.07 36.94
CA PHE A 153 -13.65 -23.26 36.76
C PHE A 153 -12.80 -24.51 36.85
N ASP A 154 -13.21 -25.41 37.75
CA ASP A 154 -12.49 -26.67 37.99
C ASP A 154 -13.38 -27.90 37.83
N LYS A 155 -14.63 -27.77 38.31
CA LYS A 155 -15.68 -28.79 38.27
C LYS A 155 -15.55 -29.94 37.24
N LYS A 156 -16.04 -31.13 37.62
CA LYS A 156 -15.90 -32.37 36.84
C LYS A 156 -17.01 -32.51 35.82
N GLY A 157 -16.98 -33.57 35.02
CA GLY A 157 -18.04 -33.84 34.06
C GLY A 157 -18.03 -32.96 32.83
N PRO A 158 -19.00 -33.16 31.92
CA PRO A 158 -19.08 -32.40 30.66
C PRO A 158 -19.23 -30.86 30.81
N TYR A 159 -18.39 -30.12 30.09
CA TYR A 159 -18.50 -28.65 30.03
C TYR A 159 -18.39 -28.09 28.60
N ILE A 160 -18.81 -26.83 28.43
CA ILE A 160 -18.71 -26.08 27.16
C ILE A 160 -18.04 -24.76 27.50
N GLU A 161 -17.00 -24.40 26.74
CA GLU A 161 -16.35 -23.13 26.91
C GLU A 161 -16.67 -22.19 25.76
N LEU A 162 -17.07 -20.96 26.13
CA LEU A 162 -17.30 -19.89 25.16
C LEU A 162 -16.05 -19.01 25.07
N VAL A 163 -15.61 -18.78 23.84
CA VAL A 163 -14.41 -18.06 23.52
C VAL A 163 -14.77 -16.95 22.55
N THR A 164 -15.01 -15.74 23.05
CA THR A 164 -15.28 -14.60 22.17
C THR A 164 -13.94 -13.95 21.81
N SER A 165 -13.58 -13.94 20.54
CA SER A 165 -12.35 -13.26 20.15
C SER A 165 -12.53 -12.51 18.83
N PRO A 166 -12.29 -11.19 18.79
CA PRO A 166 -12.02 -10.20 19.85
C PRO A 166 -13.10 -10.23 20.95
N ASN A 167 -12.68 -10.25 22.21
CA ASN A 167 -13.60 -10.37 23.34
C ASN A 167 -14.64 -9.26 23.48
N ASN A 168 -15.69 -9.57 24.25
CA ASN A 168 -16.72 -8.61 24.64
C ASN A 168 -16.76 -8.86 26.12
N PRO A 169 -16.42 -7.84 26.94
CA PRO A 169 -16.22 -6.42 26.67
C PRO A 169 -14.82 -5.90 26.30
N ASP A 170 -13.79 -6.65 26.64
CA ASP A 170 -12.45 -6.05 26.70
C ASP A 170 -11.63 -6.09 25.42
N GLY A 171 -12.19 -6.66 24.34
CA GLY A 171 -11.60 -6.59 22.98
C GLY A 171 -10.33 -7.43 22.76
N THR A 172 -9.93 -8.13 23.81
CA THR A 172 -8.75 -9.01 23.78
C THR A 172 -8.90 -10.19 22.81
N ILE A 173 -7.77 -10.66 22.29
CA ILE A 173 -7.76 -11.82 21.42
C ILE A 173 -7.68 -12.95 22.40
N ARG A 174 -8.55 -13.93 22.25
CA ARG A 174 -8.64 -15.05 23.21
C ARG A 174 -8.41 -16.41 22.57
N GLU A 175 -8.23 -17.37 23.44
CA GLU A 175 -7.99 -18.75 23.12
C GLU A 175 -8.59 -19.40 24.37
N THR A 176 -8.69 -20.72 24.38
CA THR A 176 -9.36 -21.42 25.47
C THR A 176 -8.51 -21.43 26.74
N VAL A 177 -9.12 -21.89 27.84
CA VAL A 177 -8.46 -21.93 29.14
C VAL A 177 -9.14 -22.95 30.07
N VAL A 178 -9.01 -24.24 29.77
CA VAL A 178 -9.39 -25.32 30.71
C VAL A 178 -9.08 -26.70 30.16
N ASP A 184 -10.47 -35.59 25.25
CA ASP A 184 -11.09 -35.17 26.51
C ASP A 184 -12.51 -34.65 26.21
N GLU A 185 -13.57 -35.47 26.24
CA GLU A 185 -14.83 -34.83 25.82
C GLU A 185 -15.67 -33.90 26.64
N ALA A 186 -15.14 -32.68 26.60
CA ALA A 186 -15.86 -31.45 26.74
C ALA A 186 -15.50 -30.59 25.51
N LYS A 187 -16.26 -29.53 25.30
CA LYS A 187 -16.30 -28.92 23.98
C LYS A 187 -16.18 -27.40 24.04
N VAL A 188 -16.21 -26.76 22.88
CA VAL A 188 -15.89 -25.35 22.81
C VAL A 188 -16.65 -24.67 21.68
N ILE A 189 -17.04 -23.41 21.91
CA ILE A 189 -17.72 -22.58 20.94
C ILE A 189 -16.90 -21.29 20.74
N HIS A 190 -16.62 -20.97 19.49
CA HIS A 190 -15.87 -19.79 19.17
C HIS A 190 -16.80 -18.77 18.57
N ASP A 191 -16.76 -17.59 19.16
CA ASP A 191 -17.63 -16.57 18.82
C ASP A 191 -16.78 -15.48 18.23
N PHE A 192 -16.69 -15.44 16.90
CA PHE A 192 -15.78 -14.52 16.21
C PHE A 192 -16.49 -13.37 15.56
N ALA A 193 -17.58 -12.92 16.19
CA ALA A 193 -18.43 -11.85 15.73
C ALA A 193 -17.68 -10.55 15.38
N TYR A 194 -16.63 -10.23 16.14
CA TYR A 194 -15.79 -9.02 15.87
C TYR A 194 -14.44 -9.28 15.19
N TYR A 195 -14.24 -10.49 14.70
CA TYR A 195 -12.99 -10.89 14.09
C TYR A 195 -13.01 -10.50 12.61
N TRP A 196 -13.12 -9.20 12.32
CA TRP A 196 -13.17 -8.59 10.94
C TRP A 196 -12.08 -7.53 10.77
N PRO A 197 -11.58 -7.30 9.54
CA PRO A 197 -10.46 -6.37 9.27
C PRO A 197 -10.61 -4.91 9.73
N HIS A 198 -11.83 -4.39 9.78
CA HIS A 198 -12.07 -3.03 10.31
C HIS A 198 -11.86 -2.92 11.82
N TYR A 199 -11.80 -4.06 12.50
CA TYR A 199 -11.71 -4.08 13.95
C TYR A 199 -10.39 -4.55 14.44
N THR A 200 -9.93 -5.67 13.87
CA THR A 200 -8.71 -6.33 14.31
C THR A 200 -7.97 -6.93 13.12
N PRO A 201 -6.64 -7.03 13.21
CA PRO A 201 -5.94 -7.66 12.11
C PRO A 201 -6.26 -9.14 11.96
N ILE A 202 -6.36 -9.59 10.72
CA ILE A 202 -6.58 -11.01 10.45
C ILE A 202 -5.27 -11.82 10.52
N THR A 203 -4.90 -12.19 11.72
CA THR A 203 -3.67 -12.92 11.95
C THR A 203 -3.77 -14.29 11.33
N ARG A 204 -4.94 -14.92 11.42
CA ARG A 204 -5.11 -16.29 10.91
C ARG A 204 -6.51 -16.67 10.45
N ARG A 205 -6.55 -17.58 9.49
CA ARG A 205 -7.77 -18.06 8.92
C ARG A 205 -8.28 -19.15 9.84
N GLN A 206 -9.33 -18.84 10.58
CA GLN A 206 -9.75 -19.69 11.68
C GLN A 206 -10.35 -20.98 11.19
N ASP A 207 -10.14 -22.02 11.98
CA ASP A 207 -10.52 -23.35 11.61
C ASP A 207 -10.78 -24.14 12.86
N HIS A 208 -11.86 -23.81 13.55
CA HIS A 208 -12.27 -24.50 14.76
C HIS A 208 -13.60 -25.24 14.59
N ASP A 209 -13.97 -26.06 15.56
CA ASP A 209 -15.17 -26.87 15.43
C ASP A 209 -16.48 -26.06 15.24
N ILE A 210 -16.67 -25.04 16.07
CA ILE A 210 -17.87 -24.20 15.93
C ILE A 210 -17.48 -22.74 15.88
N MET A 211 -17.77 -22.07 14.76
CA MET A 211 -17.43 -20.68 14.60
C MET A 211 -18.68 -19.82 14.26
N LEU A 212 -19.00 -18.94 15.21
CA LEU A 212 -20.17 -18.04 15.12
C LEU A 212 -19.88 -16.64 14.57
N PHE A 213 -20.68 -16.19 13.62
CA PHE A 213 -20.54 -14.86 13.07
C PHE A 213 -21.86 -14.12 13.14
N THR A 214 -21.82 -12.79 13.11
CA THR A 214 -23.05 -12.01 13.11
C THR A 214 -23.00 -10.91 12.08
N PHE A 215 -24.12 -10.74 11.38
CA PHE A 215 -24.23 -9.75 10.33
C PHE A 215 -24.18 -8.34 10.91
N SER A 216 -24.94 -8.11 11.98
CA SER A 216 -25.04 -6.82 12.68
C SER A 216 -23.68 -6.12 12.86
N LYS A 217 -22.63 -6.90 13.05
CA LYS A 217 -21.38 -6.34 13.48
C LYS A 217 -20.42 -6.08 12.35
N ILE A 218 -20.59 -6.78 11.25
CA ILE A 218 -19.81 -6.48 10.07
C ILE A 218 -20.27 -5.10 9.60
N THR A 219 -21.52 -5.04 9.11
CA THR A 219 -21.97 -3.83 8.38
C THR A 219 -22.83 -2.82 9.17
N GLY A 220 -23.31 -3.23 10.35
CA GLY A 220 -24.30 -2.45 11.13
C GLY A 220 -25.77 -2.76 10.91
N HIS A 221 -26.09 -3.70 10.06
CA HIS A 221 -27.49 -4.02 9.84
C HIS A 221 -28.04 -4.96 10.95
N ALA A 222 -28.20 -4.40 12.16
CA ALA A 222 -28.63 -5.14 13.36
C ALA A 222 -30.11 -5.57 13.36
N GLY A 223 -30.96 -4.77 12.77
CA GLY A 223 -32.38 -5.10 12.69
C GLY A 223 -32.62 -6.15 11.63
N SER A 224 -31.59 -6.54 10.90
CA SER A 224 -31.83 -7.68 10.00
C SER A 224 -31.89 -9.00 10.75
N ARG A 225 -31.27 -9.06 11.91
CA ARG A 225 -31.30 -10.27 12.71
C ARG A 225 -30.73 -11.53 12.01
N ILE A 226 -29.45 -11.53 11.62
CA ILE A 226 -28.84 -12.64 10.89
C ILE A 226 -27.47 -12.93 11.41
N GLY A 227 -27.19 -14.19 11.78
CA GLY A 227 -25.84 -14.62 12.09
C GLY A 227 -25.66 -15.97 11.48
N TRP A 228 -24.47 -16.55 11.59
CA TRP A 228 -24.25 -17.86 11.01
C TRP A 228 -23.19 -18.58 11.76
N ALA A 229 -23.23 -19.88 11.60
CA ALA A 229 -22.35 -20.77 12.32
C ALA A 229 -21.70 -21.69 11.31
N LEU A 230 -20.39 -21.84 11.46
CA LEU A 230 -19.64 -22.84 10.70
C LEU A 230 -19.37 -23.99 11.67
N VAL A 231 -19.85 -25.19 11.34
CA VAL A 231 -19.82 -26.32 12.30
C VAL A 231 -19.20 -27.50 11.59
N LYS A 232 -18.15 -28.08 12.19
CA LYS A 232 -17.49 -29.23 11.59
C LYS A 232 -18.28 -30.51 11.81
N ASP A 233 -18.65 -30.77 13.07
CA ASP A 233 -19.29 -32.01 13.47
C ASP A 233 -20.69 -32.02 12.90
N LYS A 234 -20.92 -33.04 12.08
CA LYS A 234 -22.16 -33.23 11.32
C LYS A 234 -23.36 -33.28 12.26
N GLU A 235 -23.14 -33.91 13.41
CA GLU A 235 -24.19 -34.23 14.32
C GLU A 235 -24.53 -33.01 15.13
N VAL A 236 -23.55 -32.14 15.35
CA VAL A 236 -23.84 -30.89 16.04
C VAL A 236 -24.65 -29.95 15.13
N ALA A 237 -24.28 -29.88 13.86
CA ALA A 237 -25.04 -29.10 12.91
C ALA A 237 -26.50 -29.55 12.93
N LYS A 238 -26.77 -30.86 12.96
CA LYS A 238 -28.13 -31.41 12.90
C LYS A 238 -29.00 -30.98 14.06
N LYS A 239 -28.41 -30.96 15.24
CA LYS A 239 -29.12 -30.61 16.44
C LYS A 239 -29.31 -29.08 16.55
N MET A 240 -28.30 -28.29 16.20
CA MET A 240 -28.55 -26.87 16.14
C MET A 240 -29.75 -26.62 15.27
N VAL A 241 -29.82 -27.32 14.16
CA VAL A 241 -30.92 -27.12 13.23
C VAL A 241 -32.23 -27.51 13.92
N GLU A 242 -32.27 -28.66 14.56
CA GLU A 242 -33.51 -29.04 15.14
C GLU A 242 -33.95 -28.01 16.12
N TYR A 243 -33.02 -27.48 16.90
CA TYR A 243 -33.35 -26.49 17.91
C TYR A 243 -34.08 -25.35 17.29
N ILE A 244 -33.58 -24.88 16.15
CA ILE A 244 -34.05 -23.66 15.53
C ILE A 244 -35.41 -23.90 14.95
N ILE A 245 -35.60 -25.06 14.32
CA ILE A 245 -36.89 -25.48 13.80
C ILE A 245 -38.00 -25.47 14.87
N VAL A 246 -37.69 -25.99 16.07
CA VAL A 246 -38.67 -25.97 17.15
C VAL A 246 -38.83 -24.56 17.72
N ASN A 247 -37.78 -23.78 17.61
CA ASN A 247 -37.73 -22.45 18.21
C ASN A 247 -38.48 -21.39 17.41
N SER A 248 -38.34 -21.42 16.10
CA SER A 248 -38.90 -20.37 15.26
C SER A 248 -39.22 -20.82 13.85
N ILE A 249 -39.18 -22.14 13.61
CA ILE A 249 -39.20 -22.76 12.29
C ILE A 249 -38.25 -21.97 11.38
N GLY A 250 -36.98 -21.86 11.69
CA GLY A 250 -36.03 -21.19 10.80
C GLY A 250 -35.92 -19.69 10.97
N VAL A 251 -35.56 -18.99 9.86
CA VAL A 251 -35.12 -17.59 9.86
C VAL A 251 -35.73 -16.79 8.66
N SER A 252 -36.03 -15.53 8.89
CA SER A 252 -36.77 -14.73 7.94
C SER A 252 -36.17 -14.87 6.55
N LYS A 253 -36.94 -15.34 5.61
CA LYS A 253 -36.38 -15.44 4.26
C LYS A 253 -35.83 -14.09 3.79
N GLU A 254 -36.65 -13.04 3.92
CA GLU A 254 -36.32 -11.70 3.34
C GLU A 254 -35.10 -11.05 3.99
N SER A 255 -34.91 -11.38 5.27
CA SER A 255 -33.73 -11.06 6.03
C SER A 255 -32.54 -11.68 5.31
N GLN A 256 -32.68 -12.95 4.91
CA GLN A 256 -31.60 -13.72 4.28
C GLN A 256 -31.21 -13.24 2.87
N VAL A 257 -32.22 -12.94 2.08
CA VAL A 257 -32.08 -12.32 0.74
C VAL A 257 -31.46 -10.92 0.80
N ARG A 258 -31.70 -10.22 1.89
CA ARG A 258 -31.18 -8.90 2.06
C ARG A 258 -29.78 -8.90 2.53
N THR A 259 -29.49 -9.74 3.52
CA THR A 259 -28.14 -9.95 3.95
C THR A 259 -27.21 -10.37 2.77
N ALA A 260 -27.65 -11.32 1.96
CA ALA A 260 -26.98 -11.67 0.71
C ALA A 260 -26.59 -10.46 -0.13
N LYS A 261 -27.50 -9.54 -0.40
CA LYS A 261 -27.25 -8.40 -1.29
C LYS A 261 -26.21 -7.52 -0.67
N ILE A 262 -26.39 -7.19 0.61
CA ILE A 262 -25.47 -6.27 1.27
C ILE A 262 -24.08 -6.92 1.32
N LEU A 263 -24.08 -8.20 1.66
CA LEU A 263 -22.82 -8.93 1.83
C LEU A 263 -22.08 -9.04 0.48
N ASN A 264 -22.84 -9.12 -0.60
CA ASN A 264 -22.29 -9.21 -1.94
C ASN A 264 -21.70 -7.87 -2.33
N VAL A 265 -22.50 -6.79 -2.19
CA VAL A 265 -21.98 -5.41 -2.29
C VAL A 265 -20.69 -5.21 -1.47
N LEU A 266 -20.66 -5.62 -0.20
CA LEU A 266 -19.44 -5.50 0.60
C LEU A 266 -18.25 -6.21 -0.06
N LYS A 267 -18.52 -7.33 -0.71
CA LYS A 267 -17.47 -8.10 -1.34
C LYS A 267 -16.97 -7.38 -2.60
N GLU A 268 -17.85 -6.80 -3.40
CA GLU A 268 -17.41 -6.04 -4.57
C GLU A 268 -16.62 -4.81 -4.15
N THR A 269 -16.81 -4.42 -2.89
CA THR A 269 -16.29 -3.19 -2.36
C THR A 269 -14.82 -3.38 -2.07
N CYS A 270 -14.44 -4.63 -1.81
CA CYS A 270 -13.06 -4.97 -1.44
C CYS A 270 -12.07 -4.77 -2.57
N LYS A 271 -12.54 -4.88 -3.81
CA LYS A 271 -11.71 -4.70 -5.00
C LYS A 271 -11.64 -3.22 -5.43
N SER A 272 -11.70 -2.31 -4.44
CA SER A 272 -11.66 -0.88 -4.68
C SER A 272 -10.58 -0.17 -3.86
N GLU A 273 -9.97 0.83 -4.47
CA GLU A 273 -8.92 1.61 -3.83
C GLU A 273 -9.49 2.74 -2.98
N SER A 274 -10.68 3.22 -3.37
CA SER A 274 -11.34 4.32 -2.69
C SER A 274 -11.39 4.06 -1.20
N GLU A 275 -10.80 4.94 -0.40
CA GLU A 275 -10.92 4.82 1.06
C GLU A 275 -12.29 5.28 1.59
N SER A 276 -13.26 5.44 0.67
CA SER A 276 -14.65 5.75 1.00
C SER A 276 -15.66 4.74 0.39
N GLU A 277 -15.23 4.03 -0.66
CA GLU A 277 -15.97 2.87 -1.18
C GLU A 277 -15.62 1.59 -0.45
N ASN A 278 -14.33 1.23 -0.37
CA ASN A 278 -13.89 -0.02 0.28
C ASN A 278 -14.31 -0.12 1.76
N PHE A 279 -15.42 -0.84 2.04
CA PHE A 279 -15.97 -0.94 3.39
C PHE A 279 -14.93 -1.15 4.46
N PHE A 280 -14.05 -2.15 4.29
CA PHE A 280 -13.06 -2.44 5.34
C PHE A 280 -12.02 -1.35 5.53
N LYS A 281 -11.72 -0.57 4.49
CA LYS A 281 -10.84 0.58 4.70
C LYS A 281 -11.62 1.82 5.12
N TYR A 282 -12.88 1.89 4.79
CA TYR A 282 -13.73 2.87 5.43
C TYR A 282 -13.94 2.54 6.95
N GLY A 283 -14.29 1.29 7.25
CA GLY A 283 -14.63 0.95 8.63
C GLY A 283 -13.48 1.15 9.57
N ARG A 284 -12.32 0.72 9.09
CA ARG A 284 -11.09 0.76 9.85
C ARG A 284 -10.58 2.17 10.15
N GLU A 285 -10.62 3.04 9.14
CA GLU A 285 -10.23 4.42 9.33
C GLU A 285 -11.10 5.08 10.40
N MET A 286 -12.41 4.88 10.30
CA MET A 286 -13.40 5.35 11.28
C MET A 286 -13.13 4.95 12.71
N MET A 287 -12.71 3.70 12.88
CA MET A 287 -12.45 3.13 14.22
C MET A 287 -11.17 3.66 14.77
N LYS A 288 -10.25 3.96 13.86
CA LYS A 288 -8.92 4.49 14.18
C LYS A 288 -9.12 5.92 14.60
N ASN A 289 -9.87 6.64 13.79
CA ASN A 289 -10.18 8.01 14.15
C ASN A 289 -10.92 8.09 15.47
N ARG A 290 -11.90 7.23 15.68
CA ARG A 290 -12.61 7.22 16.92
C ARG A 290 -11.73 6.83 18.09
N TRP A 291 -10.85 5.86 17.93
CA TRP A 291 -10.05 5.42 19.09
C TRP A 291 -8.94 6.39 19.43
N GLU A 292 -8.38 7.04 18.42
CA GLU A 292 -7.33 8.03 18.68
C GLU A 292 -7.86 9.23 19.44
N LYS A 293 -9.08 9.66 19.11
CA LYS A 293 -9.82 10.68 19.89
C LYS A 293 -10.07 10.24 21.34
N LEU A 294 -10.79 9.14 21.55
CA LEU A 294 -11.01 8.63 22.91
C LEU A 294 -9.71 8.57 23.70
N ARG A 295 -8.64 8.18 23.02
CA ARG A 295 -7.32 7.98 23.59
C ARG A 295 -6.68 9.28 24.15
N GLU A 296 -6.81 10.38 23.40
CA GLU A 296 -6.41 11.71 23.88
C GLU A 296 -7.11 11.90 25.22
N VAL A 297 -8.45 12.02 25.14
CA VAL A 297 -9.28 12.26 26.31
C VAL A 297 -8.80 11.47 27.52
N VAL A 298 -8.68 10.17 27.39
CA VAL A 298 -8.27 9.33 28.53
C VAL A 298 -6.90 9.72 29.05
N LYS A 299 -5.99 10.07 28.14
CA LYS A 299 -4.62 10.37 28.55
C LYS A 299 -4.58 11.60 29.42
N GLU A 300 -5.07 12.73 28.89
CA GLU A 300 -5.15 13.97 29.67
C GLU A 300 -6.21 13.94 30.78
N SER A 301 -6.42 12.75 31.36
CA SER A 301 -7.32 12.53 32.50
C SER A 301 -6.68 11.68 33.61
N ASP A 302 -7.13 11.92 34.84
CA ASP A 302 -6.45 11.43 36.05
C ASP A 302 -7.02 10.13 36.64
N ALA A 303 -8.22 9.73 36.21
CA ALA A 303 -8.87 8.51 36.77
C ALA A 303 -8.87 7.31 35.81
N PHE A 304 -9.09 7.60 34.52
CA PHE A 304 -9.42 6.56 33.53
C PHE A 304 -8.26 5.76 32.97
N THR A 305 -8.58 4.55 32.51
CA THR A 305 -7.66 3.61 31.88
C THR A 305 -8.38 2.80 30.77
N LEU A 306 -7.85 2.85 29.54
CA LEU A 306 -8.22 1.96 28.45
C LEU A 306 -7.22 0.82 28.39
N PRO A 307 -7.62 -0.34 27.83
CA PRO A 307 -6.68 -1.45 27.63
C PRO A 307 -5.65 -1.21 26.52
N LYS A 308 -4.56 -1.97 26.58
CA LYS A 308 -3.46 -1.90 25.62
C LYS A 308 -3.59 -3.03 24.57
N TYR A 309 -3.58 -2.67 23.28
CA TYR A 309 -3.75 -3.64 22.16
C TYR A 309 -2.50 -3.91 21.29
N PRO A 310 -1.91 -5.13 21.44
CA PRO A 310 -0.74 -5.53 20.63
C PRO A 310 -0.92 -5.23 19.16
N GLU A 311 0.16 -4.83 18.49
CA GLU A 311 0.17 -4.75 17.03
C GLU A 311 0.42 -6.16 16.46
N ALA A 312 -0.12 -6.41 15.28
CA ALA A 312 -0.08 -7.76 14.69
C ALA A 312 -0.27 -7.60 13.22
N PHE A 313 0.29 -8.53 12.45
CA PHE A 313 0.24 -8.53 10.99
C PHE A 313 -1.12 -8.96 10.49
N CYS A 314 -1.58 -8.30 9.42
CA CYS A 314 -2.87 -8.57 8.88
C CYS A 314 -2.79 -9.17 7.52
N ASN A 315 -3.23 -10.41 7.40
CA ASN A 315 -3.16 -11.11 6.13
C ASN A 315 -4.04 -10.50 5.05
N TYR A 316 -5.15 -9.92 5.49
CA TYR A 316 -6.09 -9.30 4.61
C TYR A 316 -5.51 -8.02 4.03
N PHE A 317 -5.10 -7.09 4.90
CA PHE A 317 -4.56 -5.80 4.51
C PHE A 317 -3.08 -5.85 4.02
N GLY A 318 -2.32 -6.81 4.53
CA GLY A 318 -0.98 -7.04 4.03
C GLY A 318 -0.03 -6.05 4.64
N LYS A 319 -0.30 -5.68 5.90
CA LYS A 319 0.43 -4.67 6.67
C LYS A 319 0.34 -5.07 8.13
N SER A 320 1.20 -4.47 8.97
CA SER A 320 1.16 -4.67 10.40
C SER A 320 0.41 -3.48 11.02
N LEU A 321 -0.74 -3.74 11.66
CA LEU A 321 -1.54 -2.67 12.30
C LEU A 321 -2.22 -2.99 13.63
N GLU A 322 -2.86 -1.98 14.22
CA GLU A 322 -3.44 -2.06 15.59
C GLU A 322 -4.91 -2.53 15.63
N SER A 323 -5.34 -3.10 16.74
CA SER A 323 -6.75 -3.45 16.96
C SER A 323 -7.59 -2.27 17.47
N TYR A 324 -8.75 -2.04 16.83
CA TYR A 324 -9.69 -0.99 17.25
C TYR A 324 -11.09 -1.50 17.53
N PRO A 325 -11.26 -2.11 18.69
CA PRO A 325 -12.48 -2.82 19.08
C PRO A 325 -13.79 -1.99 19.05
N ALA A 326 -14.87 -2.66 18.78
CA ALA A 326 -16.19 -2.09 18.78
C ALA A 326 -16.64 -1.56 20.14
N PHE A 327 -15.97 -2.00 21.22
CA PHE A 327 -16.24 -1.61 22.60
C PHE A 327 -15.01 -1.09 23.31
N ALA A 328 -15.20 -0.03 24.12
CA ALA A 328 -14.15 0.51 24.96
C ALA A 328 -14.36 0.00 26.40
N TRP A 329 -13.40 -0.74 26.91
CA TRP A 329 -13.48 -1.22 28.27
C TRP A 329 -12.92 -0.08 29.12
N LEU A 330 -13.80 0.76 29.67
CA LEU A 330 -13.36 1.98 30.32
C LEU A 330 -13.14 1.68 31.78
N GLY A 331 -11.96 2.05 32.26
CA GLY A 331 -11.54 1.71 33.60
C GLY A 331 -11.40 2.95 34.45
N THR A 332 -11.46 2.76 35.77
CA THR A 332 -11.15 3.81 36.76
C THR A 332 -10.12 3.31 37.77
N LYS A 333 -9.19 4.22 38.10
CA LYS A 333 -8.14 3.93 39.07
C LYS A 333 -8.63 4.11 40.49
N GLU A 334 -9.64 4.98 40.64
CA GLU A 334 -10.16 5.33 41.95
C GLU A 334 -11.46 4.60 42.29
N GLU A 335 -11.68 4.39 43.60
CA GLU A 335 -12.81 3.61 44.16
C GLU A 335 -14.17 4.20 43.85
N THR A 336 -14.37 4.57 42.58
CA THR A 336 -15.65 5.03 42.12
C THR A 336 -16.46 3.81 41.70
N ASP A 337 -17.75 4.02 41.52
CA ASP A 337 -18.66 3.02 40.96
C ASP A 337 -19.04 3.52 39.56
N LEU A 338 -18.10 3.32 38.64
CA LEU A 338 -18.03 4.02 37.36
C LEU A 338 -19.28 4.06 36.48
N VAL A 339 -20.14 3.02 36.56
CA VAL A 339 -21.37 3.02 35.74
C VAL A 339 -22.35 4.10 36.22
N SER A 340 -22.43 4.24 37.55
CA SER A 340 -23.26 5.23 38.24
C SER A 340 -22.80 6.66 37.97
N GLU A 341 -21.49 6.92 38.05
CA GLU A 341 -20.97 8.26 37.75
C GLU A 341 -21.37 8.75 36.36
N LEU A 342 -21.33 7.84 35.39
CA LEU A 342 -21.58 8.16 34.01
C LEU A 342 -23.07 8.36 33.79
N ARG A 343 -23.88 7.63 34.56
CA ARG A 343 -25.33 7.84 34.51
C ARG A 343 -25.57 9.27 34.96
N ARG A 344 -24.95 9.65 36.08
CA ARG A 344 -24.96 11.02 36.59
C ARG A 344 -24.56 12.15 35.62
N HIS A 345 -23.76 11.82 34.60
CA HIS A 345 -23.41 12.81 33.56
C HIS A 345 -24.14 12.56 32.26
N LYS A 346 -25.13 11.67 32.37
CA LYS A 346 -26.06 11.35 31.29
C LYS A 346 -25.42 10.53 30.17
N VAL A 347 -24.59 9.57 30.61
CA VAL A 347 -23.92 8.65 29.70
C VAL A 347 -24.17 7.19 30.15
N MET A 348 -25.09 6.48 29.46
CA MET A 348 -25.35 5.05 29.75
C MET A 348 -24.21 4.21 29.21
N SER A 349 -23.72 3.32 30.06
CA SER A 349 -22.66 2.34 29.77
C SER A 349 -23.11 0.97 30.32
N ARG A 350 -22.36 -0.09 30.03
CA ARG A 350 -22.70 -1.41 30.55
C ARG A 350 -21.86 -1.71 31.78
N ALA A 351 -22.54 -1.89 32.88
CA ALA A 351 -21.89 -2.12 34.16
C ALA A 351 -20.89 -3.29 34.08
N GLY A 352 -19.69 -3.02 34.56
CA GLY A 352 -18.63 -4.00 34.62
C GLY A 352 -19.05 -5.26 35.35
N GLU A 353 -19.80 -5.11 36.46
CA GLU A 353 -20.28 -6.27 37.26
C GLU A 353 -21.07 -7.23 36.41
N ARG A 354 -21.80 -6.68 35.44
CA ARG A 354 -22.57 -7.51 34.53
C ARG A 354 -21.65 -8.51 33.78
N CYS A 355 -20.43 -8.07 33.45
CA CYS A 355 -19.45 -8.82 32.65
C CYS A 355 -18.42 -9.60 33.47
N GLY A 356 -18.75 -9.97 34.71
CA GLY A 356 -17.77 -10.63 35.57
C GLY A 356 -16.54 -9.78 35.92
N SER A 357 -16.69 -8.46 35.84
CA SER A 357 -15.66 -7.54 36.28
C SER A 357 -16.09 -6.87 37.58
N ASP A 358 -15.63 -5.66 37.81
CA ASP A 358 -15.79 -4.99 39.09
C ASP A 358 -16.34 -3.61 38.80
N LYS A 359 -16.72 -2.90 39.87
CA LYS A 359 -17.40 -1.59 39.76
C LYS A 359 -16.59 -0.52 39.03
N LYS A 360 -15.28 -0.74 38.95
CA LYS A 360 -14.35 0.21 38.30
C LYS A 360 -14.32 0.19 36.76
N HIS A 361 -15.03 -0.80 36.16
CA HIS A 361 -15.07 -0.95 34.71
C HIS A 361 -16.44 -0.77 34.05
N VAL A 362 -16.40 -0.20 32.86
CA VAL A 362 -17.57 -0.11 32.00
C VAL A 362 -17.23 -0.48 30.55
N ARG A 363 -18.23 -0.96 29.82
CA ARG A 363 -18.08 -1.24 28.42
C ARG A 363 -18.88 -0.17 27.79
N VAL A 364 -18.26 0.59 26.90
CA VAL A 364 -18.99 1.62 26.22
C VAL A 364 -18.95 1.32 24.73
N SER A 365 -20.07 1.48 24.04
CA SER A 365 -20.12 1.13 22.65
C SER A 365 -19.34 2.18 21.87
N MET A 366 -18.53 1.74 20.90
CA MET A 366 -17.80 2.67 19.99
C MET A 366 -18.42 2.77 18.62
N LEU A 367 -19.60 2.15 18.43
CA LEU A 367 -20.26 2.16 17.12
C LEU A 367 -21.54 3.01 17.02
N SER A 368 -21.63 4.08 17.79
CA SER A 368 -22.79 4.96 17.75
C SER A 368 -22.57 5.95 16.63
N ARG A 369 -23.49 6.88 16.47
CA ARG A 369 -23.32 7.92 15.46
C ARG A 369 -22.22 8.90 15.89
N GLU A 370 -21.66 9.63 14.94
CA GLU A 370 -20.66 10.67 15.20
C GLU A 370 -21.04 11.56 16.37
N ASP A 371 -22.18 12.24 16.25
CA ASP A 371 -22.55 13.27 17.21
C ASP A 371 -22.69 12.73 18.62
N VAL A 372 -23.34 11.58 18.77
CA VAL A 372 -23.41 10.86 20.07
C VAL A 372 -22.05 10.58 20.63
N PHE A 373 -21.17 9.98 19.80
CA PHE A 373 -19.76 9.72 20.20
C PHE A 373 -19.02 10.98 20.67
N ASN A 374 -19.09 12.04 19.86
CA ASN A 374 -18.55 13.34 20.27
C ASN A 374 -19.14 13.80 21.62
N VAL A 375 -20.47 13.96 21.68
CA VAL A 375 -21.10 14.28 22.94
C VAL A 375 -20.55 13.40 24.07
N PHE A 376 -20.31 12.14 23.79
CA PHE A 376 -19.74 11.26 24.82
C PHE A 376 -18.31 11.66 25.26
N LEU A 377 -17.49 12.08 24.31
CA LEU A 377 -16.12 12.52 24.61
C LEU A 377 -16.16 13.80 25.40
N GLU A 378 -16.98 14.73 24.91
CA GLU A 378 -17.22 15.99 25.61
C GLU A 378 -17.52 15.76 27.10
N ARG A 379 -18.50 14.92 27.41
CA ARG A 379 -18.86 14.66 28.81
C ARG A 379 -17.81 13.90 29.60
N LEU A 380 -16.93 13.20 28.90
CA LEU A 380 -15.85 12.43 29.53
C LEU A 380 -14.74 13.34 30.01
N ALA A 381 -14.53 14.44 29.27
CA ALA A 381 -13.61 15.50 29.66
C ALA A 381 -14.18 16.31 30.83
N ASN A 382 -15.42 16.80 30.67
CA ASN A 382 -16.11 17.64 31.67
C ASN A 382 -16.56 16.95 32.94
N MET A 383 -15.70 16.11 33.54
CA MET A 383 -15.94 15.59 34.90
C MET A 383 -14.67 15.26 35.65
N LYS A 384 -14.74 15.39 36.97
CA LYS A 384 -13.71 14.94 37.93
C LYS A 384 -13.67 13.39 38.07
N ASN B 17 -38.94 -38.15 -17.11
CA ASN B 17 -39.32 -39.56 -17.41
C ASN B 17 -39.93 -40.33 -16.26
N ILE B 18 -39.74 -39.83 -15.04
CA ILE B 18 -40.25 -40.48 -13.82
C ILE B 18 -41.77 -40.51 -13.82
N PRO B 19 -42.36 -41.70 -13.71
CA PRO B 19 -43.82 -41.76 -13.65
C PRO B 19 -44.37 -41.00 -12.44
N MET B 20 -45.54 -40.40 -12.61
CA MET B 20 -46.22 -39.70 -11.52
C MET B 20 -46.64 -40.63 -10.37
N SER B 21 -46.49 -41.93 -10.56
CA SER B 21 -46.69 -42.91 -9.48
C SER B 21 -45.55 -42.92 -8.44
N ASP B 22 -44.48 -42.19 -8.75
CA ASP B 22 -43.30 -42.09 -7.88
C ASP B 22 -43.22 -40.74 -7.16
N PHE B 23 -43.99 -39.77 -7.65
CA PHE B 23 -44.15 -38.43 -7.05
C PHE B 23 -44.65 -38.56 -5.65
N VAL B 24 -43.89 -38.05 -4.68
CA VAL B 24 -44.37 -38.03 -3.30
C VAL B 24 -45.24 -36.79 -3.07
N VAL B 25 -46.40 -37.03 -2.47
CA VAL B 25 -47.40 -36.04 -2.06
C VAL B 25 -47.18 -35.86 -0.57
N ASN B 26 -46.58 -34.75 -0.22
CA ASN B 26 -46.31 -34.39 1.17
C ASN B 26 -47.37 -33.44 1.69
N LEU B 27 -48.35 -34.02 2.37
CA LEU B 27 -49.41 -33.31 3.09
C LEU B 27 -49.19 -33.42 4.63
N ASP B 28 -47.93 -33.64 5.01
CA ASP B 28 -47.59 -33.72 6.45
C ASP B 28 -47.40 -32.32 7.11
N HIS B 29 -46.53 -31.52 6.54
CA HIS B 29 -46.28 -30.16 7.01
C HIS B 29 -47.40 -29.31 6.45
N GLY B 30 -47.71 -28.17 7.03
CA GLY B 30 -48.83 -27.39 6.46
C GLY B 30 -48.35 -26.23 5.58
N ASP B 31 -47.33 -26.45 4.75
CA ASP B 31 -46.73 -25.37 3.92
C ASP B 31 -47.84 -24.78 3.00
N PRO B 32 -48.26 -23.51 3.25
CA PRO B 32 -49.45 -23.00 2.57
C PRO B 32 -49.14 -22.51 1.13
N THR B 33 -48.64 -23.37 0.26
CA THR B 33 -48.34 -22.93 -1.12
C THR B 33 -49.55 -22.72 -2.01
N ALA B 34 -50.73 -23.08 -1.52
CA ALA B 34 -51.99 -22.84 -2.24
C ALA B 34 -52.15 -21.40 -2.72
N TYR B 35 -51.59 -20.45 -1.98
CA TYR B 35 -51.81 -19.02 -2.20
C TYR B 35 -50.83 -18.24 -3.10
N GLU B 36 -49.83 -18.90 -3.68
CA GLU B 36 -48.84 -18.24 -4.49
C GLU B 36 -49.39 -17.64 -5.78
N GLU B 37 -50.14 -18.44 -6.52
CA GLU B 37 -50.77 -17.96 -7.77
C GLU B 37 -51.49 -16.66 -7.54
N TYR B 38 -52.36 -16.61 -6.53
CA TYR B 38 -53.05 -15.40 -6.13
C TYR B 38 -52.13 -14.20 -5.97
N TRP B 39 -51.09 -14.33 -5.13
CA TRP B 39 -50.19 -13.19 -4.91
C TRP B 39 -49.38 -12.78 -6.12
N ARG B 40 -49.12 -13.73 -7.00
CA ARG B 40 -48.44 -13.43 -8.27
C ARG B 40 -49.29 -12.52 -9.15
N LYS B 41 -50.58 -12.85 -9.27
CA LYS B 41 -51.48 -12.10 -10.14
C LYS B 41 -51.79 -10.69 -9.62
N MET B 42 -51.31 -10.38 -8.42
CA MET B 42 -51.51 -9.09 -7.76
C MET B 42 -50.46 -8.12 -8.22
N GLY B 43 -49.38 -8.67 -8.76
CA GLY B 43 -48.32 -7.91 -9.37
C GLY B 43 -47.63 -6.96 -8.43
N ASP B 44 -47.25 -5.81 -8.96
CA ASP B 44 -46.27 -4.91 -8.36
C ASP B 44 -46.75 -4.16 -7.14
N ARG B 45 -48.06 -4.03 -7.01
CA ARG B 45 -48.65 -3.31 -5.88
C ARG B 45 -48.20 -3.90 -4.55
N CYS B 46 -47.83 -5.18 -4.59
CA CYS B 46 -47.31 -5.93 -3.46
C CYS B 46 -45.82 -5.73 -3.20
N THR B 47 -45.05 -5.42 -4.25
CA THR B 47 -43.60 -5.29 -4.12
C THR B 47 -43.17 -4.47 -2.91
N VAL B 48 -42.02 -4.84 -2.35
CA VAL B 48 -41.42 -4.24 -1.18
C VAL B 48 -39.98 -3.82 -1.55
N THR B 49 -39.60 -2.58 -1.24
CA THR B 49 -38.34 -2.05 -1.65
C THR B 49 -37.65 -1.54 -0.41
N ILE B 50 -36.40 -1.98 -0.21
CA ILE B 50 -35.65 -1.72 1.02
C ILE B 50 -34.26 -1.34 0.63
N ARG B 51 -33.86 -0.17 1.09
CA ARG B 51 -32.65 0.47 0.64
C ARG B 51 -31.51 0.21 1.60
N GLY B 52 -30.30 0.24 1.08
CA GLY B 52 -29.12 -0.10 1.88
C GLY B 52 -29.06 0.41 3.31
N CYS B 53 -29.63 1.59 3.57
CA CYS B 53 -29.51 2.17 4.92
C CYS B 53 -30.78 2.06 5.82
N ASP B 54 -31.76 1.29 5.40
CA ASP B 54 -33.02 1.14 6.12
C ASP B 54 -32.87 0.04 7.15
N LEU B 55 -33.69 0.08 8.19
CA LEU B 55 -33.90 -0.98 9.20
C LEU B 55 -32.64 -1.46 9.89
N MET B 56 -31.65 -0.58 9.99
CA MET B 56 -30.34 -0.93 10.52
C MET B 56 -30.30 -1.11 12.03
N SER B 57 -31.03 -0.30 12.79
CA SER B 57 -31.00 -0.36 14.26
C SER B 57 -31.72 -1.59 14.86
N TYR B 58 -31.27 -2.06 16.03
CA TYR B 58 -31.99 -3.04 16.83
C TYR B 58 -33.42 -2.59 17.23
N PHE B 59 -33.60 -1.28 17.44
CA PHE B 59 -34.84 -0.75 17.96
C PHE B 59 -35.79 -0.25 16.88
N SER B 60 -37.09 -0.45 17.10
CA SER B 60 -38.14 0.10 16.22
C SER B 60 -38.78 1.34 16.84
N ASP B 61 -38.99 1.30 18.17
CA ASP B 61 -39.87 2.27 18.88
C ASP B 61 -39.78 2.13 20.38
N MET B 62 -38.96 2.98 21.00
CA MET B 62 -38.63 2.85 22.41
C MET B 62 -39.81 3.23 23.36
N THR B 63 -40.85 3.83 22.78
CA THR B 63 -42.15 4.12 23.40
C THR B 63 -43.01 2.88 23.72
N ASN B 64 -43.10 1.94 22.75
CA ASN B 64 -43.89 0.72 22.84
C ASN B 64 -43.28 -0.22 23.81
N LEU B 65 -44.13 -0.99 24.48
CA LEU B 65 -43.66 -2.08 25.30
C LEU B 65 -42.82 -3.06 24.44
N CYS B 66 -43.33 -3.40 23.25
CA CYS B 66 -42.53 -4.27 22.40
C CYS B 66 -41.75 -3.34 21.50
N TRP B 67 -40.55 -2.98 21.91
CA TRP B 67 -39.78 -1.97 21.19
C TRP B 67 -39.19 -2.46 19.91
N PHE B 68 -39.46 -3.71 19.56
CA PHE B 68 -38.88 -4.20 18.35
C PHE B 68 -39.93 -4.32 17.29
N LEU B 69 -41.10 -3.72 17.56
CA LEU B 69 -42.25 -3.80 16.68
C LEU B 69 -42.31 -2.56 15.84
N GLU B 70 -42.40 -2.77 14.54
CA GLU B 70 -42.37 -1.69 13.57
C GLU B 70 -43.77 -1.02 13.55
N PRO B 71 -43.84 0.32 13.68
CA PRO B 71 -45.16 0.94 13.67
C PRO B 71 -45.97 0.61 12.43
N GLU B 72 -45.32 0.49 11.29
CA GLU B 72 -46.05 0.19 10.06
C GLU B 72 -46.84 -1.11 10.23
N LEU B 73 -46.26 -2.05 10.97
CA LEU B 73 -46.82 -3.36 11.18
C LEU B 73 -47.85 -3.42 12.30
N GLU B 74 -47.60 -2.76 13.44
CA GLU B 74 -48.66 -2.50 14.44
C GLU B 74 -49.96 -1.97 13.79
N ASP B 75 -49.82 -0.96 12.94
CA ASP B 75 -50.96 -0.33 12.24
C ASP B 75 -51.68 -1.35 11.41
N ALA B 76 -50.93 -2.18 10.69
CA ALA B 76 -51.48 -3.18 9.80
C ALA B 76 -52.27 -4.24 10.56
N ILE B 77 -51.67 -4.77 11.62
CA ILE B 77 -52.31 -5.78 12.43
C ILE B 77 -53.68 -5.24 12.86
N LYS B 78 -53.66 -4.04 13.46
CA LYS B 78 -54.78 -3.39 14.15
C LYS B 78 -55.90 -3.05 13.20
N ASP B 79 -55.49 -2.46 12.08
CA ASP B 79 -56.35 -2.28 10.95
C ASP B 79 -57.04 -3.57 10.52
N LEU B 80 -56.26 -4.63 10.29
CA LEU B 80 -56.80 -5.89 9.76
C LEU B 80 -57.85 -6.53 10.67
N HIS B 81 -57.54 -6.63 11.95
CA HIS B 81 -58.52 -7.01 12.94
C HIS B 81 -59.69 -6.00 12.95
N GLY B 82 -59.39 -4.70 12.85
CA GLY B 82 -60.45 -3.71 12.82
C GLY B 82 -61.47 -4.13 11.78
N VAL B 83 -61.00 -4.50 10.60
CA VAL B 83 -61.89 -4.75 9.47
C VAL B 83 -62.54 -6.11 9.49
N VAL B 84 -61.76 -7.14 9.78
CA VAL B 84 -62.31 -8.48 9.77
C VAL B 84 -63.20 -8.64 10.98
N GLY B 85 -62.75 -8.13 12.11
CA GLY B 85 -63.59 -8.08 13.29
C GLY B 85 -63.51 -9.33 14.13
N ASN B 86 -62.41 -10.09 13.95
CA ASN B 86 -62.21 -11.36 14.69
C ASN B 86 -61.61 -11.27 16.07
N ALA B 87 -60.90 -10.20 16.39
CA ALA B 87 -60.31 -10.07 17.71
C ALA B 87 -60.29 -8.62 18.17
N ALA B 88 -60.37 -8.43 19.49
CA ALA B 88 -60.29 -7.10 20.10
C ALA B 88 -58.85 -6.70 20.21
N THR B 89 -58.52 -5.49 19.79
CA THR B 89 -57.14 -4.99 19.91
C THR B 89 -57.04 -3.85 20.89
N GLU B 90 -58.18 -3.28 21.29
CA GLU B 90 -58.16 -2.13 22.18
C GLU B 90 -57.62 -2.47 23.57
N ASP B 91 -56.95 -1.50 24.19
CA ASP B 91 -56.42 -1.58 25.55
C ASP B 91 -55.68 -2.86 25.82
N ARG B 92 -54.69 -3.14 24.96
CA ARG B 92 -53.85 -4.30 25.12
C ARG B 92 -52.57 -4.11 24.33
N TYR B 93 -51.61 -5.00 24.57
CA TYR B 93 -50.29 -4.90 23.95
C TYR B 93 -50.20 -5.88 22.82
N ILE B 94 -49.34 -5.54 21.88
CA ILE B 94 -49.06 -6.37 20.72
C ILE B 94 -47.59 -6.68 20.76
N VAL B 95 -47.33 -7.99 20.77
CA VAL B 95 -45.99 -8.54 20.81
C VAL B 95 -45.84 -9.27 19.50
N VAL B 96 -44.94 -8.77 18.66
CA VAL B 96 -44.51 -9.45 17.47
C VAL B 96 -43.50 -10.57 17.78
N GLY B 97 -43.59 -11.65 17.02
CA GLY B 97 -42.66 -12.75 17.15
C GLY B 97 -42.41 -13.40 15.81
N THR B 98 -41.30 -14.13 15.73
CA THR B 98 -40.90 -14.88 14.53
C THR B 98 -41.76 -16.13 14.45
N GLY B 99 -42.84 -15.97 13.69
CA GLY B 99 -43.93 -16.93 13.70
C GLY B 99 -44.68 -16.89 15.00
N SER B 100 -45.91 -17.39 14.97
CA SER B 100 -46.69 -17.66 16.15
C SER B 100 -45.97 -18.65 17.07
N THR B 101 -45.12 -19.49 16.48
CA THR B 101 -44.32 -20.51 17.17
C THR B 101 -43.51 -19.93 18.38
N GLN B 102 -42.76 -18.85 18.13
CA GLN B 102 -42.00 -18.19 19.15
C GLN B 102 -42.90 -17.54 20.24
N LEU B 103 -44.07 -17.05 19.82
CA LEU B 103 -45.04 -16.37 20.69
C LEU B 103 -45.72 -17.33 21.67
N CYS B 104 -46.12 -18.50 21.22
CA CYS B 104 -46.75 -19.41 22.22
C CYS B 104 -45.75 -19.77 23.35
N GLN B 105 -44.56 -20.23 22.99
CA GLN B 105 -43.46 -20.39 23.92
C GLN B 105 -43.16 -19.18 24.79
N ALA B 106 -43.11 -18.00 24.20
CA ALA B 106 -42.99 -16.78 24.98
C ALA B 106 -44.12 -16.66 26.02
N ALA B 107 -45.32 -17.14 25.70
CA ALA B 107 -46.49 -17.01 26.56
C ALA B 107 -46.40 -17.99 27.68
N VAL B 108 -46.15 -19.25 27.37
CA VAL B 108 -46.00 -20.30 28.38
C VAL B 108 -44.87 -19.91 29.30
N HIS B 109 -43.76 -19.46 28.73
CA HIS B 109 -42.64 -18.92 29.51
C HIS B 109 -43.02 -17.73 30.42
N ALA B 110 -43.83 -16.82 29.90
CA ALA B 110 -44.19 -15.66 30.66
C ALA B 110 -45.17 -16.02 31.76
N LEU B 111 -46.18 -16.82 31.46
CA LEU B 111 -47.18 -17.13 32.45
C LEU B 111 -46.63 -18.02 33.55
N SER B 112 -45.71 -18.90 33.19
CA SER B 112 -45.01 -19.76 34.13
C SER B 112 -44.11 -18.95 35.04
N SER B 113 -43.52 -17.93 34.44
CA SER B 113 -42.58 -17.09 35.16
C SER B 113 -43.33 -16.44 36.30
N LEU B 114 -44.54 -15.99 35.99
CA LEU B 114 -45.37 -15.22 36.90
C LEU B 114 -46.20 -16.08 37.78
N ALA B 115 -45.88 -17.38 37.87
CA ALA B 115 -46.70 -18.30 38.67
C ALA B 115 -46.18 -18.57 40.11
N ARG B 116 -47.11 -18.84 41.02
CA ARG B 116 -46.84 -19.12 42.45
C ARG B 116 -45.86 -20.27 42.70
N SER B 117 -45.94 -21.31 41.88
CA SER B 117 -44.97 -22.38 41.94
C SER B 117 -44.80 -22.97 40.55
N GLN B 118 -43.62 -23.50 40.32
CA GLN B 118 -43.27 -24.18 39.10
C GLN B 118 -42.90 -25.62 39.48
N PRO B 119 -43.04 -26.59 38.56
CA PRO B 119 -43.48 -26.43 37.18
C PRO B 119 -44.98 -26.22 37.09
N VAL B 120 -45.35 -25.31 36.22
CA VAL B 120 -46.73 -25.09 35.84
C VAL B 120 -47.11 -26.22 34.87
N SER B 121 -48.32 -26.76 34.99
CA SER B 121 -48.75 -27.80 34.09
C SER B 121 -49.26 -27.16 32.83
N VAL B 122 -49.07 -27.85 31.71
CA VAL B 122 -49.54 -27.31 30.43
C VAL B 122 -50.32 -28.40 29.77
N VAL B 123 -51.60 -28.14 29.56
CA VAL B 123 -52.48 -29.15 28.93
C VAL B 123 -53.17 -28.58 27.70
N ALA B 124 -53.74 -29.45 26.84
CA ALA B 124 -54.55 -29.03 25.65
C ALA B 124 -55.52 -30.16 25.32
N ALA B 125 -56.75 -29.84 24.95
CA ALA B 125 -57.77 -30.86 24.71
C ALA B 125 -57.39 -31.66 23.49
N ALA B 126 -57.52 -32.99 23.57
CA ALA B 126 -57.15 -33.79 22.41
C ALA B 126 -58.39 -34.04 21.55
N PRO B 127 -58.23 -34.13 20.21
CA PRO B 127 -56.99 -33.99 19.41
C PRO B 127 -56.34 -32.61 19.53
N PHE B 128 -55.02 -32.58 19.70
CA PHE B 128 -54.33 -31.31 19.83
C PHE B 128 -53.17 -31.16 18.85
N TYR B 129 -52.74 -29.92 18.66
CA TYR B 129 -51.61 -29.55 17.79
C TYR B 129 -50.31 -30.19 18.27
N SER B 130 -49.77 -31.09 17.43
CA SER B 130 -48.64 -31.97 17.83
C SER B 130 -47.38 -31.22 18.27
N THR B 131 -47.06 -30.14 17.56
CA THR B 131 -45.86 -29.32 17.77
C THR B 131 -45.78 -28.69 19.18
N TYR B 132 -46.93 -28.62 19.85
CA TYR B 132 -47.01 -28.24 21.26
C TYR B 132 -46.20 -29.22 22.13
N VAL B 133 -46.31 -30.53 21.87
CA VAL B 133 -45.54 -31.53 22.60
C VAL B 133 -44.05 -31.21 22.58
N GLU B 134 -43.53 -30.86 21.40
CA GLU B 134 -42.08 -30.59 21.28
C GLU B 134 -41.66 -29.26 21.90
N GLU B 135 -42.51 -28.23 21.72
CA GLU B 135 -42.26 -26.86 22.16
C GLU B 135 -42.14 -26.67 23.69
N THR B 136 -42.76 -27.58 24.44
CA THR B 136 -42.83 -27.44 25.90
C THR B 136 -42.06 -28.58 26.52
N THR B 137 -41.20 -29.19 25.70
CA THR B 137 -40.43 -30.38 26.05
C THR B 137 -38.93 -30.30 25.72
N TYR B 138 -38.59 -29.59 24.65
CA TYR B 138 -37.23 -29.68 24.06
C TYR B 138 -36.03 -29.10 24.82
N VAL B 139 -36.31 -28.16 25.70
CA VAL B 139 -35.28 -27.52 26.50
C VAL B 139 -35.29 -28.04 27.95
N ARG B 140 -36.15 -29.03 28.23
CA ARG B 140 -36.25 -29.61 29.58
C ARG B 140 -36.25 -28.52 30.64
N SER B 141 -37.30 -27.69 30.60
CA SER B 141 -37.40 -26.52 31.46
C SER B 141 -37.92 -26.92 32.85
N GLY B 142 -37.51 -26.21 33.90
CA GLY B 142 -38.05 -26.44 35.23
C GLY B 142 -39.36 -25.73 35.51
N MET B 143 -39.70 -24.81 34.62
CA MET B 143 -40.77 -23.85 34.82
C MET B 143 -42.16 -24.36 34.51
N TYR B 144 -42.25 -25.39 33.68
CA TYR B 144 -43.52 -25.91 33.19
C TYR B 144 -43.34 -27.35 32.78
N LYS B 145 -44.44 -28.10 32.79
CA LYS B 145 -44.48 -29.53 32.37
C LYS B 145 -45.69 -29.80 31.47
N TRP B 146 -45.42 -30.48 30.36
CA TRP B 146 -46.46 -30.90 29.42
C TRP B 146 -47.25 -32.03 30.05
N GLU B 147 -48.54 -31.82 30.27
CA GLU B 147 -49.36 -32.84 30.96
C GLU B 147 -50.40 -33.51 30.05
N GLY B 148 -50.33 -33.24 28.75
CA GLY B 148 -51.18 -33.88 27.76
C GLY B 148 -52.62 -33.42 27.78
N ASP B 149 -53.53 -34.36 27.51
CA ASP B 149 -54.94 -34.08 27.26
C ASP B 149 -55.63 -33.38 28.42
N ALA B 150 -56.24 -32.23 28.12
CA ALA B 150 -56.94 -31.41 29.11
C ALA B 150 -58.24 -32.06 29.59
N TRP B 151 -58.78 -33.00 28.83
CA TRP B 151 -60.02 -33.69 29.19
C TRP B 151 -59.80 -34.48 30.50
N GLY B 152 -60.42 -33.97 31.57
CA GLY B 152 -60.43 -34.60 32.89
C GLY B 152 -59.23 -34.25 33.73
N PHE B 153 -58.61 -33.14 33.40
CA PHE B 153 -57.38 -32.76 34.04
C PHE B 153 -57.72 -32.03 35.35
N ASP B 154 -57.06 -32.46 36.42
CA ASP B 154 -57.21 -31.84 37.73
C ASP B 154 -55.99 -32.07 38.61
N LYS B 155 -54.82 -32.29 38.00
CA LYS B 155 -53.57 -32.21 38.75
C LYS B 155 -53.63 -30.84 39.39
N LYS B 156 -53.54 -30.84 40.71
CA LYS B 156 -53.70 -29.62 41.48
C LYS B 156 -52.44 -28.75 41.35
N GLY B 157 -52.64 -27.45 41.12
CA GLY B 157 -51.51 -26.53 41.01
C GLY B 157 -51.75 -25.50 39.92
N PRO B 158 -50.75 -24.65 39.65
CA PRO B 158 -50.80 -23.73 38.48
C PRO B 158 -50.85 -24.52 37.15
N TYR B 159 -51.73 -24.12 36.24
CA TYR B 159 -51.79 -24.71 34.88
C TYR B 159 -52.04 -23.68 33.79
N ILE B 160 -51.49 -23.94 32.60
CA ILE B 160 -51.84 -23.20 31.39
C ILE B 160 -52.60 -24.17 30.54
N GLU B 161 -53.69 -23.69 29.93
CA GLU B 161 -54.44 -24.43 28.95
C GLU B 161 -54.29 -23.83 27.57
N LEU B 162 -53.96 -24.67 26.59
CA LEU B 162 -53.89 -24.20 25.22
C LEU B 162 -55.17 -24.50 24.50
N VAL B 163 -55.80 -23.44 24.00
CA VAL B 163 -57.04 -23.56 23.29
C VAL B 163 -56.78 -23.06 21.88
N THR B 164 -56.83 -23.97 20.91
CA THR B 164 -56.58 -23.67 19.51
C THR B 164 -57.93 -23.78 18.85
N SER B 165 -58.43 -22.69 18.31
CA SER B 165 -59.72 -22.77 17.64
C SER B 165 -59.67 -21.76 16.48
N PRO B 166 -60.03 -22.18 15.24
CA PRO B 166 -60.27 -23.59 14.79
C PRO B 166 -59.06 -24.50 15.11
N ASN B 167 -59.36 -25.68 15.63
CA ASN B 167 -58.31 -26.56 16.10
C ASN B 167 -57.45 -27.14 15.00
N ASN B 168 -56.26 -27.51 15.45
CA ASN B 168 -55.32 -28.27 14.67
C ASN B 168 -55.12 -29.52 15.52
N PRO B 169 -55.43 -30.71 14.98
CA PRO B 169 -55.72 -31.06 13.61
C PRO B 169 -57.19 -31.05 13.10
N ASP B 170 -58.18 -30.98 13.98
CA ASP B 170 -59.54 -31.39 13.60
C ASP B 170 -60.56 -30.30 13.17
N GLY B 171 -60.16 -29.02 13.19
CA GLY B 171 -60.92 -27.91 12.58
C GLY B 171 -62.02 -27.41 13.49
N THR B 172 -62.11 -28.05 14.65
CA THR B 172 -63.15 -27.82 15.62
C THR B 172 -63.00 -26.44 16.22
N ILE B 173 -64.13 -25.80 16.50
CA ILE B 173 -64.17 -24.57 17.25
C ILE B 173 -64.09 -24.99 18.72
N ARG B 174 -63.20 -24.35 19.47
CA ARG B 174 -62.87 -24.79 20.83
C ARG B 174 -62.99 -23.68 21.85
N GLU B 175 -63.28 -24.07 23.08
CA GLU B 175 -63.25 -23.22 24.28
C GLU B 175 -62.47 -24.03 25.31
N THR B 176 -62.08 -23.41 26.43
CA THR B 176 -61.36 -24.16 27.47
C THR B 176 -62.22 -25.33 27.90
N VAL B 177 -61.59 -26.34 28.51
CA VAL B 177 -62.30 -27.51 29.03
C VAL B 177 -62.01 -27.81 30.51
N VAL B 178 -60.80 -27.55 30.98
CA VAL B 178 -60.51 -27.70 32.39
C VAL B 178 -60.89 -26.38 33.04
N ASN B 179 -61.99 -26.43 33.77
CA ASN B 179 -62.71 -25.24 34.22
C ASN B 179 -63.07 -25.34 35.71
N ARG B 180 -62.14 -25.97 36.43
CA ARG B 180 -62.01 -25.77 37.86
C ARG B 180 -61.49 -24.33 38.07
N PRO B 181 -61.89 -23.67 39.20
CA PRO B 181 -61.31 -22.34 39.44
C PRO B 181 -59.73 -22.31 39.43
N ASP B 182 -59.11 -23.34 40.04
CA ASP B 182 -57.68 -23.28 40.52
C ASP B 182 -57.23 -21.82 40.76
N ASP B 183 -58.22 -20.99 41.10
CA ASP B 183 -58.21 -19.53 41.13
C ASP B 183 -56.98 -18.75 40.66
N ASP B 184 -57.16 -18.05 39.53
CA ASP B 184 -56.16 -17.10 39.03
C ASP B 184 -54.85 -17.78 38.64
N GLU B 185 -54.67 -19.03 39.08
CA GLU B 185 -53.52 -19.87 38.70
C GLU B 185 -53.90 -20.82 37.58
N ALA B 186 -55.14 -20.70 37.13
CA ALA B 186 -55.66 -21.28 35.90
C ALA B 186 -55.45 -20.22 34.81
N LYS B 187 -54.54 -20.49 33.88
CA LYS B 187 -54.24 -19.58 32.78
C LYS B 187 -54.59 -20.23 31.46
N VAL B 188 -54.75 -19.43 30.41
CA VAL B 188 -55.22 -19.90 29.09
C VAL B 188 -54.51 -19.12 27.93
N ILE B 189 -54.06 -19.85 26.92
CA ILE B 189 -53.52 -19.25 25.72
C ILE B 189 -54.44 -19.67 24.59
N HIS B 190 -54.92 -18.69 23.82
CA HIS B 190 -55.77 -18.93 22.63
C HIS B 190 -54.97 -18.75 21.32
N ASP B 191 -54.95 -19.80 20.52
CA ASP B 191 -54.24 -19.76 19.32
C ASP B 191 -55.27 -19.60 18.22
N PHE B 192 -55.51 -18.37 17.81
CA PHE B 192 -56.49 -18.17 16.74
C PHE B 192 -55.88 -18.11 15.39
N ALA B 193 -54.86 -18.92 15.12
CA ALA B 193 -54.15 -18.83 13.82
C ALA B 193 -55.06 -19.01 12.63
N TYR B 194 -56.15 -19.78 12.80
CA TYR B 194 -57.06 -20.05 11.66
C TYR B 194 -58.45 -19.42 11.81
N TYR B 195 -58.58 -18.47 12.70
CA TYR B 195 -59.82 -17.75 12.89
C TYR B 195 -59.88 -16.61 11.87
N TRP B 196 -60.05 -16.95 10.58
CA TRP B 196 -60.22 -15.94 9.55
C TRP B 196 -61.40 -16.35 8.65
N PRO B 197 -62.02 -15.37 7.98
CA PRO B 197 -63.21 -15.61 7.22
C PRO B 197 -63.05 -16.69 6.15
N HIS B 198 -61.86 -16.85 5.55
CA HIS B 198 -61.69 -17.83 4.43
C HIS B 198 -61.65 -19.28 4.91
N TYR B 199 -61.59 -19.46 6.25
CA TYR B 199 -61.56 -20.79 6.87
C TYR B 199 -62.81 -21.09 7.66
N THR B 200 -63.35 -20.07 8.31
CA THR B 200 -64.39 -20.27 9.29
C THR B 200 -65.11 -18.93 9.43
N PRO B 201 -66.41 -19.00 9.75
CA PRO B 201 -67.21 -17.82 10.08
C PRO B 201 -66.81 -17.14 11.37
N ILE B 202 -66.77 -15.83 11.31
CA ILE B 202 -66.48 -15.01 12.45
C ILE B 202 -67.73 -14.75 13.27
N THR B 203 -67.96 -15.62 14.25
CA THR B 203 -69.14 -15.60 15.07
C THR B 203 -69.07 -14.58 16.24
N ARG B 204 -67.86 -14.34 16.75
CA ARG B 204 -67.64 -13.39 17.84
C ARG B 204 -66.27 -12.76 17.75
N ARG B 205 -66.23 -11.50 18.13
CA ARG B 205 -65.00 -10.74 18.20
C ARG B 205 -64.33 -11.16 19.48
N GLN B 206 -63.22 -11.87 19.33
CA GLN B 206 -62.59 -12.54 20.43
C GLN B 206 -61.96 -11.54 21.38
N ASP B 207 -62.07 -11.80 22.68
CA ASP B 207 -61.61 -10.86 23.72
C ASP B 207 -61.08 -11.65 24.90
N HIS B 208 -59.97 -12.37 24.70
CA HIS B 208 -59.47 -13.20 25.73
C HIS B 208 -58.18 -12.57 26.14
N ASP B 209 -57.55 -13.13 27.14
CA ASP B 209 -56.36 -12.48 27.66
C ASP B 209 -55.09 -12.55 26.76
N ILE B 210 -54.92 -13.66 26.04
CA ILE B 210 -53.78 -13.85 25.14
C ILE B 210 -54.32 -14.42 23.87
N MET B 211 -54.21 -13.68 22.77
CA MET B 211 -54.63 -14.18 21.51
C MET B 211 -53.51 -14.21 20.49
N LEU B 212 -53.22 -15.41 19.98
CA LEU B 212 -52.11 -15.54 18.99
C LEU B 212 -52.55 -15.63 17.53
N PHE B 213 -51.87 -14.87 16.67
CA PHE B 213 -52.08 -15.05 15.24
C PHE B 213 -50.78 -15.25 14.48
N THR B 214 -50.88 -15.92 13.34
CA THR B 214 -49.70 -16.14 12.53
C THR B 214 -49.96 -15.62 11.17
N PHE B 215 -49.00 -14.88 10.62
CA PHE B 215 -49.11 -14.31 9.26
C PHE B 215 -49.12 -15.41 8.25
N SER B 216 -48.43 -16.50 8.53
CA SER B 216 -48.38 -17.66 7.61
C SER B 216 -49.71 -18.16 7.08
N LYS B 217 -50.70 -18.12 7.93
CA LYS B 217 -51.90 -18.92 7.71
C LYS B 217 -53.07 -18.09 7.14
N ILE B 218 -52.87 -16.80 7.13
CA ILE B 218 -53.76 -15.87 6.52
C ILE B 218 -53.41 -15.93 5.00
N THR B 219 -52.28 -15.35 4.64
CA THR B 219 -51.91 -15.19 3.25
C THR B 219 -50.95 -16.27 2.67
N GLY B 220 -50.39 -17.14 3.51
CA GLY B 220 -49.45 -18.14 3.04
C GLY B 220 -47.97 -17.80 3.04
N HIS B 221 -47.64 -16.64 3.59
CA HIS B 221 -46.27 -16.16 3.55
C HIS B 221 -45.50 -16.73 4.75
N ALA B 222 -45.28 -18.04 4.71
CA ALA B 222 -44.70 -18.82 5.79
C ALA B 222 -43.23 -18.56 6.07
N GLY B 223 -42.49 -18.15 5.05
CA GLY B 223 -41.02 -17.98 5.15
C GLY B 223 -40.72 -16.59 5.67
N SER B 224 -41.79 -15.82 5.87
CA SER B 224 -41.65 -14.50 6.48
C SER B 224 -41.48 -14.61 7.97
N ARG B 225 -41.88 -15.73 8.57
CA ARG B 225 -41.69 -15.91 9.99
C ARG B 225 -42.26 -14.82 10.90
N ILE B 226 -43.55 -14.52 10.74
CA ILE B 226 -44.27 -13.39 11.44
C ILE B 226 -45.59 -13.84 12.12
N GLY B 227 -45.68 -13.68 13.45
CA GLY B 227 -46.91 -13.86 14.17
C GLY B 227 -47.02 -12.72 15.14
N TRP B 228 -48.21 -12.52 15.71
CA TRP B 228 -48.35 -11.59 16.82
C TRP B 228 -49.26 -12.12 17.89
N ALA B 229 -49.13 -11.54 19.08
CA ALA B 229 -49.91 -11.88 20.24
C ALA B 229 -50.61 -10.62 20.71
N LEU B 230 -51.89 -10.75 21.07
CA LEU B 230 -52.64 -9.66 21.65
C LEU B 230 -52.77 -10.01 23.12
N VAL B 231 -52.18 -9.19 23.98
CA VAL B 231 -52.00 -9.52 25.37
C VAL B 231 -52.59 -8.42 26.27
N LYS B 232 -53.54 -8.82 27.11
CA LYS B 232 -54.19 -7.87 28.00
C LYS B 232 -53.30 -7.50 29.21
N ASP B 233 -52.85 -8.50 29.95
CA ASP B 233 -52.02 -8.28 31.13
C ASP B 233 -50.61 -7.77 30.73
N LYS B 234 -50.29 -6.56 31.16
CA LYS B 234 -48.99 -5.95 30.89
C LYS B 234 -47.84 -6.76 31.46
N GLU B 235 -48.07 -7.42 32.59
CA GLU B 235 -46.97 -8.10 33.29
C GLU B 235 -46.55 -9.31 32.46
N VAL B 236 -47.55 -9.96 31.85
CA VAL B 236 -47.36 -11.08 30.92
C VAL B 236 -46.73 -10.54 29.62
N ALA B 237 -47.30 -9.49 29.06
CA ALA B 237 -46.76 -8.88 27.85
C ALA B 237 -45.29 -8.58 28.02
N LYS B 238 -44.91 -7.89 29.09
CA LYS B 238 -43.52 -7.50 29.31
C LYS B 238 -42.61 -8.71 29.43
N LYS B 239 -43.13 -9.82 29.93
CA LYS B 239 -42.35 -11.04 30.05
C LYS B 239 -42.16 -11.82 28.74
N MET B 240 -43.19 -11.79 27.89
CA MET B 240 -43.05 -12.34 26.58
C MET B 240 -41.97 -11.59 25.87
N VAL B 241 -41.97 -10.26 26.04
CA VAL B 241 -41.03 -9.42 25.30
C VAL B 241 -39.64 -9.76 25.80
N GLU B 242 -39.45 -9.84 27.11
CA GLU B 242 -38.12 -10.14 27.62
C GLU B 242 -37.64 -11.51 27.16
N TYR B 243 -38.54 -12.49 27.09
CA TYR B 243 -38.17 -13.77 26.52
C TYR B 243 -37.72 -13.63 25.07
N ILE B 244 -38.47 -12.88 24.29
CA ILE B 244 -38.03 -12.77 22.92
C ILE B 244 -36.65 -12.07 22.86
N ILE B 245 -36.46 -11.00 23.65
CA ILE B 245 -35.16 -10.31 23.71
C ILE B 245 -33.95 -11.22 23.89
N VAL B 246 -34.03 -12.12 24.88
CA VAL B 246 -32.91 -13.01 25.20
C VAL B 246 -32.82 -14.09 24.13
N ASN B 247 -33.96 -14.73 23.87
CA ASN B 247 -34.11 -15.72 22.82
C ASN B 247 -33.54 -15.33 21.46
N SER B 248 -33.72 -14.08 21.04
CA SER B 248 -33.42 -13.72 19.65
C SER B 248 -33.22 -12.21 19.31
N ILE B 249 -33.17 -11.36 20.34
CA ILE B 249 -33.08 -9.89 20.20
C ILE B 249 -34.09 -9.35 19.17
N GLY B 250 -35.33 -9.80 19.27
CA GLY B 250 -36.40 -9.28 18.43
C GLY B 250 -36.66 -10.11 17.21
N VAL B 251 -37.19 -9.44 16.18
CA VAL B 251 -37.71 -10.08 14.96
C VAL B 251 -37.28 -9.27 13.75
N SER B 252 -36.91 -9.98 12.68
CA SER B 252 -36.42 -9.37 11.45
C SER B 252 -37.26 -8.16 11.00
N LYS B 253 -36.57 -7.03 10.86
CA LYS B 253 -37.19 -5.76 10.54
C LYS B 253 -37.85 -5.83 9.20
N GLU B 254 -37.12 -6.32 8.21
CA GLU B 254 -37.62 -6.46 6.81
C GLU B 254 -38.79 -7.41 6.62
N SER B 255 -38.82 -8.45 7.43
CA SER B 255 -39.99 -9.28 7.63
C SER B 255 -41.21 -8.46 8.09
N GLN B 256 -40.99 -7.51 8.97
CA GLN B 256 -42.06 -6.75 9.56
C GLN B 256 -42.60 -5.75 8.56
N VAL B 257 -41.69 -5.09 7.88
CA VAL B 257 -42.07 -4.14 6.84
C VAL B 257 -42.76 -4.86 5.68
N ARG B 258 -42.32 -6.07 5.34
CA ARG B 258 -42.91 -6.79 4.23
C ARG B 258 -44.30 -7.37 4.55
N THR B 259 -44.48 -7.80 5.79
CA THR B 259 -45.74 -8.29 6.36
C THR B 259 -46.81 -7.24 6.43
N ALA B 260 -46.41 -6.01 6.80
CA ALA B 260 -47.28 -4.82 6.81
C ALA B 260 -47.76 -4.43 5.43
N LYS B 261 -46.84 -4.36 4.46
CA LYS B 261 -47.17 -4.15 3.07
C LYS B 261 -48.24 -5.06 2.49
N ILE B 262 -48.03 -6.37 2.62
CA ILE B 262 -48.99 -7.33 2.08
C ILE B 262 -50.29 -7.35 2.88
N LEU B 263 -50.20 -7.30 4.21
CA LEU B 263 -51.39 -7.08 5.07
C LEU B 263 -52.25 -5.88 4.65
N ASN B 264 -51.58 -4.79 4.26
CA ASN B 264 -52.24 -3.57 3.80
C ASN B 264 -52.93 -3.77 2.47
N VAL B 265 -52.29 -4.50 1.57
CA VAL B 265 -52.93 -4.82 0.31
C VAL B 265 -54.13 -5.64 0.64
N LEU B 266 -53.92 -6.77 1.31
CA LEU B 266 -55.02 -7.58 1.76
C LEU B 266 -56.19 -6.70 2.23
N LYS B 267 -55.91 -5.65 2.97
CA LYS B 267 -56.98 -4.85 3.55
C LYS B 267 -57.73 -4.07 2.47
N GLU B 268 -56.99 -3.52 1.49
CA GLU B 268 -57.50 -2.72 0.37
C GLU B 268 -58.44 -3.57 -0.43
N THR B 269 -57.97 -4.77 -0.73
CA THR B 269 -58.70 -5.85 -1.35
C THR B 269 -60.07 -6.13 -0.73
N CYS B 270 -60.26 -5.84 0.55
CA CYS B 270 -61.52 -6.20 1.25
C CYS B 270 -62.78 -5.45 0.76
N LYS B 271 -62.60 -4.24 0.25
CA LYS B 271 -63.71 -3.49 -0.31
C LYS B 271 -64.00 -3.90 -1.77
N SER B 272 -63.06 -4.62 -2.38
CA SER B 272 -63.20 -5.11 -3.75
C SER B 272 -64.27 -6.18 -3.81
N GLU B 273 -65.23 -5.99 -4.70
CA GLU B 273 -66.30 -6.96 -4.92
C GLU B 273 -65.99 -7.96 -6.07
N SER B 274 -64.81 -7.80 -6.67
CA SER B 274 -64.23 -8.77 -7.61
C SER B 274 -63.91 -10.10 -6.91
N GLU B 275 -64.39 -11.22 -7.46
CA GLU B 275 -64.28 -12.53 -6.81
C GLU B 275 -62.81 -13.00 -6.70
N SER B 276 -61.95 -12.39 -7.54
CA SER B 276 -60.56 -12.80 -7.75
C SER B 276 -59.53 -11.81 -7.19
N GLU B 277 -59.96 -10.57 -6.92
CA GLU B 277 -59.13 -9.60 -6.21
C GLU B 277 -59.26 -9.82 -4.68
N ASN B 278 -60.49 -9.76 -4.17
CA ASN B 278 -60.78 -9.82 -2.74
C ASN B 278 -60.24 -11.11 -2.10
N PHE B 279 -59.22 -10.98 -1.24
CA PHE B 279 -58.52 -12.14 -0.64
C PHE B 279 -59.46 -13.18 0.02
N PHE B 280 -60.34 -12.70 0.89
CA PHE B 280 -61.19 -13.57 1.68
C PHE B 280 -62.26 -14.26 0.86
N LYS B 281 -62.72 -13.64 -0.21
CA LYS B 281 -63.65 -14.28 -1.13
C LYS B 281 -62.92 -15.34 -1.88
N TYR B 282 -61.85 -14.95 -2.56
CA TYR B 282 -60.98 -15.88 -3.28
C TYR B 282 -60.56 -16.99 -2.36
N GLY B 283 -60.08 -16.62 -1.19
CA GLY B 283 -59.57 -17.62 -0.24
C GLY B 283 -60.63 -18.62 0.07
N ARG B 284 -61.76 -18.14 0.55
CA ARG B 284 -62.97 -18.96 0.84
C ARG B 284 -63.50 -19.86 -0.30
N GLU B 285 -63.45 -19.31 -1.51
CA GLU B 285 -63.92 -20.01 -2.68
C GLU B 285 -62.96 -21.13 -2.96
N MET B 286 -61.65 -20.85 -2.90
CA MET B 286 -60.65 -21.94 -2.98
C MET B 286 -60.88 -23.06 -1.93
N MET B 287 -61.00 -22.70 -0.65
CA MET B 287 -61.19 -23.74 0.38
C MET B 287 -62.43 -24.58 0.12
N LYS B 288 -63.52 -23.92 -0.28
CA LYS B 288 -64.82 -24.59 -0.49
C LYS B 288 -64.67 -25.61 -1.58
N ASN B 289 -64.23 -25.12 -2.74
CA ASN B 289 -63.97 -25.97 -3.90
C ASN B 289 -63.24 -27.26 -3.53
N ARG B 290 -62.13 -27.12 -2.77
CA ARG B 290 -61.29 -28.23 -2.28
C ARG B 290 -61.99 -29.18 -1.33
N TRP B 291 -62.73 -28.66 -0.35
CA TRP B 291 -63.52 -29.49 0.56
C TRP B 291 -64.71 -30.22 -0.16
N GLU B 292 -65.34 -29.55 -1.10
CA GLU B 292 -66.39 -30.22 -1.91
C GLU B 292 -65.82 -31.44 -2.65
N LYS B 293 -64.77 -31.21 -3.45
CA LYS B 293 -63.96 -32.28 -4.02
C LYS B 293 -63.55 -33.41 -3.03
N LEU B 294 -62.86 -33.06 -1.95
CA LEU B 294 -62.46 -34.08 -0.97
C LEU B 294 -63.65 -34.79 -0.40
N ARG B 295 -64.77 -34.08 -0.23
CA ARG B 295 -65.97 -34.66 0.38
C ARG B 295 -66.64 -35.66 -0.57
N GLU B 296 -66.61 -35.38 -1.88
CA GLU B 296 -67.05 -36.35 -2.87
C GLU B 296 -66.29 -37.67 -2.73
N VAL B 297 -64.96 -37.59 -2.74
CA VAL B 297 -64.11 -38.77 -2.63
C VAL B 297 -64.44 -39.58 -1.36
N VAL B 298 -64.46 -38.96 -0.19
CA VAL B 298 -64.78 -39.70 1.05
C VAL B 298 -66.17 -40.32 1.04
N LYS B 299 -67.11 -39.65 0.34
CA LYS B 299 -68.50 -40.13 0.22
C LYS B 299 -68.54 -41.42 -0.56
N GLU B 300 -68.03 -41.38 -1.80
CA GLU B 300 -68.00 -42.56 -2.64
C GLU B 300 -67.01 -43.62 -2.16
N SER B 301 -66.04 -43.24 -1.31
CA SER B 301 -65.10 -44.23 -0.79
C SER B 301 -65.79 -45.11 0.25
N ASP B 302 -65.14 -46.22 0.61
CA ASP B 302 -65.77 -47.20 1.49
C ASP B 302 -65.37 -47.10 2.97
N ALA B 303 -64.14 -46.66 3.22
CA ALA B 303 -63.52 -46.79 4.55
C ALA B 303 -63.25 -45.51 5.34
N PHE B 304 -63.65 -44.35 4.79
CA PHE B 304 -63.21 -43.02 5.30
C PHE B 304 -64.22 -42.15 6.05
N THR B 305 -63.74 -41.44 7.06
CA THR B 305 -64.56 -40.47 7.74
C THR B 305 -63.94 -39.07 7.68
N LEU B 306 -64.80 -38.07 7.85
CA LEU B 306 -64.43 -36.66 7.84
C LEU B 306 -65.32 -35.99 8.88
N PRO B 307 -64.78 -35.02 9.61
CA PRO B 307 -65.58 -34.34 10.61
C PRO B 307 -66.68 -33.55 9.96
N LYS B 308 -67.79 -33.44 10.69
CA LYS B 308 -68.90 -32.58 10.29
C LYS B 308 -68.78 -31.26 11.00
N TYR B 309 -68.97 -30.19 10.23
CA TYR B 309 -68.87 -28.84 10.75
C TYR B 309 -70.21 -28.11 10.61
N PRO B 310 -70.67 -27.53 11.71
CA PRO B 310 -71.92 -26.83 11.72
C PRO B 310 -71.87 -25.59 10.82
N GLU B 311 -73.03 -25.13 10.41
CA GLU B 311 -73.12 -23.89 9.72
C GLU B 311 -73.29 -22.81 10.81
N ALA B 312 -72.78 -21.61 10.56
CA ALA B 312 -72.82 -20.54 11.56
C ALA B 312 -72.82 -19.20 10.83
N PHE B 313 -73.29 -18.15 11.50
CA PHE B 313 -73.46 -16.86 10.85
C PHE B 313 -72.14 -16.14 10.87
N CYS B 314 -71.74 -15.63 9.71
CA CYS B 314 -70.50 -14.88 9.66
C CYS B 314 -70.77 -13.41 9.70
N ASN B 315 -70.26 -12.78 10.76
CA ASN B 315 -70.33 -11.34 10.92
C ASN B 315 -69.50 -10.58 9.90
N TYR B 316 -68.51 -11.24 9.28
CA TYR B 316 -67.66 -10.54 8.32
C TYR B 316 -68.36 -10.53 6.97
N PHE B 317 -68.81 -11.70 6.53
CA PHE B 317 -69.46 -11.82 5.25
C PHE B 317 -70.99 -11.52 5.32
N GLY B 318 -71.55 -11.60 6.54
CA GLY B 318 -72.99 -11.35 6.79
C GLY B 318 -73.98 -12.44 6.39
N LYS B 319 -73.47 -13.65 6.17
CA LYS B 319 -74.21 -14.79 5.62
C LYS B 319 -74.03 -15.97 6.58
N SER B 320 -74.89 -16.97 6.56
CA SER B 320 -74.63 -18.16 7.37
C SER B 320 -73.85 -19.14 6.51
N LEU B 321 -72.71 -19.61 7.01
CA LEU B 321 -71.84 -20.45 6.17
C LEU B 321 -70.97 -21.47 6.85
N GLU B 322 -70.51 -22.43 6.06
CA GLU B 322 -69.61 -23.51 6.49
C GLU B 322 -68.14 -23.13 6.73
N SER B 323 -67.50 -23.83 7.67
CA SER B 323 -66.04 -23.87 7.80
C SER B 323 -65.39 -24.85 6.78
N TYR B 324 -64.27 -24.40 6.21
CA TYR B 324 -63.45 -25.23 5.35
C TYR B 324 -62.08 -25.11 5.88
N PRO B 325 -61.75 -25.90 6.93
CA PRO B 325 -60.46 -25.72 7.53
C PRO B 325 -59.20 -26.03 6.65
N ALA B 326 -58.06 -25.52 7.08
CA ALA B 326 -56.78 -25.72 6.43
C ALA B 326 -56.24 -27.14 6.57
N PHE B 327 -56.84 -27.97 7.41
CA PHE B 327 -56.38 -29.33 7.53
C PHE B 327 -57.54 -30.27 7.46
N ALA B 328 -57.37 -31.41 6.81
CA ALA B 328 -58.45 -32.38 6.79
C ALA B 328 -58.15 -33.46 7.81
N TRP B 329 -59.07 -33.72 8.71
CA TRP B 329 -58.87 -34.72 9.73
C TRP B 329 -59.56 -36.00 9.21
N LEU B 330 -58.74 -36.83 8.54
CA LEU B 330 -59.16 -38.05 7.87
C LEU B 330 -59.10 -39.24 8.83
N GLY B 331 -60.20 -39.97 8.91
CA GLY B 331 -60.31 -41.11 9.80
C GLY B 331 -60.69 -42.39 9.09
N THR B 332 -60.71 -43.48 9.83
CA THR B 332 -61.12 -44.72 9.24
C THR B 332 -61.94 -45.51 10.25
N LYS B 333 -63.03 -46.11 9.79
CA LYS B 333 -63.79 -47.02 10.65
C LYS B 333 -63.00 -48.32 10.84
N GLU B 334 -62.31 -48.71 9.76
CA GLU B 334 -61.48 -49.89 9.69
C GLU B 334 -60.36 -49.91 10.73
N GLU B 335 -59.82 -51.10 10.99
CA GLU B 335 -58.81 -51.29 12.04
C GLU B 335 -57.39 -51.37 11.46
N THR B 336 -56.97 -50.29 10.79
CA THR B 336 -55.66 -50.23 10.19
C THR B 336 -54.99 -48.94 10.60
N ASP B 337 -53.65 -48.93 10.53
CA ASP B 337 -52.83 -47.74 10.78
C ASP B 337 -52.87 -46.89 9.52
N LEU B 338 -53.68 -45.85 9.54
CA LEU B 338 -53.98 -45.05 8.37
C LEU B 338 -52.75 -44.26 7.87
N VAL B 339 -51.84 -43.93 8.79
CA VAL B 339 -50.64 -43.20 8.42
C VAL B 339 -49.72 -44.09 7.57
N SER B 340 -49.73 -45.39 7.89
CA SER B 340 -48.98 -46.41 7.16
C SER B 340 -49.56 -46.67 5.76
N GLU B 341 -50.88 -46.80 5.69
CA GLU B 341 -51.57 -47.02 4.43
C GLU B 341 -51.30 -45.92 3.41
N LEU B 342 -51.42 -44.65 3.82
CA LEU B 342 -51.13 -43.49 2.97
C LEU B 342 -49.68 -43.46 2.57
N ARG B 343 -48.82 -43.81 3.53
CA ARG B 343 -47.36 -43.92 3.31
C ARG B 343 -47.03 -44.90 2.16
N ARG B 344 -47.72 -46.04 2.07
CA ARG B 344 -47.55 -46.98 0.94
C ARG B 344 -48.03 -46.44 -0.44
N HIS B 345 -48.75 -45.32 -0.45
CA HIS B 345 -49.14 -44.63 -1.71
C HIS B 345 -48.40 -43.32 -1.96
N LYS B 346 -47.32 -43.11 -1.21
CA LYS B 346 -46.50 -41.89 -1.37
C LYS B 346 -47.29 -40.61 -1.10
N VAL B 347 -48.26 -40.75 -0.22
CA VAL B 347 -48.97 -39.66 0.42
C VAL B 347 -48.50 -39.58 1.88
N MET B 348 -47.82 -38.49 2.24
CA MET B 348 -47.44 -38.27 3.66
C MET B 348 -48.35 -37.28 4.33
N SER B 349 -48.73 -37.59 5.57
CA SER B 349 -49.66 -36.85 6.42
C SER B 349 -49.17 -36.98 7.90
N ARG B 350 -49.92 -36.45 8.88
CA ARG B 350 -49.46 -36.38 10.26
C ARG B 350 -50.17 -37.42 11.15
N ALA B 351 -49.39 -38.30 11.78
CA ALA B 351 -49.97 -39.41 12.53
C ALA B 351 -50.92 -38.92 13.63
N GLY B 352 -52.12 -39.49 13.68
CA GLY B 352 -53.11 -39.10 14.64
C GLY B 352 -52.60 -39.36 16.03
N GLU B 353 -51.70 -40.31 16.18
CA GLU B 353 -51.18 -40.61 17.50
C GLU B 353 -50.29 -39.48 17.99
N ARG B 354 -49.74 -38.73 17.02
CA ARG B 354 -48.93 -37.56 17.30
C ARG B 354 -49.75 -36.37 17.84
N CYS B 355 -51.04 -36.34 17.51
CA CYS B 355 -51.93 -35.28 17.94
C CYS B 355 -52.84 -35.71 19.08
N GLY B 356 -52.43 -36.72 19.85
CA GLY B 356 -53.26 -37.23 20.94
C GLY B 356 -54.51 -37.99 20.48
N SER B 357 -54.50 -38.46 19.23
CA SER B 357 -55.55 -39.35 18.78
C SER B 357 -55.06 -40.79 18.64
N ASP B 358 -55.68 -41.53 17.73
CA ASP B 358 -55.38 -42.96 17.51
C ASP B 358 -55.02 -43.28 16.06
N LYS B 359 -54.51 -44.49 15.84
CA LYS B 359 -53.92 -44.88 14.54
C LYS B 359 -54.87 -44.75 13.37
N LYS B 360 -56.12 -44.45 13.67
CA LYS B 360 -57.17 -44.49 12.66
C LYS B 360 -57.47 -43.13 12.05
N HIS B 361 -56.74 -42.09 12.50
CA HIS B 361 -56.74 -40.75 11.86
C HIS B 361 -55.37 -40.24 11.46
N VAL B 362 -55.37 -39.27 10.56
CA VAL B 362 -54.19 -38.53 10.13
C VAL B 362 -54.61 -37.12 9.68
N ARG B 363 -53.68 -36.18 9.78
CA ARG B 363 -53.97 -34.80 9.40
C ARG B 363 -53.32 -34.54 8.09
N VAL B 364 -54.13 -34.13 7.12
CA VAL B 364 -53.63 -33.79 5.79
C VAL B 364 -53.88 -32.33 5.49
N SER B 365 -52.89 -31.70 4.87
CA SER B 365 -52.90 -30.30 4.67
C SER B 365 -53.72 -30.00 3.40
N MET B 366 -54.65 -29.03 3.51
CA MET B 366 -55.49 -28.66 2.35
C MET B 366 -54.90 -27.47 1.62
N LEU B 367 -53.67 -27.08 1.98
CA LEU B 367 -53.11 -25.82 1.50
C LEU B 367 -51.93 -25.94 0.53
N SER B 368 -51.81 -27.09 -0.11
CA SER B 368 -50.74 -27.34 -1.06
C SER B 368 -51.09 -26.76 -2.42
N ARG B 369 -50.16 -26.86 -3.35
CA ARG B 369 -50.40 -26.44 -4.72
C ARG B 369 -51.57 -27.21 -5.27
N GLU B 370 -52.23 -26.64 -6.29
CA GLU B 370 -53.39 -27.27 -6.95
C GLU B 370 -53.12 -28.68 -7.47
N ASP B 371 -52.07 -28.83 -8.27
CA ASP B 371 -51.64 -30.14 -8.79
C ASP B 371 -51.43 -31.20 -7.75
N VAL B 372 -50.73 -30.86 -6.66
CA VAL B 372 -50.44 -31.81 -5.58
C VAL B 372 -51.73 -32.24 -4.89
N PHE B 373 -52.61 -31.26 -4.64
CA PHE B 373 -53.89 -31.54 -4.03
C PHE B 373 -54.67 -32.61 -4.80
N ASN B 374 -54.76 -32.38 -6.10
CA ASN B 374 -55.38 -33.28 -7.05
C ASN B 374 -54.82 -34.72 -7.13
N VAL B 375 -53.50 -34.88 -7.03
CA VAL B 375 -52.85 -36.16 -7.10
C VAL B 375 -53.24 -36.89 -5.83
N PHE B 376 -53.36 -36.16 -4.74
CA PHE B 376 -53.82 -36.77 -3.51
C PHE B 376 -55.29 -37.21 -3.60
N LEU B 377 -56.11 -36.43 -4.29
CA LEU B 377 -57.49 -36.86 -4.46
C LEU B 377 -57.54 -38.12 -5.31
N GLU B 378 -56.92 -38.03 -6.48
CA GLU B 378 -56.72 -39.20 -7.35
C GLU B 378 -56.32 -40.42 -6.53
N ARG B 379 -55.24 -40.30 -5.76
CA ARG B 379 -54.75 -41.43 -4.97
C ARG B 379 -55.75 -41.89 -3.94
N LEU B 380 -56.45 -40.94 -3.32
CA LEU B 380 -57.41 -41.23 -2.24
C LEU B 380 -58.56 -42.14 -2.72
N ALA B 381 -59.09 -41.83 -3.90
CA ALA B 381 -60.08 -42.68 -4.57
C ALA B 381 -59.54 -44.10 -4.88
N ASN B 382 -58.29 -44.20 -5.34
CA ASN B 382 -57.63 -45.48 -5.61
C ASN B 382 -57.25 -46.32 -4.38
N MET B 383 -57.59 -45.86 -3.20
CA MET B 383 -57.09 -46.52 -2.01
C MET B 383 -57.93 -47.72 -1.63
N LYS B 384 -57.26 -48.74 -1.08
CA LYS B 384 -57.88 -50.04 -0.72
C LYS B 384 -58.57 -50.67 -1.92
N LEU B 385 -58.28 -50.09 -3.10
CA LEU B 385 -58.89 -50.42 -4.38
C LEU B 385 -57.93 -49.98 -5.50
N ILE C 18 4.84 74.83 -12.61
CA ILE C 18 5.88 75.62 -13.35
C ILE C 18 7.30 75.65 -12.75
N PRO C 19 7.43 75.73 -11.40
CA PRO C 19 8.79 75.72 -10.84
C PRO C 19 9.55 74.41 -11.12
N MET C 20 10.70 74.54 -11.79
CA MET C 20 11.44 73.39 -12.26
C MET C 20 12.12 72.58 -11.16
N SER C 21 12.25 73.17 -9.96
CA SER C 21 12.71 72.45 -8.79
C SER C 21 11.64 71.52 -8.24
N ASP C 22 10.41 71.61 -8.76
CA ASP C 22 9.35 70.70 -8.31
C ASP C 22 9.25 69.45 -9.19
N PHE C 23 10.17 69.34 -10.14
CA PHE C 23 10.24 68.19 -11.03
C PHE C 23 11.03 67.08 -10.35
N VAL C 24 10.47 65.88 -10.33
CA VAL C 24 11.24 64.73 -9.85
C VAL C 24 12.00 64.06 -10.99
N VAL C 25 13.34 64.17 -10.93
CA VAL C 25 14.24 63.50 -11.87
C VAL C 25 14.38 62.07 -11.46
N ASN C 26 13.75 61.19 -12.21
CA ASN C 26 13.72 59.78 -11.80
C ASN C 26 14.61 58.86 -12.59
N LEU C 27 15.83 58.66 -12.09
CA LEU C 27 16.85 57.88 -12.74
C LEU C 27 17.21 56.73 -11.87
N ASP C 28 16.20 56.17 -11.21
CA ASP C 28 16.31 54.97 -10.34
C ASP C 28 16.12 53.68 -11.16
N HIS C 29 15.00 53.61 -11.89
CA HIS C 29 14.69 52.52 -12.81
C HIS C 29 15.51 52.71 -14.05
N GLY C 30 15.92 51.63 -14.71
CA GLY C 30 16.71 51.84 -15.91
C GLY C 30 15.88 51.91 -17.17
N ASP C 31 14.75 52.62 -17.13
CA ASP C 31 13.79 52.67 -18.25
C ASP C 31 14.49 53.34 -19.41
N PRO C 32 14.77 52.58 -20.49
CA PRO C 32 15.53 53.08 -21.63
C PRO C 32 14.76 53.95 -22.58
N THR C 33 14.20 55.03 -22.08
CA THR C 33 13.40 55.88 -22.96
C THR C 33 14.18 56.80 -23.91
N ALA C 34 15.51 56.67 -23.90
CA ALA C 34 16.38 57.43 -24.82
C ALA C 34 16.14 57.10 -26.29
N TYR C 35 15.56 55.94 -26.58
CA TYR C 35 15.55 55.46 -27.96
C TYR C 35 14.27 55.72 -28.75
N GLU C 36 13.37 56.44 -28.11
CA GLU C 36 12.02 56.60 -28.61
C GLU C 36 12.06 57.46 -29.87
N GLU C 37 12.73 58.62 -29.80
CA GLU C 37 12.90 59.51 -30.94
C GLU C 37 13.45 58.73 -32.12
N TYR C 38 14.44 57.88 -31.86
CA TYR C 38 15.04 57.07 -32.93
C TYR C 38 14.01 56.23 -33.73
N TRP C 39 13.25 55.42 -33.00
CA TRP C 39 12.26 54.56 -33.61
C TRP C 39 11.11 55.30 -34.27
N ARG C 40 10.77 56.46 -33.73
CA ARG C 40 9.67 57.22 -34.26
C ARG C 40 10.01 57.72 -35.68
N LYS C 41 11.21 58.29 -35.80
CA LYS C 41 11.81 58.68 -37.08
C LYS C 41 12.06 57.51 -38.04
N MET C 42 12.10 56.28 -37.54
CA MET C 42 12.27 55.12 -38.43
C MET C 42 11.05 54.81 -39.30
N GLY C 43 9.90 55.42 -38.99
CA GLY C 43 8.72 55.32 -39.83
C GLY C 43 7.95 54.00 -39.85
N ASP C 44 7.21 53.79 -40.94
CA ASP C 44 6.33 52.64 -41.13
C ASP C 44 7.09 51.33 -41.29
N ARG C 45 8.38 51.42 -41.60
CA ARG C 45 9.15 50.22 -41.84
C ARG C 45 9.27 49.31 -40.59
N CYS C 46 8.90 49.83 -39.43
CA CYS C 46 9.00 49.10 -38.14
C CYS C 46 7.70 48.49 -37.69
N THR C 47 6.66 48.74 -38.49
CA THR C 47 5.30 48.43 -38.11
C THR C 47 5.05 46.93 -38.09
N VAL C 48 4.35 46.48 -37.06
CA VAL C 48 4.02 45.09 -36.91
C VAL C 48 2.51 44.94 -37.08
N THR C 49 2.09 43.96 -37.87
CA THR C 49 0.69 43.72 -38.09
C THR C 49 0.38 42.30 -37.62
N ILE C 50 -0.64 42.17 -36.77
CA ILE C 50 -1.03 40.86 -36.17
C ILE C 50 -2.51 40.66 -36.39
N ARG C 51 -2.90 39.57 -37.05
CA ARG C 51 -4.31 39.38 -37.39
C ARG C 51 -5.07 38.63 -36.34
N GLY C 52 -6.39 38.71 -36.43
CA GLY C 52 -7.28 38.04 -35.48
C GLY C 52 -7.02 36.56 -35.22
N CYS C 53 -6.62 35.82 -36.26
CA CYS C 53 -6.42 34.39 -36.05
C CYS C 53 -4.94 33.98 -35.84
N ASP C 54 -4.04 34.95 -35.76
CA ASP C 54 -2.61 34.64 -35.67
C ASP C 54 -2.30 34.27 -34.20
N LEU C 55 -1.25 33.50 -34.00
CA LEU C 55 -0.62 33.26 -32.65
C LEU C 55 -1.49 32.71 -31.51
N MET C 56 -2.53 31.95 -31.85
CA MET C 56 -3.53 31.54 -30.88
C MET C 56 -3.06 30.34 -30.07
N SER C 57 -2.42 29.35 -30.69
CA SER C 57 -1.94 28.18 -29.95
C SER C 57 -0.94 28.44 -28.80
N TYR C 58 -0.98 27.62 -27.74
CA TYR C 58 0.08 27.71 -26.73
C TYR C 58 1.45 27.46 -27.37
N PHE C 59 1.48 26.60 -28.40
CA PHE C 59 2.73 26.07 -28.94
C PHE C 59 3.19 26.82 -30.19
N SER C 60 4.46 27.20 -30.25
CA SER C 60 5.07 27.74 -31.50
C SER C 60 5.75 26.70 -32.40
N ASP C 61 6.57 25.82 -31.84
CA ASP C 61 7.35 24.89 -32.66
C ASP C 61 7.60 23.64 -31.88
N MET C 62 6.95 22.54 -32.23
CA MET C 62 7.22 21.31 -31.46
C MET C 62 8.57 20.71 -31.85
N THR C 63 9.17 21.24 -32.93
CA THR C 63 10.56 20.88 -33.27
C THR C 63 11.61 21.31 -32.21
N ASN C 64 11.39 22.43 -31.51
CA ASN C 64 12.36 22.94 -30.53
C ASN C 64 12.13 22.48 -29.11
N LEU C 65 13.22 22.25 -28.40
CA LEU C 65 13.19 21.99 -26.95
C LEU C 65 12.34 23.05 -26.27
N CYS C 66 12.57 24.32 -26.66
CA CYS C 66 11.72 25.45 -26.25
C CYS C 66 10.61 25.71 -27.27
N TRP C 67 9.50 25.02 -27.06
CA TRP C 67 8.45 24.90 -28.05
C TRP C 67 7.57 26.12 -28.16
N PHE C 68 7.81 27.04 -27.25
CA PHE C 68 7.08 28.28 -27.29
C PHE C 68 7.89 29.43 -27.83
N LEU C 69 8.97 29.14 -28.55
CA LEU C 69 9.80 30.14 -29.23
C LEU C 69 9.37 30.30 -30.67
N GLU C 70 9.18 31.51 -31.10
CA GLU C 70 8.67 31.77 -32.41
C GLU C 70 9.87 31.79 -33.44
N PRO C 71 9.84 30.90 -34.47
CA PRO C 71 10.96 30.73 -35.42
C PRO C 71 11.52 32.05 -35.99
N GLU C 72 10.66 33.04 -36.21
CA GLU C 72 11.08 34.29 -36.80
C GLU C 72 11.96 35.05 -35.88
N LEU C 73 11.62 35.00 -34.59
CA LEU C 73 12.47 35.47 -33.48
C LEU C 73 13.80 34.72 -33.33
N GLU C 74 13.77 33.39 -33.34
CA GLU C 74 15.01 32.59 -33.43
C GLU C 74 15.88 33.03 -34.62
N ASP C 75 15.27 33.19 -35.78
CA ASP C 75 15.96 33.60 -36.99
C ASP C 75 16.57 34.99 -36.85
N ALA C 76 15.80 35.95 -36.34
CA ALA C 76 16.32 37.25 -35.91
C ALA C 76 17.42 37.27 -34.83
N ILE C 77 17.27 36.46 -33.77
CA ILE C 77 18.30 36.38 -32.72
C ILE C 77 19.67 36.06 -33.35
N LYS C 78 19.72 34.97 -34.15
CA LYS C 78 20.94 34.43 -34.77
C LYS C 78 21.56 35.39 -35.77
N ASP C 79 20.77 35.86 -36.73
CA ASP C 79 21.22 36.86 -37.68
C ASP C 79 21.79 38.14 -37.03
N LEU C 80 21.21 38.52 -35.89
CA LEU C 80 21.67 39.73 -35.15
C LEU C 80 23.01 39.51 -34.52
N HIS C 81 23.16 38.44 -33.74
CA HIS C 81 24.44 38.01 -33.25
C HIS C 81 25.45 37.70 -34.35
N GLY C 82 24.93 37.36 -35.55
CA GLY C 82 25.77 37.04 -36.69
C GLY C 82 26.39 38.31 -37.23
N VAL C 83 25.66 39.40 -37.19
CA VAL C 83 26.13 40.67 -37.75
C VAL C 83 27.00 41.44 -36.74
N VAL C 84 26.73 41.28 -35.45
CA VAL C 84 27.40 42.07 -34.46
C VAL C 84 28.63 41.34 -34.03
N GLY C 85 28.55 40.01 -34.07
CA GLY C 85 29.64 39.14 -33.65
C GLY C 85 29.90 39.05 -32.17
N ASN C 86 28.90 39.27 -31.30
CA ASN C 86 29.15 39.30 -29.86
C ASN C 86 28.91 37.98 -29.12
N ALA C 87 28.26 37.06 -29.82
CA ALA C 87 27.90 35.76 -29.22
C ALA C 87 27.82 34.71 -30.28
N ALA C 88 28.29 33.52 -29.90
CA ALA C 88 28.16 32.31 -30.73
C ALA C 88 26.76 31.68 -30.52
N THR C 89 26.01 31.44 -31.61
CA THR C 89 24.66 30.86 -31.52
C THR C 89 24.54 29.37 -31.95
N GLU C 90 25.65 28.72 -32.30
CA GLU C 90 25.60 27.43 -32.97
C GLU C 90 25.68 26.25 -32.00
N ASP C 91 25.12 25.11 -32.39
CA ASP C 91 25.14 23.89 -31.56
C ASP C 91 24.75 24.15 -30.09
N ARG C 92 23.81 25.08 -29.90
CA ARG C 92 23.24 25.39 -28.60
C ARG C 92 21.73 25.64 -28.71
N TYR C 93 21.09 25.72 -27.56
CA TYR C 93 19.63 25.91 -27.48
C TYR C 93 19.29 27.34 -27.10
N ILE C 94 18.26 27.89 -27.72
CA ILE C 94 17.81 29.21 -27.38
C ILE C 94 16.49 29.22 -26.65
N VAL C 95 16.46 29.91 -25.52
CA VAL C 95 15.24 29.95 -24.68
C VAL C 95 14.86 31.40 -24.54
N VAL C 96 13.64 31.72 -24.93
CA VAL C 96 13.05 33.05 -24.81
C VAL C 96 12.40 33.15 -23.43
N GLY C 97 12.48 34.33 -22.81
CA GLY C 97 11.77 34.56 -21.53
C GLY C 97 11.01 35.86 -21.50
N THR C 98 10.15 36.01 -20.50
CA THR C 98 9.48 37.29 -20.20
C THR C 98 10.50 38.28 -19.61
N GLY C 99 11.24 38.93 -20.52
CA GLY C 99 12.50 39.59 -20.13
C GLY C 99 13.62 38.62 -19.71
N SER C 100 14.83 39.18 -19.52
CA SER C 100 15.99 38.46 -19.01
C SER C 100 15.73 38.10 -17.59
N THR C 101 14.80 38.80 -16.97
CA THR C 101 14.55 38.61 -15.54
C THR C 101 13.98 37.24 -15.31
N GLN C 102 13.02 36.80 -16.13
CA GLN C 102 12.48 35.45 -15.97
C GLN C 102 13.51 34.38 -16.29
N LEU C 103 14.26 34.61 -17.36
CA LEU C 103 15.42 33.80 -17.85
C LEU C 103 16.51 33.57 -16.78
N CYS C 104 16.87 34.62 -16.08
CA CYS C 104 17.85 34.49 -15.03
C CYS C 104 17.32 33.64 -13.86
N GLN C 105 16.03 33.75 -13.60
CA GLN C 105 15.36 32.95 -12.58
C GLN C 105 15.16 31.50 -12.99
N ALA C 106 14.91 31.28 -14.27
CA ALA C 106 14.87 29.97 -14.90
C ALA C 106 16.21 29.26 -14.90
N ALA C 107 17.29 29.97 -15.18
CA ALA C 107 18.61 29.36 -15.18
C ALA C 107 19.04 28.95 -13.78
N VAL C 108 18.83 29.83 -12.80
CA VAL C 108 19.12 29.52 -11.38
C VAL C 108 18.30 28.30 -10.90
N HIS C 109 16.99 28.32 -11.15
CA HIS C 109 16.08 27.21 -10.87
C HIS C 109 16.54 25.94 -11.53
N ALA C 110 17.00 26.06 -12.78
CA ALA C 110 17.42 24.92 -13.58
C ALA C 110 18.77 24.36 -13.11
N LEU C 111 19.77 25.20 -12.93
CA LEU C 111 21.03 24.72 -12.38
C LEU C 111 20.89 24.17 -10.95
N SER C 112 20.01 24.75 -10.15
CA SER C 112 19.78 24.25 -8.78
C SER C 112 19.15 22.87 -8.71
N SER C 113 18.24 22.60 -9.66
CA SER C 113 17.54 21.32 -9.85
C SER C 113 18.45 20.19 -10.33
N LEU C 114 19.42 20.51 -11.18
CA LEU C 114 20.35 19.51 -11.70
C LEU C 114 21.52 19.29 -10.77
N ALA C 115 21.65 20.15 -9.77
CA ALA C 115 22.68 20.01 -8.75
C ALA C 115 22.43 18.74 -7.97
N ARG C 116 23.44 18.29 -7.22
CA ARG C 116 23.29 17.11 -6.34
C ARG C 116 22.87 17.46 -4.91
N SER C 117 22.87 18.74 -4.56
CA SER C 117 22.47 19.15 -3.22
C SER C 117 21.81 20.53 -3.23
N GLN C 118 20.90 20.77 -2.29
CA GLN C 118 20.24 22.05 -2.14
C GLN C 118 20.22 22.50 -0.66
N PRO C 119 20.28 23.83 -0.41
CA PRO C 119 20.30 24.94 -1.38
C PRO C 119 21.65 25.17 -2.12
N VAL C 120 21.56 25.47 -3.41
CA VAL C 120 22.72 25.88 -4.16
C VAL C 120 23.07 27.28 -3.69
N SER C 121 24.36 27.62 -3.72
CA SER C 121 24.79 28.99 -3.45
C SER C 121 24.73 29.89 -4.69
N VAL C 122 24.21 31.10 -4.49
CA VAL C 122 24.18 32.10 -5.57
C VAL C 122 24.94 33.37 -5.09
N VAL C 123 25.93 33.75 -5.89
CA VAL C 123 26.89 34.78 -5.53
C VAL C 123 27.13 35.64 -6.77
N ALA C 124 27.46 36.91 -6.54
CA ALA C 124 27.84 37.86 -7.59
C ALA C 124 28.93 38.74 -7.05
N ALA C 125 29.90 39.07 -7.90
CA ALA C 125 30.97 39.98 -7.51
C ALA C 125 30.45 41.39 -7.17
N ALA C 126 30.71 41.87 -5.95
CA ALA C 126 30.41 43.27 -5.58
C ALA C 126 31.23 44.36 -6.34
N PRO C 127 30.61 45.55 -6.63
CA PRO C 127 29.17 45.85 -6.56
C PRO C 127 28.30 45.09 -7.60
N PHE C 128 27.22 44.46 -7.11
CA PHE C 128 26.31 43.68 -7.96
C PHE C 128 24.96 44.36 -8.32
N TYR C 129 24.30 43.86 -9.36
CA TYR C 129 22.98 44.30 -9.79
C TYR C 129 21.92 43.93 -8.75
N SER C 130 21.39 44.95 -8.06
CA SER C 130 20.45 44.80 -6.90
C SER C 130 19.32 43.83 -7.14
N THR C 131 18.66 43.97 -8.29
CA THR C 131 17.53 43.10 -8.62
C THR C 131 17.85 41.59 -8.49
N TYR C 132 19.13 41.19 -8.59
CA TYR C 132 19.52 39.80 -8.30
C TYR C 132 19.14 39.38 -6.87
N VAL C 133 19.22 40.29 -5.91
CA VAL C 133 18.93 39.95 -4.53
C VAL C 133 17.50 39.39 -4.38
N GLU C 134 16.50 40.23 -4.62
CA GLU C 134 15.08 39.89 -4.54
C GLU C 134 14.68 38.69 -5.41
N GLU C 135 15.11 38.70 -6.68
CA GLU C 135 14.93 37.58 -7.61
C GLU C 135 15.30 36.22 -7.01
N THR C 136 16.37 36.19 -6.21
CA THR C 136 16.84 34.97 -5.53
C THR C 136 16.40 34.90 -4.06
N THR C 137 15.49 35.78 -3.66
CA THR C 137 15.03 35.95 -2.29
C THR C 137 13.48 35.80 -2.12
N TYR C 138 12.74 36.37 -3.06
CA TYR C 138 11.29 36.62 -2.86
C TYR C 138 10.31 35.43 -2.63
N VAL C 139 10.60 34.26 -3.19
CA VAL C 139 9.70 33.10 -3.07
C VAL C 139 10.12 32.12 -1.97
N ARG C 140 11.15 32.51 -1.19
CA ARG C 140 11.65 31.71 -0.07
C ARG C 140 11.82 30.26 -0.52
N SER C 141 12.66 30.11 -1.53
CA SER C 141 12.95 28.81 -2.15
C SER C 141 14.04 28.02 -1.40
N GLY C 142 13.82 26.71 -1.24
CA GLY C 142 14.79 25.86 -0.59
C GLY C 142 15.86 25.27 -1.52
N MET C 143 15.87 25.68 -2.79
CA MET C 143 16.75 25.05 -3.77
C MET C 143 17.99 25.89 -4.15
N TYR C 144 17.91 27.19 -3.87
CA TYR C 144 19.09 28.07 -3.93
C TYR C 144 19.13 28.99 -2.70
N LYS C 145 20.32 29.52 -2.42
CA LYS C 145 20.54 30.45 -1.31
C LYS C 145 21.46 31.61 -1.75
N TRP C 146 20.91 32.81 -1.74
CA TRP C 146 21.67 34.02 -2.04
C TRP C 146 22.73 34.23 -0.98
N GLU C 147 23.99 34.18 -1.41
CA GLU C 147 25.15 34.38 -0.53
C GLU C 147 25.78 35.78 -0.60
N GLY C 148 25.57 36.48 -1.70
CA GLY C 148 26.08 37.83 -1.80
C GLY C 148 27.36 37.87 -2.61
N ASP C 149 28.43 38.39 -2.03
CA ASP C 149 29.62 38.71 -2.79
C ASP C 149 30.46 37.45 -3.13
N ALA C 150 30.97 37.42 -4.36
CA ALA C 150 31.76 36.27 -4.85
C ALA C 150 33.19 36.36 -4.38
N TRP C 151 33.71 37.59 -4.24
CA TRP C 151 35.01 37.86 -3.58
C TRP C 151 35.07 37.40 -2.12
N GLY C 152 33.91 37.40 -1.45
CA GLY C 152 33.80 36.97 -0.06
C GLY C 152 33.42 35.51 0.13
N PHE C 153 33.23 34.80 -0.98
CA PHE C 153 32.72 33.41 -0.97
C PHE C 153 33.82 32.32 -0.99
N ASP C 154 33.84 31.54 0.08
CA ASP C 154 34.85 30.51 0.28
C ASP C 154 34.16 29.19 0.57
N LYS C 155 32.84 29.26 0.75
CA LYS C 155 32.00 28.10 1.04
C LYS C 155 32.14 26.96 0.01
N LYS C 156 32.59 25.81 0.50
CA LYS C 156 32.73 24.60 -0.28
C LYS C 156 31.32 24.11 -0.66
N GLY C 157 31.18 23.54 -1.86
CA GLY C 157 29.87 23.07 -2.35
C GLY C 157 29.30 23.72 -3.62
N PRO C 158 28.17 23.17 -4.15
CA PRO C 158 27.47 23.68 -5.34
C PRO C 158 27.09 25.18 -5.30
N TYR C 159 27.53 25.92 -6.32
CA TYR C 159 27.23 27.36 -6.42
C TYR C 159 27.03 27.83 -7.85
N ILE C 160 26.24 28.90 -7.98
CA ILE C 160 26.04 29.61 -9.25
C ILE C 160 26.60 31.03 -9.12
N GLU C 161 27.58 31.35 -9.95
CA GLU C 161 28.15 32.69 -9.96
C GLU C 161 27.50 33.54 -11.06
N LEU C 162 26.99 34.71 -10.67
CA LEU C 162 26.41 35.65 -11.61
C LEU C 162 27.39 36.70 -12.18
N VAL C 163 27.68 36.57 -13.47
CA VAL C 163 28.68 37.41 -14.07
C VAL C 163 27.96 38.34 -15.05
N THR C 164 27.68 39.56 -14.58
CA THR C 164 27.14 40.60 -15.42
C THR C 164 28.30 41.28 -16.07
N SER C 165 28.29 41.39 -17.40
CA SER C 165 29.31 42.13 -18.15
C SER C 165 28.80 42.63 -19.52
N PRO C 166 28.91 43.95 -19.78
CA PRO C 166 29.24 45.03 -18.83
C PRO C 166 28.36 45.04 -17.57
N ASN C 167 28.96 45.38 -16.43
CA ASN C 167 28.35 45.15 -15.10
C ASN C 167 27.30 46.22 -14.82
N ASN C 168 26.36 45.88 -13.95
CA ASN C 168 25.36 46.79 -13.43
C ASN C 168 25.58 46.60 -11.96
N PRO C 169 25.94 47.67 -11.23
CA PRO C 169 25.98 49.10 -11.54
C PRO C 169 27.26 49.72 -12.14
N ASP C 170 28.43 49.20 -11.78
CA ASP C 170 29.68 49.92 -12.07
C ASP C 170 30.20 49.87 -13.53
N GLY C 171 29.40 49.39 -14.49
CA GLY C 171 29.79 49.36 -15.94
C GLY C 171 30.93 48.45 -16.41
N THR C 172 31.55 47.78 -15.47
CA THR C 172 32.76 47.01 -15.71
C THR C 172 32.61 45.82 -16.66
N ILE C 173 33.73 45.43 -17.29
CA ILE C 173 33.86 44.15 -18.00
C ILE C 173 34.38 43.10 -17.04
N ARG C 174 33.59 42.07 -16.82
CA ARG C 174 33.85 41.12 -15.73
C ARG C 174 34.03 39.70 -16.25
N GLU C 175 34.58 38.87 -15.36
CA GLU C 175 34.81 37.47 -15.61
C GLU C 175 34.49 36.78 -14.25
N THR C 176 34.37 35.47 -14.24
CA THR C 176 34.12 34.77 -12.98
C THR C 176 35.21 35.19 -12.00
N VAL C 177 34.88 35.36 -10.72
CA VAL C 177 35.93 35.76 -9.76
C VAL C 177 36.33 34.59 -8.89
N VAL C 178 35.34 33.84 -8.41
CA VAL C 178 35.63 32.73 -7.53
C VAL C 178 36.06 31.49 -8.33
N ALA C 186 30.29 23.51 -9.97
CA ALA C 186 30.54 24.98 -10.02
C ALA C 186 30.09 25.66 -11.33
N LYS C 187 28.91 26.30 -11.28
CA LYS C 187 28.18 26.82 -12.46
C LYS C 187 28.08 28.36 -12.50
N VAL C 188 27.92 28.89 -13.72
CA VAL C 188 28.05 30.33 -14.00
C VAL C 188 27.03 30.75 -15.05
N ILE C 189 26.37 31.88 -14.77
CA ILE C 189 25.46 32.51 -15.70
C ILE C 189 26.15 33.78 -16.13
N HIS C 190 26.17 34.03 -17.44
CA HIS C 190 26.67 35.30 -18.00
C HIS C 190 25.56 36.17 -18.54
N ASP C 191 25.42 37.38 -17.99
CA ASP C 191 24.41 38.35 -18.35
C ASP C 191 24.97 39.43 -19.23
N PHE C 192 24.77 39.29 -20.52
CA PHE C 192 25.27 40.24 -21.47
C PHE C 192 24.21 41.22 -21.89
N ALA C 193 23.32 41.55 -20.96
CA ALA C 193 22.28 42.55 -21.16
C ALA C 193 22.82 43.78 -21.96
N TYR C 194 23.98 44.30 -21.56
CA TYR C 194 24.57 45.50 -22.18
C TYR C 194 25.78 45.28 -23.11
N TYR C 195 26.04 44.04 -23.50
CA TYR C 195 27.16 43.72 -24.35
C TYR C 195 26.85 44.02 -25.82
N TRP C 196 26.74 45.30 -26.18
CA TRP C 196 26.46 45.67 -27.57
C TRP C 196 27.35 46.82 -28.00
N PRO C 197 27.58 47.00 -29.32
CA PRO C 197 28.47 48.04 -29.85
C PRO C 197 28.22 49.46 -29.32
N HIS C 198 26.98 49.82 -29.00
CA HIS C 198 26.67 51.15 -28.50
C HIS C 198 27.02 51.41 -27.01
N TYR C 199 27.35 50.37 -26.26
CA TYR C 199 27.79 50.51 -24.85
C TYR C 199 29.24 50.17 -24.67
N THR C 200 29.77 49.36 -25.55
CA THR C 200 31.08 48.75 -25.29
C THR C 200 31.62 48.10 -26.54
N PRO C 201 32.94 48.24 -26.82
CA PRO C 201 33.64 47.57 -27.90
C PRO C 201 33.44 46.09 -27.86
N ILE C 202 33.18 45.51 -29.03
CA ILE C 202 32.97 44.09 -29.08
C ILE C 202 34.32 43.43 -29.27
N THR C 203 34.95 43.12 -28.15
CA THR C 203 36.29 42.54 -28.15
C THR C 203 36.30 41.02 -28.37
N ARG C 204 35.24 40.32 -27.94
CA ARG C 204 35.13 38.90 -28.22
C ARG C 204 33.73 38.35 -28.55
N ARG C 205 33.70 37.39 -29.46
CA ARG C 205 32.53 36.57 -29.77
C ARG C 205 32.36 35.66 -28.56
N GLN C 206 31.50 36.05 -27.64
CA GLN C 206 31.22 35.26 -26.42
C GLN C 206 30.69 33.86 -26.70
N ASP C 207 31.14 32.92 -25.89
CA ASP C 207 30.88 31.54 -26.16
C ASP C 207 30.86 30.74 -24.87
N HIS C 208 30.14 31.24 -23.87
CA HIS C 208 30.08 30.52 -22.60
C HIS C 208 28.87 29.61 -22.53
N ASP C 209 28.70 28.99 -21.38
CA ASP C 209 27.68 27.97 -21.22
C ASP C 209 26.24 28.47 -21.20
N ILE C 210 26.03 29.62 -20.56
CA ILE C 210 24.72 30.26 -20.35
C ILE C 210 24.96 31.76 -20.58
N MET C 211 24.48 32.28 -21.73
CA MET C 211 24.56 33.68 -22.00
C MET C 211 23.14 34.25 -22.11
N LEU C 212 22.83 35.23 -21.24
CA LEU C 212 21.52 35.98 -21.17
C LEU C 212 21.59 37.32 -21.87
N PHE C 213 20.64 37.58 -22.77
CA PHE C 213 20.52 38.84 -23.51
C PHE C 213 19.14 39.48 -23.28
N THR C 214 19.03 40.80 -23.23
CA THR C 214 17.70 41.39 -23.06
C THR C 214 17.37 42.35 -24.21
N PHE C 215 16.16 42.24 -24.75
CA PHE C 215 15.70 43.08 -25.83
C PHE C 215 15.57 44.54 -25.38
N SER C 216 15.28 44.71 -24.12
CA SER C 216 15.23 46.01 -23.48
C SER C 216 16.46 46.87 -23.57
N ILE C 218 18.69 46.97 -25.48
CA ILE C 218 19.45 46.95 -26.74
C ILE C 218 18.82 48.06 -27.56
N THR C 219 17.52 47.97 -27.73
CA THR C 219 16.71 48.98 -28.39
C THR C 219 15.83 49.84 -27.47
N GLY C 220 15.69 49.48 -26.20
CA GLY C 220 14.80 50.24 -25.36
C GLY C 220 13.33 49.88 -25.44
N HIS C 221 13.05 48.73 -26.06
CA HIS C 221 11.74 48.09 -26.05
C HIS C 221 11.54 47.24 -24.79
N ALA C 222 11.53 47.92 -23.63
CA ALA C 222 11.40 47.30 -22.35
C ALA C 222 10.02 46.77 -22.14
N GLY C 223 9.05 47.50 -22.67
CA GLY C 223 7.63 47.11 -22.65
C GLY C 223 7.28 45.83 -23.42
N SER C 224 8.17 45.37 -24.27
CA SER C 224 7.96 44.06 -24.93
C SER C 224 8.13 42.85 -24.00
N ARG C 225 8.89 43.03 -22.92
CA ARG C 225 9.21 41.92 -22.01
C ARG C 225 9.73 40.71 -22.73
N ILE C 226 10.95 40.78 -23.23
CA ILE C 226 11.53 39.71 -24.04
C ILE C 226 13.01 39.74 -23.85
N GLY C 227 13.53 38.56 -23.61
CA GLY C 227 14.97 38.32 -23.46
C GLY C 227 15.20 36.93 -23.98
N TRP C 228 16.47 36.56 -24.15
CA TRP C 228 16.84 35.21 -24.62
C TRP C 228 18.10 34.73 -23.93
N ALA C 229 18.19 33.40 -23.85
CA ALA C 229 19.30 32.65 -23.25
C ALA C 229 19.91 31.77 -24.34
N LEU C 230 21.24 31.71 -24.37
CA LEU C 230 22.00 30.82 -25.22
C LEU C 230 22.57 29.75 -24.29
N VAL C 231 22.09 28.51 -24.45
CA VAL C 231 22.39 27.45 -23.49
C VAL C 231 22.95 26.31 -24.32
N LYS C 232 24.14 25.88 -23.94
CA LYS C 232 24.88 24.87 -24.69
C LYS C 232 24.49 23.53 -24.14
N ASP C 233 24.36 23.46 -22.83
CA ASP C 233 23.88 22.25 -22.18
C ASP C 233 22.35 21.94 -22.38
N LYS C 234 22.04 20.82 -23.03
CA LYS C 234 20.65 20.52 -23.41
C LYS C 234 19.71 20.30 -22.21
N GLU C 235 20.31 19.75 -21.17
CA GLU C 235 19.61 19.35 -19.98
C GLU C 235 19.29 20.59 -19.17
N VAL C 236 20.23 21.55 -19.14
CA VAL C 236 20.01 22.84 -18.53
C VAL C 236 18.90 23.54 -19.24
N ALA C 237 19.02 23.57 -20.56
CA ALA C 237 18.06 24.20 -21.42
C ALA C 237 16.63 23.65 -21.23
N LYS C 238 16.50 22.32 -21.21
CA LYS C 238 15.19 21.68 -20.99
C LYS C 238 14.52 22.11 -19.70
N LYS C 239 15.29 22.23 -18.62
CA LYS C 239 14.78 22.50 -17.28
C LYS C 239 14.39 23.97 -17.15
N MET C 240 15.08 24.80 -17.89
CA MET C 240 14.77 26.22 -17.95
C MET C 240 13.42 26.37 -18.60
N VAL C 241 13.23 25.68 -19.72
CA VAL C 241 11.94 25.61 -20.40
C VAL C 241 10.85 25.10 -19.40
N GLU C 242 11.08 23.95 -18.79
CA GLU C 242 10.12 23.45 -17.82
C GLU C 242 9.70 24.52 -16.82
N TYR C 243 10.63 25.38 -16.44
CA TYR C 243 10.34 26.45 -15.50
C TYR C 243 9.29 27.42 -16.02
N ILE C 244 9.62 28.07 -17.11
CA ILE C 244 8.74 28.97 -17.84
C ILE C 244 7.34 28.39 -18.11
N ILE C 245 7.27 27.17 -18.60
CA ILE C 245 5.97 26.46 -18.65
C ILE C 245 5.11 26.56 -17.41
N VAL C 246 5.68 26.22 -16.25
CA VAL C 246 4.90 26.26 -15.01
C VAL C 246 4.63 27.67 -14.61
N ASN C 247 5.67 28.48 -14.73
CA ASN C 247 5.66 29.88 -14.33
C ASN C 247 4.63 30.72 -15.06
N SER C 248 4.51 30.51 -16.37
CA SER C 248 3.72 31.41 -17.18
C SER C 248 3.24 30.80 -18.49
N ILE C 249 3.55 29.51 -18.69
CA ILE C 249 3.27 28.77 -19.92
C ILE C 249 3.79 29.52 -21.18
N GLY C 250 5.05 29.96 -21.13
CA GLY C 250 5.62 30.67 -22.24
C GLY C 250 5.62 32.17 -22.08
N VAL C 251 5.60 32.82 -23.24
CA VAL C 251 5.98 34.19 -23.39
C VAL C 251 5.04 34.68 -24.53
N SER C 252 4.49 35.87 -24.37
CA SER C 252 3.61 36.43 -25.34
C SER C 252 4.12 36.24 -26.78
N LYS C 253 3.35 35.59 -27.63
CA LYS C 253 3.74 35.40 -29.02
C LYS C 253 3.87 36.70 -29.73
N GLU C 254 3.03 37.66 -29.39
CA GLU C 254 3.04 38.96 -30.10
C GLU C 254 4.29 39.78 -29.76
N SER C 255 4.78 39.66 -28.53
CA SER C 255 6.05 40.24 -28.13
C SER C 255 7.17 39.68 -29.00
N GLN C 256 7.14 38.36 -29.17
CA GLN C 256 8.13 37.61 -29.97
C GLN C 256 8.06 38.03 -31.44
N VAL C 257 6.86 38.20 -31.93
CA VAL C 257 6.67 38.55 -33.32
C VAL C 257 7.09 40.00 -33.55
N ARG C 258 6.73 40.88 -32.64
CA ARG C 258 7.24 42.25 -32.70
C ARG C 258 8.75 42.44 -32.53
N THR C 259 9.34 41.77 -31.55
CA THR C 259 10.80 41.72 -31.38
C THR C 259 11.55 41.30 -32.65
N ALA C 260 11.10 40.24 -33.32
CA ALA C 260 11.64 39.84 -34.59
C ALA C 260 11.66 40.94 -35.63
N LYS C 261 10.57 41.68 -35.78
CA LYS C 261 10.53 42.79 -36.74
C LYS C 261 11.56 43.81 -36.39
N ILE C 262 11.38 44.48 -35.26
CA ILE C 262 12.38 45.39 -34.69
C ILE C 262 13.82 44.95 -34.90
N LEU C 263 14.19 43.74 -34.42
CA LEU C 263 15.56 43.23 -34.59
C LEU C 263 15.99 43.08 -36.06
N ASN C 264 15.02 42.74 -36.93
CA ASN C 264 15.29 42.67 -38.39
C ASN C 264 15.53 44.02 -38.99
N VAL C 265 14.74 45.01 -38.60
CA VAL C 265 14.93 46.39 -39.03
C VAL C 265 16.29 46.92 -38.63
N LEU C 266 16.75 46.54 -37.45
CA LEU C 266 18.00 46.98 -36.89
C LEU C 266 19.19 46.34 -37.55
N LYS C 267 19.02 45.11 -38.01
CA LYS C 267 20.04 44.41 -38.78
C LYS C 267 20.22 45.03 -40.17
N GLU C 268 19.13 45.38 -40.85
CA GLU C 268 19.19 46.16 -42.10
C GLU C 268 20.03 47.43 -41.91
N THR C 269 19.86 48.07 -40.76
CA THR C 269 20.44 49.36 -40.42
C THR C 269 21.95 49.31 -40.29
N CYS C 270 22.49 48.15 -39.95
CA CYS C 270 23.92 47.96 -39.76
C CYS C 270 24.81 48.20 -40.99
N LYS C 271 24.19 48.25 -42.17
CA LYS C 271 24.89 48.49 -43.43
C LYS C 271 24.65 49.93 -43.91
N SER C 272 24.05 50.72 -43.04
CA SER C 272 23.69 52.11 -43.37
C SER C 272 24.91 53.03 -43.31
N GLU C 273 24.70 54.22 -43.84
CA GLU C 273 25.74 55.24 -43.90
C GLU C 273 25.46 56.33 -42.87
N SER C 274 24.34 57.02 -43.07
CA SER C 274 23.81 58.01 -42.12
C SER C 274 24.00 57.58 -40.66
N GLU C 275 24.39 58.55 -39.81
CA GLU C 275 24.71 58.24 -38.41
C GLU C 275 23.45 58.16 -37.55
N SER C 276 22.39 58.84 -37.99
CA SER C 276 21.08 58.74 -37.38
C SER C 276 20.39 57.47 -37.84
N GLU C 277 20.85 56.93 -38.96
CA GLU C 277 20.27 55.72 -39.55
C GLU C 277 20.74 54.48 -38.83
N ASN C 278 22.02 54.18 -38.97
CA ASN C 278 22.63 52.96 -38.44
C ASN C 278 22.41 53.01 -36.94
N PHE C 279 21.80 51.94 -36.40
CA PHE C 279 21.33 51.99 -35.03
C PHE C 279 22.45 52.08 -34.01
N PHE C 280 23.49 51.24 -34.15
CA PHE C 280 24.58 51.20 -33.17
C PHE C 280 25.48 52.47 -33.23
N LYS C 281 25.59 53.05 -34.42
CA LYS C 281 26.24 54.35 -34.59
C LYS C 281 25.44 55.47 -33.91
N TYR C 282 24.18 55.68 -34.28
CA TYR C 282 23.27 56.54 -33.49
C TYR C 282 23.40 56.40 -31.95
N GLY C 283 23.35 55.18 -31.42
CA GLY C 283 23.37 55.00 -29.96
C GLY C 283 24.73 55.23 -29.30
N ARG C 284 25.78 54.64 -29.87
CA ARG C 284 27.15 54.97 -29.46
C ARG C 284 27.45 56.49 -29.39
N GLU C 285 26.96 57.23 -30.36
CA GLU C 285 27.13 58.66 -30.39
C GLU C 285 26.28 59.31 -29.31
N MET C 286 25.10 58.75 -29.07
CA MET C 286 24.23 59.28 -28.03
C MET C 286 24.89 59.04 -26.68
N MET C 287 25.37 57.83 -26.47
CA MET C 287 25.99 57.50 -25.19
C MET C 287 27.27 58.28 -24.95
N LYS C 288 28.07 58.40 -26.03
CA LYS C 288 29.33 59.17 -26.07
C LYS C 288 29.14 60.52 -25.46
N ASN C 289 28.26 61.28 -26.08
CA ASN C 289 27.93 62.63 -25.70
C ASN C 289 27.44 62.80 -24.27
N ARG C 290 26.47 61.97 -23.90
CA ARG C 290 25.94 61.93 -22.56
C ARG C 290 27.01 61.76 -21.53
N TRP C 291 27.93 60.85 -21.81
CA TRP C 291 29.04 60.55 -20.91
C TRP C 291 30.07 61.68 -20.92
N GLU C 292 30.14 62.39 -22.05
CA GLU C 292 31.03 63.54 -22.22
C GLU C 292 30.56 64.72 -21.39
N LYS C 293 29.32 65.16 -21.62
CA LYS C 293 28.71 66.20 -20.76
C LYS C 293 28.84 65.85 -19.28
N LEU C 294 28.41 64.65 -18.89
CA LEU C 294 28.45 64.24 -17.48
C LEU C 294 29.84 64.31 -16.90
N ARG C 295 30.82 63.90 -17.68
CA ARG C 295 32.21 63.85 -17.22
C ARG C 295 32.73 65.26 -16.92
N GLU C 296 32.34 66.18 -17.80
CA GLU C 296 32.50 67.60 -17.61
C GLU C 296 32.04 68.05 -16.21
N VAL C 297 30.77 67.78 -15.89
CA VAL C 297 30.16 68.15 -14.59
C VAL C 297 30.89 67.59 -13.36
N VAL C 298 31.37 66.36 -13.44
CA VAL C 298 32.10 65.74 -12.32
C VAL C 298 33.51 66.32 -12.21
N LYS C 299 34.01 66.84 -13.33
CA LYS C 299 35.37 67.36 -13.40
C LYS C 299 35.41 68.68 -12.66
N GLU C 300 34.54 69.61 -13.06
CA GLU C 300 34.53 70.92 -12.46
C GLU C 300 33.94 70.93 -11.05
N SER C 301 33.33 69.80 -10.68
CA SER C 301 32.95 69.53 -9.30
C SER C 301 34.15 68.90 -8.60
N ASP C 302 34.30 69.20 -7.31
CA ASP C 302 35.40 68.64 -6.55
C ASP C 302 34.95 67.39 -5.78
N ALA C 303 33.63 67.25 -5.63
CA ALA C 303 33.01 66.22 -4.78
C ALA C 303 32.84 64.81 -5.41
N PHE C 304 32.40 64.76 -6.67
CA PHE C 304 31.97 63.49 -7.27
C PHE C 304 33.08 62.68 -7.97
N THR C 305 33.00 61.35 -7.79
CA THR C 305 33.76 60.35 -8.54
C THR C 305 32.89 59.57 -9.51
N LEU C 306 33.56 58.74 -10.30
CA LEU C 306 32.97 58.13 -11.47
C LEU C 306 34.04 57.19 -12.02
N PRO C 307 33.67 55.94 -12.39
CA PRO C 307 34.65 55.02 -12.92
C PRO C 307 35.38 55.47 -14.20
N LYS C 308 36.53 54.84 -14.40
CA LYS C 308 37.30 54.99 -15.60
C LYS C 308 37.31 53.62 -16.30
N TYR C 309 37.19 53.65 -17.62
CA TYR C 309 37.13 52.44 -18.43
C TYR C 309 38.26 52.42 -19.47
N PRO C 310 39.10 51.35 -19.47
CA PRO C 310 40.09 51.19 -20.55
C PRO C 310 39.47 51.24 -21.95
N GLU C 311 40.31 51.67 -22.90
CA GLU C 311 39.99 51.63 -24.33
C GLU C 311 40.38 50.25 -24.90
N ALA C 312 39.58 49.73 -25.83
CA ALA C 312 39.73 48.39 -26.38
C ALA C 312 39.35 48.39 -27.84
N PHE C 313 39.84 47.41 -28.59
CA PHE C 313 39.46 47.28 -29.99
C PHE C 313 38.06 46.69 -30.20
N CYS C 314 37.32 47.30 -31.13
CA CYS C 314 36.00 46.86 -31.45
C CYS C 314 35.94 46.14 -32.77
N ASN C 315 35.59 44.86 -32.68
CA ASN C 315 35.50 44.00 -33.80
C ASN C 315 34.31 44.33 -34.65
N TYR C 316 33.31 44.98 -34.06
CA TYR C 316 32.12 45.37 -34.80
C TYR C 316 32.38 46.64 -35.62
N PHE C 317 32.90 47.70 -34.99
CA PHE C 317 33.18 48.94 -35.73
C PHE C 317 34.56 48.95 -36.44
N GLY C 318 35.48 48.10 -35.94
CA GLY C 318 36.84 47.95 -36.50
C GLY C 318 37.85 49.00 -36.09
N LYS C 319 37.52 49.81 -35.07
CA LYS C 319 38.39 50.84 -34.48
C LYS C 319 38.56 50.52 -32.99
N SER C 320 39.48 51.25 -32.35
CA SER C 320 39.60 51.25 -30.90
C SER C 320 38.64 52.31 -30.29
N LEU C 321 37.92 51.95 -29.24
CA LEU C 321 37.03 52.94 -28.66
C LEU C 321 36.78 52.75 -27.19
N GLU C 322 36.16 53.77 -26.60
CA GLU C 322 35.81 53.76 -25.18
C GLU C 322 34.41 53.14 -24.97
N SER C 323 34.18 52.63 -23.76
CA SER C 323 32.87 52.11 -23.39
C SER C 323 32.05 53.17 -22.62
N TYR C 324 30.75 53.23 -22.88
CA TYR C 324 29.89 54.25 -22.32
C TYR C 324 28.70 53.55 -21.69
N PRO C 325 28.87 53.05 -20.44
CA PRO C 325 27.79 52.26 -19.84
C PRO C 325 26.40 52.92 -19.87
N ALA C 326 25.39 52.08 -19.67
CA ALA C 326 24.03 52.52 -19.63
C ALA C 326 23.78 53.18 -18.27
N PHE C 327 24.75 53.05 -17.36
CA PHE C 327 24.60 53.56 -16.01
C PHE C 327 25.86 54.27 -15.51
N ALA C 328 25.69 55.36 -14.77
CA ALA C 328 26.81 56.02 -14.08
C ALA C 328 26.78 55.52 -12.66
N TRP C 329 27.95 55.10 -12.18
CA TRP C 329 28.14 54.62 -10.81
C TRP C 329 28.77 55.76 -10.05
N LEU C 330 27.91 56.72 -9.71
CA LEU C 330 28.33 58.03 -9.24
C LEU C 330 28.73 57.94 -7.79
N GLY C 331 29.95 58.40 -7.53
CA GLY C 331 30.53 58.26 -6.22
C GLY C 331 30.76 59.62 -5.63
N THR C 332 30.84 59.64 -4.31
CA THR C 332 31.22 60.85 -3.61
C THR C 332 32.63 60.65 -3.08
N LYS C 333 33.41 61.73 -3.01
CA LYS C 333 34.76 61.65 -2.46
C LYS C 333 34.75 61.46 -0.93
N GLU C 334 33.84 62.16 -0.25
CA GLU C 334 33.77 62.21 1.20
C GLU C 334 32.65 61.30 1.71
N GLU C 335 32.80 60.77 2.92
CA GLU C 335 31.76 59.91 3.50
C GLU C 335 30.43 60.66 3.56
N THR C 336 29.44 60.11 2.85
CA THR C 336 28.13 60.73 2.73
C THR C 336 27.07 59.67 2.53
N ASP C 337 25.81 60.09 2.67
CA ASP C 337 24.70 59.27 2.27
C ASP C 337 24.21 59.91 0.97
N LEU C 338 24.81 59.47 -0.13
CA LEU C 338 24.59 60.06 -1.44
C LEU C 338 23.17 59.83 -2.02
N VAL C 339 22.61 58.63 -1.84
CA VAL C 339 21.26 58.30 -2.32
C VAL C 339 20.20 59.17 -1.64
N SER C 340 20.50 59.53 -0.40
CA SER C 340 19.68 60.42 0.39
C SER C 340 19.98 61.90 0.10
N GLU C 341 21.21 62.20 -0.32
CA GLU C 341 21.50 63.58 -0.71
C GLU C 341 20.74 64.00 -1.97
N LEU C 342 20.80 63.18 -3.03
CA LEU C 342 20.12 63.47 -4.28
C LEU C 342 18.62 63.52 -4.10
N ARG C 343 18.12 62.76 -3.13
CA ARG C 343 16.68 62.71 -2.86
C ARG C 343 16.13 64.08 -2.45
N ARG C 344 16.95 64.83 -1.73
CA ARG C 344 16.63 66.17 -1.30
C ARG C 344 16.62 67.10 -2.49
N HIS C 345 17.21 66.65 -3.59
CA HIS C 345 17.24 67.45 -4.80
C HIS C 345 16.26 66.92 -5.82
N LYS C 346 15.39 66.02 -5.35
CA LYS C 346 14.38 65.36 -6.22
C LYS C 346 15.01 64.68 -7.42
N VAL C 347 16.16 64.04 -7.20
CA VAL C 347 16.78 63.19 -8.17
C VAL C 347 16.73 61.81 -7.52
N MET C 348 15.90 60.89 -8.05
CA MET C 348 15.85 59.53 -7.48
C MET C 348 16.96 58.72 -8.13
N SER C 349 17.59 57.84 -7.33
CA SER C 349 18.61 56.91 -7.80
C SER C 349 18.66 55.63 -7.00
N ARG C 350 19.52 54.73 -7.44
CA ARG C 350 19.61 53.46 -6.76
C ARG C 350 20.76 53.49 -5.76
N ALA C 351 20.45 53.19 -4.50
CA ALA C 351 21.39 53.16 -3.41
C ALA C 351 22.43 52.07 -3.64
N GLY C 352 23.71 52.47 -3.59
CA GLY C 352 24.84 51.55 -3.67
C GLY C 352 24.73 50.41 -2.69
N GLU C 353 24.11 50.70 -1.53
CA GLU C 353 24.03 49.72 -0.43
C GLU C 353 23.28 48.52 -0.91
N ARG C 354 22.34 48.79 -1.81
CA ARG C 354 21.48 47.79 -2.43
C ARG C 354 22.22 46.99 -3.49
N CYS C 355 23.33 47.54 -3.98
CA CYS C 355 24.18 46.90 -4.97
C CYS C 355 25.43 46.29 -4.39
N GLY C 356 25.38 45.94 -3.10
CA GLY C 356 26.51 45.36 -2.40
C GLY C 356 27.64 46.33 -2.11
N SER C 357 27.30 47.61 -1.95
CA SER C 357 28.26 48.69 -1.78
C SER C 357 27.92 49.58 -0.58
N ASP C 358 28.34 50.85 -0.63
CA ASP C 358 28.22 51.76 0.52
C ASP C 358 27.28 52.94 0.24
N LYS C 359 27.15 53.87 1.20
CA LYS C 359 26.35 55.10 1.02
C LYS C 359 27.00 56.21 0.17
N LYS C 360 28.22 55.99 -0.28
CA LYS C 360 28.99 56.97 -1.04
C LYS C 360 28.70 56.88 -2.51
N HIS C 361 28.17 55.73 -2.95
CA HIS C 361 27.86 55.51 -4.36
C HIS C 361 26.37 55.46 -4.61
N VAL C 362 26.02 55.87 -5.80
CA VAL C 362 24.66 55.65 -6.31
C VAL C 362 24.76 55.21 -7.75
N ARG C 363 23.76 54.45 -8.19
CA ARG C 363 23.60 54.02 -9.56
C ARG C 363 22.59 54.93 -10.23
N VAL C 364 22.99 55.55 -11.32
CA VAL C 364 22.10 56.47 -11.99
C VAL C 364 22.02 56.15 -13.50
N SER C 365 20.83 56.28 -14.06
CA SER C 365 20.47 55.86 -15.40
C SER C 365 20.85 56.83 -16.51
N MET C 366 21.54 56.30 -17.52
CA MET C 366 22.03 57.14 -18.59
C MET C 366 21.11 57.06 -19.77
N LEU C 367 20.02 56.30 -19.60
CA LEU C 367 19.13 55.99 -20.71
C LEU C 367 17.78 56.70 -20.68
N SER C 368 17.64 57.76 -19.90
CA SER C 368 16.37 58.43 -19.78
C SER C 368 16.24 59.33 -20.96
N ARG C 369 15.20 60.15 -20.98
CA ARG C 369 14.99 61.12 -22.03
C ARG C 369 16.03 62.26 -21.87
N GLU C 370 16.18 63.07 -22.92
CA GLU C 370 17.21 64.12 -23.00
C GLU C 370 17.11 65.08 -21.86
N ASP C 371 16.07 65.90 -21.91
CA ASP C 371 15.85 66.91 -20.90
C ASP C 371 15.98 66.31 -19.50
N VAL C 372 15.34 65.16 -19.25
CA VAL C 372 15.47 64.54 -17.90
C VAL C 372 16.93 64.46 -17.56
N PHE C 373 17.76 64.12 -18.53
CA PHE C 373 19.21 64.01 -18.33
C PHE C 373 19.88 65.41 -18.10
N ASN C 374 19.60 66.39 -18.98
CA ASN C 374 20.02 67.77 -18.78
C ASN C 374 19.69 68.19 -17.35
N VAL C 375 18.41 68.15 -16.98
CA VAL C 375 17.98 68.53 -15.64
C VAL C 375 18.77 67.91 -14.48
N PHE C 376 19.23 66.66 -14.65
CA PHE C 376 20.09 65.99 -13.68
C PHE C 376 21.56 66.53 -13.71
N LEU C 377 22.02 66.99 -14.86
CA LEU C 377 23.35 67.58 -14.90
C LEU C 377 23.35 68.91 -14.16
N GLU C 378 22.32 69.73 -14.45
CA GLU C 378 22.07 71.00 -13.72
C GLU C 378 22.11 70.83 -12.24
N ARG C 379 21.28 69.94 -11.73
CA ARG C 379 21.18 69.70 -10.31
C ARG C 379 22.44 69.12 -9.75
N LEU C 380 23.18 68.39 -10.58
CA LEU C 380 24.39 67.70 -10.15
C LEU C 380 25.50 68.72 -9.95
N ALA C 381 25.54 69.68 -10.89
CA ALA C 381 26.50 70.76 -10.86
C ALA C 381 26.19 71.59 -9.63
N ASN C 382 25.00 72.20 -9.65
CA ASN C 382 24.54 73.17 -8.67
C ASN C 382 24.47 72.62 -7.26
N MET C 383 24.62 71.32 -7.07
CA MET C 383 24.63 70.79 -5.70
C MET C 383 26.01 70.76 -5.07
N LYS C 384 26.01 70.76 -3.74
CA LYS C 384 27.24 70.72 -2.95
C LYS C 384 27.04 69.99 -1.63
N LEU C 385 28.16 69.50 -1.10
CA LEU C 385 28.22 68.73 0.14
C LEU C 385 29.25 69.42 1.07
N PRO D 19 -1.91 8.97 -44.58
CA PRO D 19 -2.53 7.93 -43.78
C PRO D 19 -3.59 8.54 -42.86
N MET D 20 -4.41 7.70 -42.21
CA MET D 20 -5.19 8.12 -41.01
C MET D 20 -4.61 7.51 -39.72
N SER D 21 -3.88 6.41 -39.85
CA SER D 21 -3.39 5.64 -38.69
C SER D 21 -2.34 6.34 -37.81
N ASP D 22 -1.51 7.17 -38.45
CA ASP D 22 -0.21 7.66 -37.91
C ASP D 22 -0.39 8.80 -36.91
N PHE D 23 -1.64 9.25 -36.86
CA PHE D 23 -2.19 10.37 -36.13
C PHE D 23 -2.30 10.05 -34.64
N VAL D 24 -1.40 10.52 -33.78
CA VAL D 24 -1.77 10.59 -32.33
C VAL D 24 -2.60 11.87 -32.08
N VAL D 25 -3.68 11.70 -31.33
CA VAL D 25 -4.65 12.77 -31.00
C VAL D 25 -4.44 13.21 -29.55
N ASN D 26 -3.89 14.40 -29.38
CA ASN D 26 -3.54 14.89 -28.04
C ASN D 26 -4.62 15.80 -27.43
N LEU D 27 -5.50 15.21 -26.60
CA LEU D 27 -6.62 15.92 -25.93
C LEU D 27 -6.27 16.10 -24.48
N ASP D 28 -4.95 16.14 -24.26
CA ASP D 28 -4.35 16.21 -22.96
C ASP D 28 -4.25 17.62 -22.49
N HIS D 29 -3.59 18.47 -23.28
CA HIS D 29 -3.52 19.88 -22.99
C HIS D 29 -4.86 20.46 -23.50
N GLY D 30 -5.34 21.54 -22.90
CA GLY D 30 -6.57 22.15 -23.36
C GLY D 30 -6.33 23.29 -24.39
N ASP D 31 -5.46 23.05 -25.36
CA ASP D 31 -5.03 24.11 -26.28
C ASP D 31 -6.27 24.42 -27.09
N PRO D 32 -6.84 25.65 -26.95
CA PRO D 32 -8.16 25.97 -27.52
C PRO D 32 -8.16 26.33 -29.01
N THR D 33 -7.62 25.45 -29.83
CA THR D 33 -7.59 25.68 -31.28
C THR D 33 -8.92 25.58 -31.97
N ALA D 34 -9.99 25.30 -31.23
CA ALA D 34 -11.34 25.21 -31.86
C ALA D 34 -11.77 26.53 -32.49
N TYR D 35 -11.26 27.63 -31.97
CA TYR D 35 -11.78 28.95 -32.30
C TYR D 35 -11.09 29.66 -33.42
N GLU D 36 -10.08 29.03 -34.00
CA GLU D 36 -9.23 29.62 -35.02
C GLU D 36 -9.96 29.96 -36.29
N GLU D 37 -10.84 29.06 -36.75
CA GLU D 37 -11.70 29.33 -37.93
C GLU D 37 -12.53 30.58 -37.67
N TYR D 38 -13.21 30.67 -36.51
CA TYR D 38 -14.05 31.85 -36.20
C TYR D 38 -13.35 33.21 -36.37
N TRP D 39 -12.13 33.29 -35.87
CA TRP D 39 -11.36 34.52 -35.90
C TRP D 39 -10.82 34.84 -37.28
N ARG D 40 -10.47 33.80 -38.03
CA ARG D 40 -10.08 33.90 -39.42
C ARG D 40 -11.24 34.45 -40.22
N LYS D 41 -12.40 33.82 -40.09
CA LYS D 41 -13.67 34.37 -40.57
C LYS D 41 -13.87 35.85 -40.31
N MET D 42 -13.44 36.36 -39.14
CA MET D 42 -13.74 37.75 -38.74
C MET D 42 -13.00 38.78 -39.57
N GLY D 43 -11.91 38.34 -40.19
CA GLY D 43 -11.17 39.13 -41.18
C GLY D 43 -10.53 40.37 -40.60
N ASP D 44 -10.42 41.41 -41.44
CA ASP D 44 -9.56 42.55 -41.13
C ASP D 44 -10.01 43.49 -39.99
N ARG D 45 -11.13 43.21 -39.34
CA ARG D 45 -11.58 44.03 -38.21
C ARG D 45 -10.79 43.80 -36.93
N CYS D 46 -10.16 42.63 -36.83
CA CYS D 46 -9.40 42.22 -35.66
C CYS D 46 -7.92 42.56 -35.73
N THR D 47 -7.45 43.04 -36.88
CA THR D 47 -6.02 43.34 -37.09
C THR D 47 -5.47 44.37 -36.09
N VAL D 48 -4.20 44.18 -35.70
CA VAL D 48 -3.56 45.04 -34.71
C VAL D 48 -2.31 45.67 -35.32
N THR D 49 -2.21 46.98 -35.24
CA THR D 49 -1.10 47.68 -35.87
C THR D 49 -0.26 48.37 -34.77
N ILE D 50 0.95 47.85 -34.55
CA ILE D 50 1.88 48.43 -33.59
C ILE D 50 3.05 49.15 -34.25
N ARG D 51 3.16 50.45 -34.05
CA ARG D 51 4.24 51.20 -34.67
C ARG D 51 5.51 51.03 -33.85
N GLY D 52 6.66 51.27 -34.50
CA GLY D 52 7.95 50.92 -33.90
C GLY D 52 8.36 51.69 -32.68
N CYS D 53 7.80 52.89 -32.48
CA CYS D 53 8.00 53.59 -31.18
C CYS D 53 6.85 53.41 -30.17
N ASP D 54 5.97 52.44 -30.36
CA ASP D 54 4.84 52.26 -29.44
C ASP D 54 5.32 51.41 -28.27
N LEU D 55 4.62 51.49 -27.14
CA LEU D 55 4.77 50.53 -26.07
C LEU D 55 6.21 50.28 -25.62
N MET D 56 7.04 51.29 -25.56
CA MET D 56 8.43 51.06 -25.17
C MET D 56 8.74 51.06 -23.70
N SER D 57 8.10 51.94 -22.93
CA SER D 57 8.42 51.99 -21.49
C SER D 57 8.03 50.75 -20.70
N TYR D 58 8.73 50.49 -19.59
CA TYR D 58 8.29 49.52 -18.63
C TYR D 58 6.90 49.86 -18.07
N PHE D 59 6.57 51.16 -18.01
CA PHE D 59 5.34 51.67 -17.32
C PHE D 59 4.19 52.02 -18.26
N SER D 60 2.97 51.66 -17.84
CA SER D 60 1.74 51.95 -18.57
C SER D 60 0.95 53.09 -17.93
N ASP D 61 0.88 53.08 -16.59
CA ASP D 61 0.16 54.07 -15.78
C ASP D 61 0.59 54.11 -14.31
N MET D 62 1.37 55.12 -13.95
CA MET D 62 1.87 55.24 -12.57
C MET D 62 0.77 55.65 -11.57
N THR D 63 -0.36 56.05 -12.12
CA THR D 63 -1.55 56.46 -11.38
C THR D 63 -2.28 55.21 -10.86
N ASN D 64 -1.94 54.07 -11.46
CA ASN D 64 -2.63 52.84 -11.19
C ASN D 64 -1.84 52.01 -10.17
N LEU D 65 -2.54 51.21 -9.36
CA LEU D 65 -1.86 50.26 -8.49
C LEU D 65 -0.94 49.31 -9.31
N CYS D 66 -1.54 48.63 -10.29
CA CYS D 66 -0.85 47.89 -11.34
C CYS D 66 -0.35 48.90 -12.36
N TRP D 67 0.87 49.38 -12.17
CA TRP D 67 1.34 50.38 -13.07
C TRP D 67 1.64 49.86 -14.45
N PHE D 68 1.58 48.53 -14.58
CA PHE D 68 1.91 47.90 -15.87
C PHE D 68 0.71 47.43 -16.69
N LEU D 69 -0.47 47.82 -16.23
CA LEU D 69 -1.73 47.50 -16.86
C LEU D 69 -2.06 48.55 -17.87
N GLU D 70 -2.20 48.16 -19.14
CA GLU D 70 -2.58 49.11 -20.18
C GLU D 70 -4.01 49.57 -19.95
N PRO D 71 -4.26 50.88 -20.09
CA PRO D 71 -5.61 51.39 -19.87
C PRO D 71 -6.60 50.89 -20.88
N GLU D 72 -6.20 50.77 -22.15
CA GLU D 72 -7.04 50.12 -23.17
C GLU D 72 -7.54 48.75 -22.67
N LEU D 73 -6.63 47.95 -22.15
CA LEU D 73 -7.00 46.61 -21.75
C LEU D 73 -7.93 46.66 -20.57
N GLU D 74 -7.65 47.54 -19.63
CA GLU D 74 -8.46 47.71 -18.42
C GLU D 74 -9.89 48.02 -18.71
N ASP D 75 -10.13 48.92 -19.67
CA ASP D 75 -11.50 49.26 -20.11
C ASP D 75 -12.19 48.16 -20.86
N ALA D 76 -11.43 47.38 -21.62
CA ALA D 76 -11.94 46.19 -22.33
C ALA D 76 -12.46 45.15 -21.42
N ILE D 77 -11.74 44.93 -20.32
CA ILE D 77 -12.08 43.91 -19.33
C ILE D 77 -13.38 44.36 -18.68
N LYS D 78 -13.37 45.59 -18.19
CA LYS D 78 -14.49 46.18 -17.53
C LYS D 78 -15.73 46.17 -18.39
N ASP D 79 -15.60 46.49 -19.67
CA ASP D 79 -16.71 46.43 -20.60
C ASP D 79 -17.27 45.06 -20.88
N LEU D 80 -16.37 44.11 -21.01
CA LEU D 80 -16.76 42.80 -21.37
C LEU D 80 -17.56 42.24 -20.18
N HIS D 81 -17.07 42.42 -18.97
CA HIS D 81 -17.76 41.88 -17.80
C HIS D 81 -19.10 42.61 -17.67
N GLY D 82 -19.18 43.81 -18.23
CA GLY D 82 -20.39 44.65 -18.09
C GLY D 82 -21.48 44.11 -18.98
N VAL D 83 -21.10 43.76 -20.19
CA VAL D 83 -22.00 43.15 -21.16
C VAL D 83 -22.46 41.74 -20.77
N VAL D 84 -21.54 40.95 -20.28
CA VAL D 84 -21.79 39.55 -20.00
C VAL D 84 -22.43 39.36 -18.63
N GLY D 85 -22.15 40.28 -17.71
CA GLY D 85 -22.78 40.28 -16.39
C GLY D 85 -22.28 39.13 -15.55
N ASN D 86 -21.07 38.65 -15.82
CA ASN D 86 -20.64 37.45 -15.11
C ASN D 86 -19.86 37.76 -13.88
N ALA D 87 -19.30 38.96 -13.78
CA ALA D 87 -18.51 39.32 -12.60
C ALA D 87 -18.56 40.78 -12.35
N ALA D 88 -18.47 41.12 -11.06
CA ALA D 88 -18.45 42.49 -10.59
C ALA D 88 -17.04 43.10 -10.67
N THR D 89 -16.93 44.31 -11.28
CA THR D 89 -15.68 45.04 -11.47
C THR D 89 -15.53 46.39 -10.70
N GLU D 90 -16.61 46.95 -10.15
CA GLU D 90 -16.51 48.21 -9.36
C GLU D 90 -15.83 48.00 -7.98
N ASP D 91 -15.21 49.04 -7.43
CA ASP D 91 -14.62 49.00 -6.05
C ASP D 91 -13.64 47.89 -5.76
N ARG D 92 -12.76 47.69 -6.74
CA ARG D 92 -11.75 46.64 -6.72
C ARG D 92 -10.67 46.97 -7.71
N TYR D 93 -9.57 46.24 -7.58
CA TYR D 93 -8.37 46.43 -8.38
C TYR D 93 -8.28 45.32 -9.37
N ILE D 94 -7.97 45.70 -10.60
CA ILE D 94 -7.74 44.74 -11.67
C ILE D 94 -6.23 44.52 -11.79
N VAL D 95 -5.80 43.28 -11.61
CA VAL D 95 -4.35 42.88 -11.81
C VAL D 95 -4.21 42.06 -13.09
N VAL D 96 -3.31 42.45 -13.97
CA VAL D 96 -3.08 41.68 -15.20
C VAL D 96 -1.83 40.81 -15.02
N GLY D 97 -1.79 39.65 -15.66
CA GLY D 97 -0.60 38.77 -15.63
C GLY D 97 -0.45 38.02 -16.94
N THR D 98 0.73 37.42 -17.14
CA THR D 98 1.02 36.60 -18.34
C THR D 98 0.35 35.27 -18.15
N GLY D 99 -0.89 35.22 -18.64
CA GLY D 99 -1.84 34.12 -18.34
C GLY D 99 -2.40 34.20 -16.92
N SER D 100 -3.51 33.50 -16.69
CA SER D 100 -4.05 33.29 -15.37
C SER D 100 -3.08 32.54 -14.51
N THR D 101 -2.30 31.70 -15.16
CA THR D 101 -1.18 31.02 -14.55
C THR D 101 -0.31 31.90 -13.66
N GLN D 102 0.19 33.03 -14.17
CA GLN D 102 1.05 33.90 -13.37
C GLN D 102 0.25 34.59 -12.29
N LEU D 103 -1.02 34.87 -12.61
CA LEU D 103 -1.95 35.52 -11.67
C LEU D 103 -2.34 34.67 -10.48
N CYS D 104 -2.55 33.37 -10.70
CA CYS D 104 -2.89 32.51 -9.53
C CYS D 104 -1.67 32.26 -8.63
N GLN D 105 -0.50 32.08 -9.23
CA GLN D 105 0.67 31.98 -8.41
C GLN D 105 0.87 33.29 -7.60
N ALA D 106 0.76 34.45 -8.26
CA ALA D 106 0.82 35.76 -7.61
C ALA D 106 -0.12 35.93 -6.41
N ALA D 107 -1.33 35.40 -6.53
CA ALA D 107 -2.32 35.50 -5.47
C ALA D 107 -1.97 34.60 -4.29
N VAL D 108 -1.39 33.44 -4.56
CA VAL D 108 -0.95 32.50 -3.52
C VAL D 108 0.28 33.10 -2.79
N HIS D 109 1.27 33.57 -3.55
CA HIS D 109 2.41 34.33 -3.01
C HIS D 109 1.99 35.50 -2.14
N ALA D 110 1.17 36.40 -2.70
CA ALA D 110 0.51 37.49 -1.93
C ALA D 110 -0.19 37.04 -0.63
N LEU D 111 -1.14 36.12 -0.76
CA LEU D 111 -1.91 35.70 0.42
C LEU D 111 -0.91 35.16 1.43
N SER D 112 -0.02 34.26 1.00
CA SER D 112 1.03 33.69 1.88
C SER D 112 1.92 34.72 2.56
N SER D 113 2.27 35.76 1.81
CA SER D 113 3.11 36.81 2.32
C SER D 113 2.42 37.66 3.37
N LEU D 114 1.09 37.77 3.26
CA LEU D 114 0.29 38.52 4.25
C LEU D 114 -0.17 37.67 5.42
N ALA D 115 0.15 36.39 5.43
CA ALA D 115 -0.27 35.51 6.54
C ALA D 115 0.60 35.65 7.82
N ARG D 116 0.03 35.30 8.97
CA ARG D 116 0.74 35.36 10.27
C ARG D 116 1.81 34.26 10.46
N SER D 117 1.72 33.23 9.62
CA SER D 117 2.60 32.07 9.70
C SER D 117 2.81 31.46 8.31
N GLN D 118 4.00 30.87 8.13
CA GLN D 118 4.33 30.11 6.93
C GLN D 118 4.93 28.76 7.35
N PRO D 119 4.78 27.71 6.51
CA PRO D 119 4.14 27.74 5.19
C PRO D 119 2.61 27.81 5.32
N VAL D 120 1.95 28.40 4.32
CA VAL D 120 0.49 28.44 4.29
C VAL D 120 -0.03 27.21 3.54
N SER D 121 -1.04 26.56 4.11
CA SER D 121 -1.70 25.43 3.48
C SER D 121 -2.47 25.84 2.22
N VAL D 122 -2.25 25.12 1.13
CA VAL D 122 -3.03 25.31 -0.09
C VAL D 122 -3.80 24.05 -0.47
N VAL D 123 -5.14 24.17 -0.49
CA VAL D 123 -6.05 23.05 -0.76
C VAL D 123 -7.00 23.33 -1.92
N ALA D 124 -7.59 22.26 -2.44
CA ALA D 124 -8.61 22.34 -3.47
C ALA D 124 -9.42 21.06 -3.40
N ALA D 125 -10.75 21.19 -3.49
CA ALA D 125 -11.67 20.06 -3.55
C ALA D 125 -11.35 19.15 -4.74
N ALA D 126 -11.24 17.83 -4.51
CA ALA D 126 -10.98 16.88 -5.59
C ALA D 126 -12.31 16.47 -6.22
N PRO D 127 -12.34 16.20 -7.55
CA PRO D 127 -11.19 16.24 -8.45
C PRO D 127 -10.83 17.69 -8.76
N PHE D 128 -9.53 18.00 -8.71
CA PHE D 128 -9.07 19.38 -8.83
C PHE D 128 -8.20 19.56 -10.06
N TYR D 129 -7.95 20.82 -10.41
CA TYR D 129 -7.09 21.22 -11.54
C TYR D 129 -5.64 20.77 -11.29
N SER D 130 -5.16 19.77 -12.03
CA SER D 130 -3.85 19.16 -11.76
C SER D 130 -2.63 20.12 -11.64
N THR D 131 -2.66 21.21 -12.41
CA THR D 131 -1.61 22.24 -12.46
C THR D 131 -1.45 23.09 -11.21
N TYR D 132 -2.50 23.18 -10.40
CA TYR D 132 -2.38 23.72 -9.05
C TYR D 132 -1.24 23.10 -8.23
N VAL D 133 -1.02 21.79 -8.41
CA VAL D 133 -0.02 21.05 -7.64
C VAL D 133 1.40 21.41 -8.10
N GLU D 134 1.63 21.52 -9.41
CA GLU D 134 2.95 21.87 -9.94
C GLU D 134 3.27 23.32 -9.60
N GLU D 135 2.33 24.22 -9.87
CA GLU D 135 2.34 25.64 -9.47
C GLU D 135 2.69 25.91 -8.00
N THR D 136 2.27 25.00 -7.11
CA THR D 136 2.42 25.20 -5.67
C THR D 136 3.57 24.37 -5.11
N THR D 137 4.27 23.68 -5.99
CA THR D 137 5.37 22.81 -5.63
C THR D 137 6.74 23.07 -6.33
N TYR D 138 6.75 23.58 -7.56
CA TYR D 138 7.97 23.55 -8.37
C TYR D 138 9.20 24.36 -7.89
N VAL D 139 8.99 25.41 -7.12
CA VAL D 139 10.11 26.23 -6.65
C VAL D 139 10.55 25.85 -5.23
N ARG D 140 9.91 24.85 -4.61
CA ARG D 140 10.24 24.44 -3.22
C ARG D 140 10.09 25.62 -2.27
N SER D 141 8.97 26.34 -2.38
CA SER D 141 8.79 27.56 -1.63
C SER D 141 8.56 27.25 -0.17
N GLY D 142 8.98 28.14 0.72
CA GLY D 142 8.74 27.96 2.14
C GLY D 142 7.58 28.76 2.67
N MET D 143 6.84 29.44 1.77
CA MET D 143 5.74 30.39 2.15
C MET D 143 4.36 29.76 2.22
N TYR D 144 4.15 28.72 1.42
CA TYR D 144 2.88 27.99 1.28
C TYR D 144 3.22 26.51 1.09
N LYS D 145 2.25 25.63 1.35
CA LYS D 145 2.43 24.18 1.11
C LYS D 145 1.14 23.47 0.59
N TRP D 146 1.27 22.80 -0.56
CA TRP D 146 0.14 22.06 -1.16
C TRP D 146 -0.28 20.90 -0.28
N GLU D 147 -1.56 20.93 0.11
CA GLU D 147 -2.12 19.98 1.07
C GLU D 147 -3.35 19.27 0.52
N GLY D 148 -3.31 18.93 -0.76
CA GLY D 148 -4.29 18.05 -1.41
C GLY D 148 -5.77 18.43 -1.35
N ASP D 149 -6.61 17.40 -1.58
CA ASP D 149 -8.05 17.53 -1.53
C ASP D 149 -8.48 18.34 -0.34
N ALA D 150 -9.26 19.39 -0.61
CA ALA D 150 -9.89 20.22 0.43
C ALA D 150 -10.98 19.52 1.27
N TRP D 151 -11.51 18.38 0.81
CA TRP D 151 -12.43 17.55 1.64
C TRP D 151 -11.76 16.92 2.87
N GLY D 152 -10.64 16.25 2.65
CA GLY D 152 -9.90 15.61 3.71
C GLY D 152 -8.84 16.52 4.31
N PHE D 153 -9.14 17.81 4.39
CA PHE D 153 -8.26 18.79 5.02
C PHE D 153 -8.81 19.12 6.41
N ASP D 154 -8.00 18.83 7.43
CA ASP D 154 -8.37 19.11 8.83
C ASP D 154 -7.32 19.94 9.57
N LYS D 155 -6.08 19.90 9.09
CA LYS D 155 -4.94 20.69 9.62
C LYS D 155 -5.34 22.11 9.97
N LYS D 156 -4.76 22.62 11.05
CA LYS D 156 -5.12 23.94 11.62
C LYS D 156 -4.16 25.04 11.16
N GLY D 157 -4.70 26.24 10.98
CA GLY D 157 -3.87 27.38 10.59
C GLY D 157 -4.24 27.95 9.23
N PRO D 158 -3.49 29.01 8.79
CA PRO D 158 -3.67 29.71 7.53
C PRO D 158 -3.67 28.77 6.32
N TYR D 159 -4.73 28.86 5.55
CA TYR D 159 -4.87 28.05 4.39
C TYR D 159 -5.46 28.96 3.32
N ILE D 160 -5.28 28.52 2.09
CA ILE D 160 -5.85 29.20 0.95
C ILE D 160 -6.61 28.14 0.22
N GLU D 161 -7.90 28.37 0.03
CA GLU D 161 -8.71 27.48 -0.78
C GLU D 161 -8.96 28.00 -2.22
N LEU D 162 -8.54 27.18 -3.21
CA LEU D 162 -8.84 27.44 -4.63
C LEU D 162 -10.14 26.78 -5.06
N VAL D 163 -10.97 27.55 -5.76
CA VAL D 163 -12.33 27.17 -6.20
C VAL D 163 -12.44 27.46 -7.70
N THR D 164 -12.42 26.40 -8.49
CA THR D 164 -12.61 26.46 -9.91
C THR D 164 -14.05 26.15 -10.21
N SER D 165 -14.72 27.08 -10.85
CA SER D 165 -16.10 26.86 -11.28
C SER D 165 -16.40 27.67 -12.58
N PRO D 166 -16.83 27.01 -13.68
CA PRO D 166 -16.88 25.55 -13.88
C PRO D 166 -15.57 24.83 -13.50
N ASN D 167 -15.68 23.66 -12.92
CA ASN D 167 -14.49 23.00 -12.41
C ASN D 167 -13.68 22.43 -13.54
N ASN D 168 -12.39 22.30 -13.28
CA ASN D 168 -11.48 21.64 -14.19
C ASN D 168 -10.86 20.60 -13.28
N PRO D 169 -11.14 19.32 -13.54
CA PRO D 169 -11.57 18.67 -14.77
C PRO D 169 -13.07 18.39 -14.97
N ASP D 170 -13.87 18.29 -13.87
CA ASP D 170 -15.23 17.73 -13.97
C ASP D 170 -16.34 18.68 -14.43
N GLY D 171 -16.05 19.97 -14.57
CA GLY D 171 -17.05 20.95 -15.05
C GLY D 171 -18.18 21.37 -14.11
N THR D 172 -18.16 20.85 -12.89
CA THR D 172 -19.17 21.10 -11.85
C THR D 172 -19.14 22.55 -11.40
N ILE D 173 -20.29 23.14 -11.11
CA ILE D 173 -20.32 24.46 -10.46
C ILE D 173 -19.98 24.25 -9.01
N ARG D 174 -19.16 25.14 -8.45
CA ARG D 174 -18.45 24.85 -7.23
C ARG D 174 -18.42 26.02 -6.24
N GLU D 175 -18.18 25.69 -4.98
CA GLU D 175 -17.97 26.67 -3.92
C GLU D 175 -16.91 26.19 -2.94
N THR D 176 -16.62 27.00 -1.92
CA THR D 176 -15.66 26.60 -0.90
C THR D 176 -16.27 25.42 -0.16
N VAL D 177 -15.42 24.47 0.23
CA VAL D 177 -15.87 23.27 0.96
C VAL D 177 -15.18 23.08 2.32
N VAL D 178 -14.37 24.04 2.73
CA VAL D 178 -13.68 23.95 3.99
C VAL D 178 -14.65 24.35 5.13
N ASN D 179 -14.68 23.51 6.18
CA ASN D 179 -15.54 23.66 7.37
C ASN D 179 -15.07 24.74 8.37
N ALA D 186 -7.60 31.67 6.67
CA ALA D 186 -8.75 31.22 5.84
C ALA D 186 -8.98 32.15 4.64
N LYS D 187 -8.23 31.88 3.56
CA LYS D 187 -8.39 32.68 2.35
C LYS D 187 -8.88 31.81 1.19
N VAL D 188 -9.47 32.46 0.18
CA VAL D 188 -10.05 31.76 -0.99
C VAL D 188 -9.80 32.44 -2.33
N ILE D 189 -9.26 31.70 -3.29
CA ILE D 189 -9.07 32.19 -4.65
C ILE D 189 -10.20 31.56 -5.49
N HIS D 190 -10.86 32.36 -6.32
CA HIS D 190 -11.91 31.83 -7.21
C HIS D 190 -11.42 31.97 -8.66
N ASP D 191 -11.40 30.84 -9.34
CA ASP D 191 -10.92 30.72 -10.66
C ASP D 191 -12.13 30.46 -11.52
N PHE D 192 -12.48 31.48 -12.30
CA PHE D 192 -13.70 31.47 -13.04
C PHE D 192 -13.32 31.50 -14.52
N ALA D 193 -12.23 30.80 -14.86
CA ALA D 193 -11.74 30.68 -16.22
C ALA D 193 -12.85 30.29 -17.24
N TYR D 194 -13.75 29.38 -16.86
CA TYR D 194 -14.79 28.95 -17.80
C TYR D 194 -16.17 29.58 -17.56
N TYR D 195 -16.27 30.45 -16.57
CA TYR D 195 -17.52 31.13 -16.28
C TYR D 195 -17.88 32.15 -17.39
N TRP D 196 -18.23 31.64 -18.57
CA TRP D 196 -18.56 32.52 -19.76
C TRP D 196 -19.71 31.83 -20.39
N PRO D 197 -20.58 32.59 -21.06
CA PRO D 197 -21.88 32.11 -21.57
C PRO D 197 -21.76 31.03 -22.66
N HIS D 198 -20.56 30.77 -23.17
CA HIS D 198 -20.51 29.75 -24.22
C HIS D 198 -20.27 28.37 -23.67
N TYR D 199 -19.95 28.29 -22.37
CA TYR D 199 -19.67 27.05 -21.67
C TYR D 199 -20.71 26.72 -20.59
N THR D 200 -21.24 27.75 -19.96
CA THR D 200 -22.16 27.65 -18.86
C THR D 200 -23.09 28.87 -18.76
N PRO D 201 -24.31 28.66 -18.23
CA PRO D 201 -25.19 29.78 -17.90
C PRO D 201 -24.67 30.68 -16.77
N ILE D 202 -24.78 31.98 -17.06
CA ILE D 202 -24.49 33.04 -16.12
C ILE D 202 -25.69 33.22 -15.21
N THR D 203 -25.65 32.51 -14.10
CA THR D 203 -26.74 32.45 -13.13
C THR D 203 -26.66 33.59 -12.12
N ARG D 204 -25.44 34.05 -11.87
CA ARG D 204 -25.20 35.19 -11.03
C ARG D 204 -23.97 35.94 -11.48
N ARG D 205 -23.91 37.22 -11.07
CA ARG D 205 -22.81 38.08 -11.36
C ARG D 205 -21.89 37.92 -10.18
N GLN D 206 -20.84 37.12 -10.30
CA GLN D 206 -19.92 36.89 -9.19
C GLN D 206 -19.30 38.16 -8.65
N ASP D 207 -19.08 38.11 -7.32
CA ASP D 207 -18.56 39.22 -6.53
C ASP D 207 -17.81 38.71 -5.29
N HIS D 208 -16.65 38.11 -5.51
CA HIS D 208 -15.84 37.59 -4.43
C HIS D 208 -14.62 38.44 -4.33
N ASP D 209 -13.71 38.07 -3.47
CA ASP D 209 -12.61 38.94 -3.12
C ASP D 209 -11.43 38.81 -4.05
N ILE D 210 -11.30 37.63 -4.64
CA ILE D 210 -10.28 37.29 -5.62
C ILE D 210 -10.96 36.51 -6.73
N MET D 211 -11.04 37.11 -7.94
CA MET D 211 -11.57 36.43 -9.15
C MET D 211 -10.63 36.49 -10.37
N LEU D 212 -10.27 35.31 -10.88
CA LEU D 212 -9.29 35.17 -11.96
C LEU D 212 -9.95 34.85 -13.28
N PHE D 213 -9.59 35.57 -14.33
CA PHE D 213 -10.06 35.18 -15.63
C PHE D 213 -8.85 35.04 -16.55
N THR D 214 -9.04 34.18 -17.54
CA THR D 214 -8.04 33.94 -18.55
C THR D 214 -8.61 34.27 -19.96
N PHE D 215 -7.87 35.06 -20.71
CA PHE D 215 -8.18 35.40 -22.08
C PHE D 215 -8.23 34.17 -23.00
N SER D 216 -7.32 33.24 -22.81
CA SER D 216 -7.20 31.98 -23.56
C SER D 216 -8.48 31.22 -23.82
N LYS D 217 -9.29 31.13 -22.79
CA LYS D 217 -10.44 30.21 -22.80
C LYS D 217 -11.71 30.90 -23.27
N ILE D 218 -11.70 32.21 -23.22
CA ILE D 218 -12.78 32.98 -23.76
C ILE D 218 -12.69 32.75 -25.26
N THR D 219 -11.61 33.21 -25.89
CA THR D 219 -11.57 33.34 -27.34
C THR D 219 -10.64 32.33 -28.02
N GLY D 220 -9.72 31.74 -27.29
CA GLY D 220 -8.78 30.82 -27.89
C GLY D 220 -7.40 31.39 -28.14
N HIS D 221 -7.14 32.59 -27.66
CA HIS D 221 -5.84 33.22 -27.85
C HIS D 221 -4.91 32.92 -26.74
N ALA D 222 -4.65 31.63 -26.57
CA ALA D 222 -3.73 31.10 -25.58
C ALA D 222 -2.34 31.64 -25.76
N GLY D 223 -1.91 31.73 -27.01
CA GLY D 223 -0.57 32.27 -27.32
C GLY D 223 -0.40 33.66 -26.78
N SER D 224 -1.47 34.32 -26.34
CA SER D 224 -1.26 35.74 -25.96
C SER D 224 -0.80 35.96 -24.55
N ARG D 225 -0.99 34.94 -23.73
CA ARG D 225 -0.46 34.97 -22.43
C ARG D 225 -1.04 36.07 -21.56
N ILE D 226 -2.36 36.14 -21.49
CA ILE D 226 -3.01 37.28 -20.78
C ILE D 226 -4.08 36.77 -19.85
N GLY D 227 -4.06 37.14 -18.59
CA GLY D 227 -5.17 36.82 -17.72
C GLY D 227 -5.36 38.00 -16.83
N TRP D 228 -6.48 38.04 -16.12
CA TRP D 228 -6.61 39.12 -15.15
C TRP D 228 -7.29 38.72 -13.88
N ALA D 229 -7.27 39.62 -12.94
CA ALA D 229 -7.61 39.28 -11.60
C ALA D 229 -8.34 40.48 -11.04
N LEU D 230 -9.55 40.28 -10.58
CA LEU D 230 -10.33 41.27 -9.82
C LEU D 230 -10.06 41.11 -8.33
N VAL D 231 -9.47 42.12 -7.70
CA VAL D 231 -9.05 41.99 -6.30
C VAL D 231 -9.69 43.07 -5.43
N LYS D 232 -10.47 42.66 -4.44
CA LYS D 232 -11.09 43.63 -3.53
C LYS D 232 -10.11 44.27 -2.58
N ASP D 233 -9.35 43.43 -1.86
CA ASP D 233 -8.41 43.86 -0.81
C ASP D 233 -7.11 44.46 -1.34
N LYS D 234 -6.90 45.74 -1.05
CA LYS D 234 -5.82 46.54 -1.62
C LYS D 234 -4.46 45.96 -1.29
N GLU D 235 -4.35 45.35 -0.13
CA GLU D 235 -3.09 44.87 0.35
C GLU D 235 -2.70 43.66 -0.47
N VAL D 236 -3.70 42.82 -0.74
CA VAL D 236 -3.50 41.63 -1.59
C VAL D 236 -3.18 41.98 -3.03
N ALA D 237 -3.97 42.86 -3.64
CA ALA D 237 -3.72 43.38 -4.99
C ALA D 237 -2.28 43.83 -5.07
N LYS D 238 -1.87 44.55 -4.03
CA LYS D 238 -0.60 45.27 -3.97
C LYS D 238 0.56 44.28 -4.02
N LYS D 239 0.48 43.23 -3.20
CA LYS D 239 1.47 42.19 -3.18
C LYS D 239 1.54 41.45 -4.51
N MET D 240 0.38 41.27 -5.14
CA MET D 240 0.27 40.61 -6.44
C MET D 240 1.03 41.37 -7.49
N VAL D 241 1.04 42.69 -7.40
CA VAL D 241 1.76 43.50 -8.39
C VAL D 241 3.26 43.40 -8.13
N GLU D 242 3.62 43.29 -6.84
CA GLU D 242 5.04 43.20 -6.47
C GLU D 242 5.61 41.85 -6.88
N TYR D 243 4.91 40.76 -6.58
CA TYR D 243 5.24 39.49 -7.17
C TYR D 243 5.49 39.57 -8.72
N ILE D 244 4.52 40.12 -9.46
CA ILE D 244 4.63 40.12 -10.91
C ILE D 244 5.83 40.98 -11.30
N ILE D 245 6.09 42.06 -10.55
CA ILE D 245 7.20 42.98 -10.85
C ILE D 245 8.53 42.24 -10.79
N VAL D 246 8.71 41.44 -9.73
CA VAL D 246 9.98 40.74 -9.52
C VAL D 246 10.13 39.56 -10.49
N ASN D 247 9.00 39.03 -10.91
CA ASN D 247 8.95 37.78 -11.65
C ASN D 247 9.19 38.03 -13.15
N SER D 248 8.57 39.08 -13.67
CA SER D 248 8.70 39.44 -15.10
C SER D 248 8.81 40.95 -15.43
N ILE D 249 8.88 41.79 -14.40
CA ILE D 249 8.76 43.25 -14.55
C ILE D 249 7.52 43.60 -15.40
N GLY D 250 6.42 42.88 -15.18
CA GLY D 250 5.21 43.18 -15.90
C GLY D 250 4.82 42.24 -17.01
N VAL D 251 3.82 42.67 -17.80
CA VAL D 251 3.19 41.82 -18.78
C VAL D 251 3.38 42.53 -20.14
N SER D 252 3.71 41.74 -21.16
CA SER D 252 3.90 42.15 -22.50
C SER D 252 2.91 43.22 -22.87
N LYS D 253 3.39 44.41 -23.15
CA LYS D 253 2.54 45.49 -23.66
C LYS D 253 1.82 45.12 -24.93
N GLU D 254 2.43 44.33 -25.77
CA GLU D 254 1.75 44.04 -27.07
C GLU D 254 0.59 43.09 -26.97
N SER D 255 0.73 42.08 -26.11
CA SER D 255 -0.36 41.22 -25.74
C SER D 255 -1.55 41.97 -25.21
N GLN D 256 -1.32 42.99 -24.40
CA GLN D 256 -2.38 43.75 -23.76
C GLN D 256 -3.14 44.57 -24.81
N VAL D 257 -2.40 45.24 -25.70
CA VAL D 257 -2.98 46.01 -26.79
C VAL D 257 -3.78 45.10 -27.70
N ARG D 258 -3.33 43.87 -27.93
CA ARG D 258 -4.04 42.99 -28.87
C ARG D 258 -5.27 42.42 -28.23
N THR D 259 -5.07 41.88 -27.04
CA THR D 259 -6.14 41.42 -26.21
C THR D 259 -7.26 42.43 -26.08
N ALA D 260 -6.94 43.70 -25.83
CA ALA D 260 -7.97 44.73 -25.79
C ALA D 260 -8.71 44.85 -27.14
N LYS D 261 -7.98 44.77 -28.26
CA LYS D 261 -8.61 44.92 -29.59
C LYS D 261 -9.65 43.83 -29.87
N ILE D 262 -9.31 42.58 -29.55
CA ILE D 262 -10.16 41.43 -29.85
C ILE D 262 -11.30 41.22 -28.84
N LEU D 263 -11.14 41.76 -27.65
CA LEU D 263 -12.23 41.82 -26.66
C LEU D 263 -13.22 42.92 -27.05
N ASN D 264 -12.70 44.00 -27.62
CA ASN D 264 -13.55 45.05 -28.11
C ASN D 264 -14.38 44.60 -29.28
N VAL D 265 -13.74 44.03 -30.30
CA VAL D 265 -14.41 43.27 -31.36
C VAL D 265 -15.35 42.20 -30.74
N LEU D 266 -14.93 41.47 -29.72
CA LEU D 266 -15.83 40.49 -29.11
C LEU D 266 -17.09 41.18 -28.60
N LYS D 267 -16.92 42.27 -27.87
CA LYS D 267 -18.01 43.03 -27.27
C LYS D 267 -19.00 43.54 -28.36
N GLU D 268 -18.46 44.12 -29.45
CA GLU D 268 -19.27 44.57 -30.61
C GLU D 268 -20.14 43.46 -31.20
N THR D 269 -19.56 42.28 -31.28
CA THR D 269 -20.17 41.05 -31.73
C THR D 269 -21.43 40.65 -30.94
N CYS D 270 -21.54 41.14 -29.72
CA CYS D 270 -22.62 40.76 -28.85
C CYS D 270 -23.92 41.46 -29.21
N LYS D 271 -23.84 42.74 -29.60
CA LYS D 271 -25.05 43.45 -29.99
C LYS D 271 -25.64 42.82 -31.24
N SER D 272 -24.91 41.87 -31.84
CA SER D 272 -25.30 41.21 -33.08
C SER D 272 -26.15 39.97 -32.84
N GLU D 273 -26.79 39.48 -33.92
CA GLU D 273 -27.73 38.35 -33.83
C GLU D 273 -27.31 37.18 -34.75
N SER D 274 -26.65 37.53 -35.85
CA SER D 274 -26.01 36.55 -36.71
C SER D 274 -25.30 35.48 -35.88
N GLU D 275 -25.84 34.25 -35.96
CA GLU D 275 -25.42 33.12 -35.16
C GLU D 275 -23.97 32.67 -35.41
N SER D 276 -23.46 32.92 -36.61
CA SER D 276 -22.06 32.62 -36.93
C SER D 276 -21.13 33.78 -36.54
N GLU D 277 -21.71 34.82 -35.92
CA GLU D 277 -21.01 36.08 -35.67
C GLU D 277 -20.96 36.52 -34.20
N ASN D 278 -22.08 36.45 -33.48
CA ASN D 278 -22.11 36.61 -32.02
C ASN D 278 -21.26 35.49 -31.40
N PHE D 279 -20.08 35.87 -30.97
CA PHE D 279 -19.09 34.94 -30.54
C PHE D 279 -19.67 33.93 -29.54
N PHE D 280 -20.41 34.40 -28.54
CA PHE D 280 -20.95 33.53 -27.48
C PHE D 280 -22.01 32.58 -28.03
N LYS D 281 -22.80 33.07 -28.97
CA LYS D 281 -23.76 32.29 -29.71
C LYS D 281 -22.97 31.30 -30.57
N TYR D 282 -21.98 31.78 -31.34
CA TYR D 282 -21.18 30.87 -32.20
C TYR D 282 -20.56 29.81 -31.32
N GLY D 283 -19.92 30.24 -30.23
CA GLY D 283 -19.14 29.36 -29.36
C GLY D 283 -20.00 28.35 -28.66
N ARG D 284 -21.18 28.75 -28.25
CA ARG D 284 -22.04 27.84 -27.49
C ARG D 284 -22.66 26.86 -28.44
N GLU D 285 -22.94 27.28 -29.66
CA GLU D 285 -23.41 26.29 -30.60
C GLU D 285 -22.34 25.20 -30.95
N MET D 286 -21.08 25.59 -31.00
CA MET D 286 -20.00 24.64 -31.19
C MET D 286 -19.88 23.65 -30.04
N MET D 287 -19.90 24.13 -28.80
CA MET D 287 -19.82 23.21 -27.63
C MET D 287 -20.99 22.25 -27.61
N LYS D 288 -22.20 22.79 -27.73
CA LYS D 288 -23.44 22.01 -27.74
C LYS D 288 -23.34 20.83 -28.71
N ASN D 289 -23.07 21.16 -29.96
CA ASN D 289 -22.96 20.18 -31.00
C ASN D 289 -21.87 19.11 -30.76
N ARG D 290 -20.75 19.49 -30.15
CA ARG D 290 -19.69 18.54 -29.86
C ARG D 290 -20.08 17.65 -28.66
N TRP D 291 -20.75 18.24 -27.69
CA TRP D 291 -21.24 17.46 -26.56
C TRP D 291 -22.29 16.43 -26.96
N GLU D 292 -23.20 16.83 -27.85
CA GLU D 292 -24.21 15.91 -28.41
C GLU D 292 -23.56 14.74 -29.13
N LYS D 293 -22.60 15.03 -30.00
CA LYS D 293 -21.87 13.99 -30.72
C LYS D 293 -21.10 13.08 -29.77
N LEU D 294 -20.41 13.68 -28.80
CA LEU D 294 -19.69 12.89 -27.78
C LEU D 294 -20.70 12.03 -27.07
N ARG D 295 -21.78 12.61 -26.54
CA ARG D 295 -22.79 11.84 -25.83
C ARG D 295 -23.43 10.69 -26.60
N GLU D 296 -23.70 10.85 -27.90
CA GLU D 296 -24.12 9.75 -28.72
C GLU D 296 -23.08 8.60 -28.78
N VAL D 297 -21.79 8.91 -28.69
CA VAL D 297 -20.77 7.88 -28.62
C VAL D 297 -20.77 7.18 -27.23
N VAL D 298 -20.80 7.95 -26.14
CA VAL D 298 -20.87 7.36 -24.79
C VAL D 298 -22.14 6.54 -24.51
N LYS D 299 -23.26 6.89 -25.15
CA LYS D 299 -24.51 6.11 -25.01
C LYS D 299 -24.43 4.74 -25.65
N GLU D 300 -23.74 4.69 -26.79
CA GLU D 300 -23.58 3.46 -27.53
C GLU D 300 -22.45 2.59 -26.98
N SER D 301 -21.78 3.05 -25.95
CA SER D 301 -20.66 2.30 -25.40
C SER D 301 -21.07 1.44 -24.20
N ASP D 302 -20.25 0.43 -23.93
CA ASP D 302 -20.49 -0.58 -22.89
C ASP D 302 -19.95 -0.18 -21.50
N ALA D 303 -19.07 0.81 -21.45
CA ALA D 303 -18.24 1.05 -20.26
C ALA D 303 -18.21 2.49 -19.78
N PHE D 304 -18.55 3.43 -20.65
CA PHE D 304 -18.22 4.83 -20.42
C PHE D 304 -19.26 5.64 -19.70
N THR D 305 -18.77 6.57 -18.90
CA THR D 305 -19.60 7.49 -18.15
C THR D 305 -19.21 8.90 -18.51
N LEU D 306 -20.08 9.84 -18.24
CA LEU D 306 -19.88 11.23 -18.58
C LEU D 306 -20.79 11.96 -17.63
N PRO D 307 -20.30 13.03 -17.00
CA PRO D 307 -21.07 13.75 -15.98
C PRO D 307 -22.29 14.44 -16.57
N LYS D 308 -23.37 14.45 -15.79
CA LYS D 308 -24.60 15.15 -16.17
C LYS D 308 -24.58 16.53 -15.55
N TYR D 309 -25.18 17.50 -16.26
CA TYR D 309 -25.22 18.89 -15.84
C TYR D 309 -26.66 19.35 -15.84
N PRO D 310 -27.07 20.11 -14.81
CA PRO D 310 -28.44 20.58 -14.75
C PRO D 310 -28.62 21.79 -15.63
N GLU D 311 -29.86 21.98 -16.08
CA GLU D 311 -30.28 23.20 -16.71
C GLU D 311 -30.38 24.32 -15.66
N ALA D 312 -30.27 25.56 -16.14
CA ALA D 312 -30.16 26.73 -15.28
C ALA D 312 -30.40 27.93 -16.16
N PHE D 313 -30.96 29.00 -15.58
CA PHE D 313 -31.35 30.18 -16.32
C PHE D 313 -30.12 31.05 -16.50
N CYS D 314 -29.81 31.37 -17.75
CA CYS D 314 -28.69 32.24 -18.07
C CYS D 314 -29.20 33.66 -18.16
N ASN D 315 -28.65 34.57 -17.33
CA ASN D 315 -28.96 36.01 -17.41
C ASN D 315 -28.42 36.72 -18.63
N TYR D 316 -27.36 36.16 -19.22
CA TYR D 316 -26.80 36.66 -20.44
C TYR D 316 -27.76 36.40 -21.59
N PHE D 317 -28.04 35.11 -21.85
CA PHE D 317 -28.93 34.66 -22.92
C PHE D 317 -30.41 34.88 -22.53
N GLY D 318 -30.71 34.87 -21.25
CA GLY D 318 -32.08 35.14 -20.89
C GLY D 318 -32.99 33.95 -21.07
N LYS D 319 -32.41 32.80 -21.34
CA LYS D 319 -33.18 31.53 -21.39
C LYS D 319 -32.61 30.56 -20.39
N SER D 320 -33.40 29.56 -20.07
CA SER D 320 -32.92 28.39 -19.38
C SER D 320 -32.12 27.53 -20.36
N LEU D 321 -30.99 26.98 -19.91
CA LEU D 321 -30.18 26.07 -20.76
C LEU D 321 -29.04 25.32 -20.07
N GLU D 322 -28.47 24.35 -20.78
CA GLU D 322 -27.46 23.48 -20.21
C GLU D 322 -26.03 24.01 -20.49
N SER D 323 -25.10 23.72 -19.58
CA SER D 323 -23.66 23.88 -19.85
C SER D 323 -22.97 22.77 -20.68
N TYR D 324 -21.93 23.20 -21.37
CA TYR D 324 -21.16 22.39 -22.31
C TYR D 324 -19.70 22.70 -22.03
N PRO D 325 -19.15 22.08 -20.99
CA PRO D 325 -17.80 22.31 -20.54
C PRO D 325 -16.71 22.13 -21.61
N ALA D 326 -15.59 22.75 -21.33
CA ALA D 326 -14.42 22.82 -22.16
C ALA D 326 -13.64 21.52 -22.06
N PHE D 327 -13.99 20.65 -21.12
CA PHE D 327 -13.31 19.38 -20.96
C PHE D 327 -14.33 18.31 -20.68
N ALA D 328 -14.02 17.07 -21.06
CA ALA D 328 -14.91 15.95 -20.73
C ALA D 328 -14.33 15.12 -19.58
N TRP D 329 -15.12 14.85 -18.56
CA TRP D 329 -14.66 13.99 -17.46
C TRP D 329 -15.22 12.61 -17.77
N LEU D 330 -14.35 11.79 -18.35
CA LEU D 330 -14.71 10.50 -18.89
C LEU D 330 -14.34 9.48 -17.87
N GLY D 331 -15.24 8.56 -17.63
CA GLY D 331 -14.95 7.50 -16.68
C GLY D 331 -15.27 6.17 -17.28
N THR D 332 -14.69 5.13 -16.70
CA THR D 332 -15.02 3.77 -17.10
C THR D 332 -15.71 3.03 -15.96
N LYS D 333 -16.76 2.28 -16.29
CA LYS D 333 -17.34 1.29 -15.35
C LYS D 333 -16.38 0.11 -15.10
N GLU D 334 -15.73 -0.34 -16.17
CA GLU D 334 -14.76 -1.41 -16.08
C GLU D 334 -13.59 -1.03 -15.19
N GLU D 335 -12.89 -2.03 -14.67
CA GLU D 335 -11.74 -1.76 -13.81
C GLU D 335 -10.45 -1.71 -14.64
N THR D 336 -10.29 -0.63 -15.41
CA THR D 336 -9.10 -0.45 -16.25
C THR D 336 -8.39 0.87 -15.91
N ASP D 337 -7.08 0.94 -16.20
CA ASP D 337 -6.31 2.17 -16.14
C ASP D 337 -6.60 2.97 -17.43
N LEU D 338 -7.57 3.87 -17.34
CA LEU D 338 -8.16 4.55 -18.49
C LEU D 338 -7.18 5.44 -19.30
N VAL D 339 -6.34 6.22 -18.63
CA VAL D 339 -5.37 7.01 -19.38
C VAL D 339 -4.49 6.12 -20.28
N SER D 340 -4.18 4.90 -19.79
CA SER D 340 -3.35 3.95 -20.55
C SER D 340 -4.09 3.23 -21.66
N GLU D 341 -5.33 2.82 -21.35
CA GLU D 341 -6.23 2.27 -22.35
C GLU D 341 -6.41 3.21 -23.54
N LEU D 342 -6.69 4.47 -23.27
CA LEU D 342 -6.78 5.49 -24.32
C LEU D 342 -5.46 5.71 -25.10
N ARG D 343 -4.34 5.72 -24.38
CA ARG D 343 -3.01 5.89 -24.98
C ARG D 343 -2.69 4.75 -25.94
N ARG D 344 -3.22 3.57 -25.64
CA ARG D 344 -3.11 2.37 -26.48
C ARG D 344 -3.93 2.54 -27.74
N HIS D 345 -4.88 3.47 -27.74
CA HIS D 345 -5.65 3.72 -28.96
C HIS D 345 -5.33 5.05 -29.64
N LYS D 346 -4.14 5.58 -29.36
CA LYS D 346 -3.62 6.84 -29.92
C LYS D 346 -4.40 8.10 -29.53
N VAL D 347 -4.92 8.08 -28.31
CA VAL D 347 -5.65 9.19 -27.72
C VAL D 347 -4.95 9.59 -26.42
N MET D 348 -4.32 10.77 -26.41
CA MET D 348 -3.82 11.33 -25.15
C MET D 348 -4.90 12.12 -24.44
N SER D 349 -4.83 12.02 -23.11
CA SER D 349 -5.76 12.62 -22.17
C SER D 349 -5.04 12.85 -20.80
N ARG D 350 -5.68 13.61 -19.92
CA ARG D 350 -5.04 13.89 -18.62
C ARG D 350 -5.51 12.85 -17.61
N ALA D 351 -4.60 12.10 -17.00
CA ALA D 351 -4.98 11.05 -16.02
C ALA D 351 -5.79 11.58 -14.85
N GLY D 352 -6.77 10.79 -14.41
CA GLY D 352 -7.59 11.17 -13.27
C GLY D 352 -6.75 11.32 -12.03
N GLU D 353 -5.73 10.48 -11.88
CA GLU D 353 -4.77 10.54 -10.75
C GLU D 353 -3.92 11.83 -10.65
N ARG D 354 -3.79 12.53 -11.76
CA ARG D 354 -3.13 13.83 -11.76
C ARG D 354 -4.05 14.84 -11.11
N CYS D 355 -5.36 14.69 -11.36
CA CYS D 355 -6.41 15.59 -10.86
C CYS D 355 -6.98 15.19 -9.51
N GLY D 356 -6.28 14.34 -8.77
CA GLY D 356 -6.73 13.88 -7.45
C GLY D 356 -7.88 12.89 -7.49
N SER D 357 -7.99 12.16 -8.59
CA SER D 357 -9.02 11.15 -8.77
C SER D 357 -8.34 9.80 -8.89
N ASP D 358 -9.08 8.83 -9.44
CA ASP D 358 -8.62 7.45 -9.68
C ASP D 358 -8.28 7.15 -11.16
N LYS D 359 -7.92 5.91 -11.45
CA LYS D 359 -7.47 5.49 -12.79
C LYS D 359 -8.61 5.28 -13.78
N LYS D 360 -9.83 5.37 -13.26
CA LYS D 360 -11.04 5.13 -14.02
C LYS D 360 -11.57 6.36 -14.74
N HIS D 361 -10.88 7.49 -14.62
CA HIS D 361 -11.27 8.77 -15.24
C HIS D 361 -10.08 9.41 -15.96
N VAL D 362 -10.39 10.14 -17.03
CA VAL D 362 -9.46 11.04 -17.72
C VAL D 362 -10.19 12.34 -18.00
N ARG D 363 -9.42 13.39 -18.30
CA ARG D 363 -9.94 14.67 -18.76
C ARG D 363 -9.54 14.82 -20.22
N VAL D 364 -10.53 15.02 -21.09
CA VAL D 364 -10.29 15.20 -22.50
C VAL D 364 -10.74 16.61 -22.96
N SER D 365 -9.87 17.32 -23.64
CA SER D 365 -10.24 18.61 -24.19
C SER D 365 -11.36 18.53 -25.25
N MET D 366 -12.37 19.40 -25.08
CA MET D 366 -13.44 19.55 -26.08
C MET D 366 -13.17 20.72 -26.98
N LEU D 367 -11.93 21.20 -26.99
CA LEU D 367 -11.58 22.48 -27.62
C LEU D 367 -10.52 22.39 -28.74
N SER D 368 -10.35 21.22 -29.36
CA SER D 368 -9.43 21.04 -30.43
C SER D 368 -10.01 21.39 -31.82
N ARG D 369 -9.18 21.30 -32.83
CA ARG D 369 -9.69 21.47 -34.17
C ARG D 369 -10.71 20.36 -34.34
N GLU D 370 -11.71 20.65 -35.17
CA GLU D 370 -12.77 19.74 -35.51
C GLU D 370 -12.21 18.39 -36.00
N ASP D 371 -11.39 18.44 -37.05
CA ASP D 371 -10.81 17.20 -37.58
C ASP D 371 -10.26 16.34 -36.44
N VAL D 372 -9.45 16.94 -35.58
CA VAL D 372 -8.87 16.24 -34.44
C VAL D 372 -9.96 15.67 -33.55
N PHE D 373 -11.03 16.44 -33.28
CA PHE D 373 -12.15 16.07 -32.41
C PHE D 373 -12.88 14.84 -32.92
N ASN D 374 -13.18 14.87 -34.22
CA ASN D 374 -13.76 13.75 -34.96
C ASN D 374 -13.04 12.40 -34.92
N VAL D 375 -11.71 12.45 -35.06
CA VAL D 375 -10.83 11.27 -34.97
C VAL D 375 -10.89 10.64 -33.58
N PHE D 376 -10.92 11.50 -32.57
CA PHE D 376 -11.13 11.09 -31.21
C PHE D 376 -12.41 10.35 -31.00
N LEU D 377 -13.53 10.86 -31.55
CA LEU D 377 -14.77 10.14 -31.37
C LEU D 377 -14.70 8.75 -32.03
N GLU D 378 -14.15 8.74 -33.24
CA GLU D 378 -13.91 7.53 -34.03
C GLU D 378 -13.04 6.57 -33.25
N ARG D 379 -11.97 7.06 -32.64
CA ARG D 379 -11.21 6.19 -31.74
C ARG D 379 -11.96 5.76 -30.47
N LEU D 380 -12.69 6.66 -29.83
CA LEU D 380 -13.53 6.32 -28.70
C LEU D 380 -14.51 5.22 -29.07
N ALA D 381 -15.22 5.40 -30.19
CA ALA D 381 -16.17 4.41 -30.76
C ALA D 381 -15.54 3.04 -30.97
N ASN D 382 -14.24 3.01 -31.25
CA ASN D 382 -13.55 1.79 -31.62
C ASN D 382 -12.78 1.07 -30.51
N MET D 383 -12.87 1.57 -29.28
CA MET D 383 -12.16 0.94 -28.16
C MET D 383 -12.37 -0.59 -28.00
N PRO E 19 34.97 18.50 6.50
CA PRO E 19 35.05 18.72 7.96
C PRO E 19 36.01 17.64 8.42
N MET E 20 37.23 17.71 7.86
CA MET E 20 38.06 16.52 7.54
C MET E 20 38.58 15.71 8.74
N SER E 21 38.98 16.40 9.81
CA SER E 21 39.36 15.76 11.07
C SER E 21 38.31 14.79 11.62
N ASP E 22 37.07 14.86 11.14
CA ASP E 22 36.01 14.03 11.74
C ASP E 22 35.83 12.65 11.09
N PHE E 23 36.51 12.42 9.97
CA PHE E 23 36.56 11.09 9.33
C PHE E 23 37.42 10.11 10.08
N VAL E 24 36.87 8.93 10.32
CA VAL E 24 37.56 7.81 10.95
C VAL E 24 38.37 7.04 9.88
N VAL E 25 39.69 6.98 10.08
CA VAL E 25 40.58 6.30 9.13
C VAL E 25 40.69 4.89 9.62
N ASN E 26 40.07 3.98 8.88
CA ASN E 26 40.09 2.59 9.27
C ASN E 26 41.11 1.70 8.54
N LEU E 27 42.20 1.40 9.26
CA LEU E 27 43.32 0.68 8.73
C LEU E 27 43.54 -0.54 9.57
N ASP E 28 42.49 -0.98 10.24
CA ASP E 28 42.47 -2.15 11.10
C ASP E 28 42.18 -3.41 10.29
N HIS E 29 41.24 -3.31 9.35
CA HIS E 29 40.79 -4.44 8.52
C HIS E 29 41.64 -4.50 7.25
N GLY E 30 42.08 -5.71 6.89
CA GLY E 30 42.86 -5.87 5.66
C GLY E 30 41.96 -5.88 4.43
N ASP E 31 41.35 -4.73 4.11
CA ASP E 31 40.36 -4.67 3.04
C ASP E 31 41.02 -4.08 1.82
N PRO E 32 41.36 -4.93 0.84
CA PRO E 32 42.29 -4.49 -0.18
C PRO E 32 41.63 -3.65 -1.26
N THR E 33 41.02 -2.54 -0.86
CA THR E 33 40.33 -1.63 -1.78
C THR E 33 41.26 -0.78 -2.60
N ALA E 34 42.58 -0.91 -2.39
CA ALA E 34 43.57 -0.19 -3.18
C ALA E 34 43.45 -0.56 -4.63
N TYR E 35 42.93 -1.74 -4.89
CA TYR E 35 43.04 -2.32 -6.21
C TYR E 35 41.87 -1.99 -7.13
N GLU E 36 40.87 -1.31 -6.59
CA GLU E 36 39.58 -1.14 -7.26
C GLU E 36 39.71 -0.44 -8.59
N GLU E 37 40.33 0.74 -8.61
CA GLU E 37 40.60 1.48 -9.83
C GLU E 37 41.22 0.66 -10.93
N TYR E 38 42.16 -0.20 -10.54
CA TYR E 38 42.89 -1.03 -11.50
C TYR E 38 41.92 -1.91 -12.28
N TRP E 39 41.08 -2.61 -11.51
CA TRP E 39 40.08 -3.50 -12.04
C TRP E 39 38.94 -2.80 -12.81
N ARG E 40 38.66 -1.54 -12.46
CA ARG E 40 37.73 -0.74 -13.24
C ARG E 40 38.33 -0.37 -14.60
N LYS E 41 39.63 -0.04 -14.64
CA LYS E 41 40.28 0.32 -15.90
C LYS E 41 40.45 -0.84 -16.88
N MET E 42 40.38 -2.06 -16.34
CA MET E 42 40.53 -3.25 -17.18
C MET E 42 39.38 -3.30 -18.18
N GLY E 43 38.21 -2.83 -17.77
CA GLY E 43 37.07 -2.67 -18.66
C GLY E 43 36.18 -3.89 -18.76
N ASP E 44 35.67 -4.13 -19.97
CA ASP E 44 34.74 -5.22 -20.24
C ASP E 44 35.45 -6.56 -20.36
N ARG E 45 36.77 -6.51 -20.36
CA ARG E 45 37.57 -7.71 -20.42
C ARG E 45 37.37 -8.62 -19.18
N CYS E 46 36.97 -8.02 -18.06
CA CYS E 46 36.75 -8.77 -16.83
C CYS E 46 35.32 -9.26 -16.59
N THR E 47 34.38 -8.82 -17.42
CA THR E 47 32.99 -9.16 -17.20
C THR E 47 32.75 -10.68 -17.14
N VAL E 48 32.03 -11.14 -16.11
CA VAL E 48 31.58 -12.53 -15.97
C VAL E 48 30.09 -12.56 -16.20
N THR E 49 29.61 -13.48 -17.02
CA THR E 49 28.17 -13.63 -17.31
C THR E 49 27.68 -15.05 -16.95
N ILE E 50 26.66 -15.14 -16.09
CA ILE E 50 26.13 -16.43 -15.66
C ILE E 50 24.63 -16.55 -15.93
N ARG E 51 24.27 -17.60 -16.65
CA ARG E 51 22.88 -17.84 -17.01
C ARG E 51 22.10 -18.58 -15.91
N GLY E 52 20.77 -18.46 -15.96
CA GLY E 52 19.95 -18.94 -14.84
C GLY E 52 19.93 -20.42 -14.67
N CYS E 53 20.28 -21.12 -15.76
CA CYS E 53 20.51 -22.57 -15.74
C CYS E 53 21.92 -23.06 -15.40
N ASP E 54 22.89 -22.14 -15.35
CA ASP E 54 24.29 -22.52 -15.06
C ASP E 54 24.47 -22.84 -13.54
N LEU E 55 25.55 -23.53 -13.20
CA LEU E 55 25.99 -23.76 -11.79
C LEU E 55 24.95 -24.26 -10.82
N MET E 56 23.93 -24.94 -11.35
CA MET E 56 22.87 -25.40 -10.46
C MET E 56 23.26 -26.56 -9.51
N SER E 57 24.01 -27.54 -9.98
CA SER E 57 24.30 -28.78 -9.19
C SER E 57 25.25 -28.58 -8.00
N TYR E 58 25.12 -29.37 -6.95
CA TYR E 58 26.07 -29.32 -5.83
C TYR E 58 27.44 -29.63 -6.37
N PHE E 59 27.50 -30.57 -7.31
CA PHE E 59 28.76 -31.19 -7.79
C PHE E 59 29.39 -30.47 -9.00
N SER E 60 30.73 -30.40 -9.00
CA SER E 60 31.55 -29.84 -10.09
C SER E 60 32.11 -30.94 -10.99
N ASP E 61 32.72 -31.91 -10.34
CA ASP E 61 33.41 -33.01 -11.02
C ASP E 61 33.68 -34.14 -10.07
N MET E 62 33.01 -35.26 -10.30
CA MET E 62 33.26 -36.43 -9.49
C MET E 62 34.65 -37.10 -9.72
N THR E 63 35.40 -36.66 -10.74
CA THR E 63 36.75 -37.18 -11.05
C THR E 63 37.76 -36.79 -9.96
N ASN E 64 37.56 -35.58 -9.43
CA ASN E 64 38.52 -34.91 -8.57
C ASN E 64 38.23 -35.23 -7.14
N LEU E 65 39.29 -35.20 -6.34
CA LEU E 65 39.19 -35.49 -4.92
C LEU E 65 38.32 -34.41 -4.25
N CYS E 66 38.62 -33.16 -4.57
CA CYS E 66 37.70 -32.08 -4.27
C CYS E 66 36.67 -31.99 -5.42
N TRP E 67 35.53 -32.66 -5.22
CA TRP E 67 34.49 -32.76 -6.26
C TRP E 67 33.68 -31.50 -6.45
N PHE E 68 33.92 -30.51 -5.60
CA PHE E 68 33.17 -29.28 -5.70
C PHE E 68 34.05 -28.15 -6.22
N LEU E 69 35.24 -28.53 -6.70
CA LEU E 69 36.23 -27.62 -7.27
C LEU E 69 35.93 -27.47 -8.77
N GLU E 70 35.54 -26.29 -9.15
CA GLU E 70 35.29 -26.01 -10.54
C GLU E 70 36.58 -26.21 -11.33
N PRO E 71 36.52 -27.02 -12.41
CA PRO E 71 37.68 -27.23 -13.32
C PRO E 71 38.25 -25.95 -13.98
N GLU E 72 37.47 -24.90 -14.12
CA GLU E 72 37.98 -23.66 -14.73
C GLU E 72 38.90 -22.90 -13.76
N LEU E 73 38.56 -23.00 -12.48
CA LEU E 73 39.31 -22.37 -11.43
C LEU E 73 40.54 -23.19 -11.16
N GLU E 74 40.38 -24.50 -11.07
CA GLU E 74 41.50 -25.43 -10.97
C GLU E 74 42.59 -25.09 -12.03
N ASP E 75 42.17 -25.00 -13.31
CA ASP E 75 43.07 -24.57 -14.37
C ASP E 75 43.68 -23.23 -14.09
N ALA E 76 42.87 -22.18 -13.87
CA ALA E 76 43.42 -20.80 -13.70
C ALA E 76 44.47 -20.74 -12.60
N ILE E 77 44.23 -21.52 -11.53
CA ILE E 77 45.10 -21.54 -10.38
C ILE E 77 46.43 -22.15 -10.76
N LYS E 78 46.40 -23.34 -11.35
CA LYS E 78 47.59 -24.00 -11.84
C LYS E 78 48.42 -23.16 -12.81
N ASP E 79 47.77 -22.61 -13.86
CA ASP E 79 48.39 -21.61 -14.73
C ASP E 79 49.00 -20.45 -13.89
N LEU E 80 48.23 -19.80 -13.02
CA LEU E 80 48.80 -18.70 -12.18
C LEU E 80 50.14 -19.02 -11.52
N HIS E 81 50.18 -20.05 -10.66
CA HIS E 81 51.42 -20.50 -10.00
C HIS E 81 52.47 -20.89 -11.00
N GLY E 82 52.03 -21.35 -12.17
CA GLY E 82 52.91 -21.67 -13.25
C GLY E 82 53.66 -20.49 -13.83
N VAL E 83 52.97 -19.38 -14.06
CA VAL E 83 53.64 -18.21 -14.65
C VAL E 83 54.48 -17.41 -13.64
N VAL E 84 54.04 -17.41 -12.39
CA VAL E 84 54.68 -16.66 -11.34
C VAL E 84 55.82 -17.48 -10.81
N GLY E 85 55.63 -18.77 -10.56
CA GLY E 85 56.72 -19.58 -10.09
C GLY E 85 56.85 -19.54 -8.59
N ASN E 86 55.72 -19.41 -7.86
CA ASN E 86 55.76 -19.24 -6.40
C ASN E 86 55.41 -20.49 -5.56
N ALA E 87 54.84 -21.50 -6.22
CA ALA E 87 54.42 -22.74 -5.58
C ALA E 87 54.33 -23.83 -6.66
N ALA E 88 54.62 -25.06 -6.28
CA ALA E 88 54.52 -26.18 -7.18
C ALA E 88 53.12 -26.79 -7.06
N THR E 89 52.56 -27.22 -8.18
CA THR E 89 51.20 -27.74 -8.24
C THR E 89 51.12 -29.20 -8.72
N GLU E 90 52.24 -29.72 -9.23
CA GLU E 90 52.30 -31.10 -9.70
C GLU E 90 52.21 -32.13 -8.57
N ASP E 91 51.57 -33.25 -8.87
CA ASP E 91 51.50 -34.38 -7.95
C ASP E 91 51.02 -33.97 -6.57
N ARG E 92 49.88 -33.26 -6.54
CA ARG E 92 49.20 -32.95 -5.30
C ARG E 92 47.82 -32.42 -5.56
N TYR E 93 47.13 -32.18 -4.46
CA TYR E 93 45.69 -31.94 -4.45
C TYR E 93 45.36 -30.50 -4.17
N ILE E 94 44.33 -30.02 -4.87
CA ILE E 94 43.84 -28.65 -4.73
C ILE E 94 42.48 -28.70 -4.11
N VAL E 95 42.32 -27.90 -3.08
CA VAL E 95 41.11 -27.83 -2.34
C VAL E 95 40.79 -26.35 -2.24
N VAL E 96 39.63 -25.97 -2.76
CA VAL E 96 39.14 -24.62 -2.57
C VAL E 96 38.43 -24.46 -1.27
N GLY E 97 38.50 -23.22 -0.76
CA GLY E 97 37.65 -22.81 0.34
C GLY E 97 36.98 -21.48 0.09
N THR E 98 36.06 -21.19 1.00
CA THR E 98 35.42 -19.90 1.15
C THR E 98 36.43 -19.04 1.86
N GLY E 99 37.42 -18.56 1.10
CA GLY E 99 38.59 -17.90 1.64
C GLY E 99 39.56 -18.90 2.22
N SER E 100 40.81 -18.49 2.33
CA SER E 100 41.89 -19.16 3.07
C SER E 100 41.58 -19.38 4.57
N THR E 101 40.50 -18.78 5.03
CA THR E 101 39.99 -18.84 6.39
C THR E 101 39.43 -20.24 6.69
N GLN E 102 38.52 -20.69 5.83
CA GLN E 102 37.97 -22.05 5.87
C GLN E 102 39.05 -23.12 5.62
N LEU E 103 40.03 -22.84 4.76
CA LEU E 103 41.09 -23.82 4.43
C LEU E 103 42.04 -24.08 5.58
N CYS E 104 42.48 -23.00 6.24
CA CYS E 104 43.33 -23.13 7.40
C CYS E 104 42.65 -23.95 8.50
N GLN E 105 41.36 -23.73 8.70
CA GLN E 105 40.60 -24.48 9.71
C GLN E 105 40.41 -25.92 9.30
N ALA E 106 40.24 -26.15 8.00
CA ALA E 106 40.15 -27.51 7.43
C ALA E 106 41.42 -28.29 7.70
N ALA E 107 42.55 -27.68 7.33
CA ALA E 107 43.87 -28.30 7.47
C ALA E 107 44.13 -28.57 8.93
N VAL E 108 43.93 -27.53 9.75
CA VAL E 108 44.12 -27.67 11.19
C VAL E 108 43.18 -28.74 11.76
N HIS E 109 42.09 -29.04 11.06
CA HIS E 109 41.09 -30.04 11.51
C HIS E 109 41.48 -31.43 11.04
N ALA E 110 41.93 -31.52 9.79
CA ALA E 110 42.33 -32.76 9.17
C ALA E 110 43.54 -33.43 9.85
N LEU E 111 44.64 -32.70 9.96
CA LEU E 111 45.89 -33.18 10.56
C LEU E 111 45.64 -33.64 11.99
N SER E 112 45.04 -32.73 12.76
CA SER E 112 44.51 -32.95 14.10
C SER E 112 43.72 -34.26 14.26
N SER E 113 42.98 -34.65 13.21
CA SER E 113 42.18 -35.88 13.19
C SER E 113 42.95 -37.17 12.76
N LEU E 114 44.18 -36.99 12.31
CA LEU E 114 45.01 -38.12 11.94
C LEU E 114 46.26 -38.17 12.82
N ALA E 115 46.37 -37.24 13.77
CA ALA E 115 47.43 -37.26 14.79
C ALA E 115 47.34 -38.53 15.63
N ARG E 116 48.42 -38.93 16.30
CA ARG E 116 48.38 -40.16 17.14
C ARG E 116 47.52 -39.97 18.40
N SER E 117 47.50 -38.75 18.94
CA SER E 117 46.68 -38.43 20.13
C SER E 117 46.11 -37.01 20.05
N GLN E 118 45.12 -36.73 20.91
CA GLN E 118 44.50 -35.40 21.04
C GLN E 118 44.52 -34.87 22.51
N PRO E 119 44.50 -33.53 22.72
CA PRO E 119 44.45 -32.38 21.79
C PRO E 119 45.71 -32.23 20.93
N VAL E 120 45.77 -31.20 20.10
CA VAL E 120 46.98 -30.96 19.33
C VAL E 120 47.42 -29.50 19.55
N SER E 121 48.64 -29.32 20.03
CA SER E 121 49.23 -28.01 20.20
C SER E 121 49.26 -27.33 18.81
N VAL E 122 48.89 -26.05 18.75
CA VAL E 122 48.93 -25.32 17.49
C VAL E 122 49.58 -24.01 17.86
N VAL E 123 50.61 -23.64 17.12
CA VAL E 123 51.52 -22.57 17.55
C VAL E 123 51.92 -21.65 16.39
N ALA E 124 52.44 -20.47 16.69
CA ALA E 124 52.99 -19.58 15.68
C ALA E 124 53.87 -18.48 16.29
N ALA E 125 55.12 -18.37 15.84
CA ALA E 125 55.89 -17.13 16.06
C ALA E 125 54.99 -16.02 15.49
N ALA E 126 54.44 -15.10 16.31
CA ALA E 126 55.06 -14.35 17.41
C ALA E 126 56.20 -13.44 16.95
N PRO E 127 55.83 -12.26 16.43
CA PRO E 127 54.41 -11.80 16.34
C PRO E 127 53.55 -12.53 15.28
N PHE E 128 52.34 -12.96 15.68
CA PHE E 128 51.43 -13.68 14.80
C PHE E 128 50.18 -12.88 14.40
N TYR E 129 49.04 -13.57 14.38
CA TYR E 129 47.85 -13.18 13.63
C TYR E 129 46.75 -13.80 14.45
N SER E 130 46.11 -13.00 15.31
CA SER E 130 45.26 -13.56 16.40
C SER E 130 44.06 -14.31 15.85
N THR E 131 43.56 -13.88 14.68
CA THR E 131 42.54 -14.64 13.95
C THR E 131 42.81 -16.15 14.05
N TYR E 132 44.09 -16.54 13.93
CA TYR E 132 44.54 -17.93 14.05
C TYR E 132 44.17 -18.55 15.39
N VAL E 133 44.18 -17.74 16.45
CA VAL E 133 43.72 -18.12 17.79
C VAL E 133 42.23 -18.43 17.69
N GLU E 134 41.46 -17.35 17.46
CA GLU E 134 40.00 -17.34 17.32
C GLU E 134 39.44 -18.45 16.46
N GLU E 135 40.09 -18.73 15.34
CA GLU E 135 39.73 -19.85 14.45
C GLU E 135 39.91 -21.21 15.09
N THR E 136 40.83 -21.27 16.06
CA THR E 136 41.21 -22.53 16.74
C THR E 136 40.80 -22.54 18.23
N THR E 137 39.97 -21.57 18.60
CA THR E 137 39.45 -21.37 19.95
C THR E 137 37.91 -21.43 19.99
N TYR E 138 37.28 -20.68 19.08
CA TYR E 138 35.83 -20.41 19.09
C TYR E 138 34.91 -21.64 19.10
N VAL E 139 35.32 -22.71 18.42
CA VAL E 139 34.54 -23.94 18.37
C VAL E 139 34.64 -24.68 19.71
N ARG E 140 35.64 -24.30 20.52
CA ARG E 140 35.96 -25.00 21.76
C ARG E 140 36.00 -26.51 21.53
N SER E 141 36.89 -26.92 20.62
CA SER E 141 36.99 -28.32 20.25
C SER E 141 38.03 -29.05 21.10
N GLY E 142 37.69 -30.29 21.47
CA GLY E 142 38.64 -31.19 22.12
C GLY E 142 39.65 -31.91 21.23
N MET E 143 39.71 -31.54 19.94
CA MET E 143 40.66 -32.11 18.97
C MET E 143 42.03 -31.45 19.05
N TYR E 144 42.04 -30.12 18.94
CA TYR E 144 43.25 -29.30 19.05
C TYR E 144 43.18 -28.35 20.29
N LYS E 145 44.33 -27.81 20.71
CA LYS E 145 44.41 -26.71 21.70
C LYS E 145 45.03 -25.46 21.03
N TRP E 146 45.71 -24.61 21.77
CA TRP E 146 46.37 -23.43 21.18
C TRP E 146 47.33 -22.88 22.21
N GLU E 147 48.58 -22.61 21.79
CA GLU E 147 49.60 -22.19 22.75
C GLU E 147 50.38 -20.88 22.51
N GLY E 148 51.19 -20.80 21.46
CA GLY E 148 51.98 -19.59 21.18
C GLY E 148 52.55 -19.76 19.79
N ASP E 149 53.60 -18.99 19.41
CA ASP E 149 54.69 -18.74 20.29
C ASP E 149 54.64 -17.89 21.54
N ALA E 150 55.76 -17.30 21.98
CA ALA E 150 56.59 -16.34 21.21
C ALA E 150 57.26 -16.65 19.85
N TRP E 151 57.78 -17.86 19.58
CA TRP E 151 58.87 -18.54 20.27
C TRP E 151 58.89 -19.72 21.30
N PHE E 153 58.10 -22.78 22.93
CA PHE E 153 57.12 -23.90 22.96
C PHE E 153 57.84 -25.25 23.09
N ASP E 154 57.29 -26.15 23.93
CA ASP E 154 58.05 -27.33 24.32
C ASP E 154 57.40 -28.57 24.93
N LYS E 155 56.89 -29.50 24.13
CA LYS E 155 55.50 -29.70 24.00
C LYS E 155 55.10 -31.17 24.16
N LYS E 156 53.81 -31.48 24.33
CA LYS E 156 53.33 -32.88 24.32
C LYS E 156 54.02 -33.69 23.23
N GLY E 157 53.34 -33.76 22.09
CA GLY E 157 53.87 -34.40 20.91
C GLY E 157 53.12 -33.85 19.72
N PRO E 158 51.81 -34.20 19.63
CA PRO E 158 51.03 -33.76 18.49
C PRO E 158 51.00 -32.24 18.47
N TYR E 159 51.71 -31.73 17.58
CA TYR E 159 51.59 -30.32 17.38
C TYR E 159 51.51 -29.99 15.89
N ILE E 160 50.76 -28.93 15.59
CA ILE E 160 50.67 -28.35 14.26
C ILE E 160 51.34 -26.98 14.29
N GLU E 161 52.33 -26.80 13.44
CA GLU E 161 53.14 -25.58 13.45
C GLU E 161 52.43 -24.42 12.76
N LEU E 162 52.22 -24.52 11.45
CA LEU E 162 51.54 -23.43 10.71
C LEU E 162 52.30 -22.08 10.68
N VAL E 163 52.94 -21.82 9.54
CA VAL E 163 53.86 -20.69 9.43
C VAL E 163 53.51 -19.75 8.28
N THR E 164 53.50 -18.47 8.61
CA THR E 164 52.86 -17.44 7.81
C THR E 164 53.96 -16.60 7.21
N SER E 165 54.03 -16.53 5.88
CA SER E 165 55.06 -15.73 5.20
C SER E 165 54.83 -15.45 3.72
N PRO E 166 55.04 -14.18 3.29
CA PRO E 166 55.23 -12.99 4.16
C PRO E 166 54.20 -12.88 5.30
N ASN E 167 54.73 -12.76 6.52
CA ASN E 167 53.96 -12.89 7.75
C ASN E 167 52.88 -11.82 7.90
N ASN E 168 51.95 -12.09 8.80
CA ASN E 168 50.92 -11.16 9.22
C ASN E 168 51.09 -10.97 10.72
N PRO E 169 51.56 -9.76 11.15
CA PRO E 169 51.88 -8.46 10.54
C PRO E 169 53.31 -8.13 10.05
N ASP E 170 54.35 -8.63 10.75
CA ASP E 170 55.79 -8.42 10.43
C ASP E 170 56.02 -8.19 8.94
N GLY E 171 55.39 -9.06 8.14
CA GLY E 171 55.72 -9.21 6.75
C GLY E 171 57.07 -9.88 6.56
N THR E 172 57.50 -10.62 7.58
CA THR E 172 58.80 -11.31 7.51
C THR E 172 58.66 -12.66 6.79
N ILE E 173 59.71 -13.03 6.05
CA ILE E 173 59.86 -14.37 5.44
C ILE E 173 60.15 -15.34 6.58
N ARG E 174 59.49 -16.49 6.58
CA ARG E 174 59.34 -17.30 7.77
C ARG E 174 59.38 -18.78 7.41
N GLU E 175 60.32 -19.50 8.03
CA GLU E 175 60.37 -20.95 7.96
C GLU E 175 59.89 -21.45 9.33
N THR E 176 60.02 -22.75 9.57
CA THR E 176 59.59 -23.28 10.85
C THR E 176 60.66 -23.06 11.93
N VAL E 177 60.23 -22.48 13.06
CA VAL E 177 61.13 -22.25 14.19
C VAL E 177 60.94 -23.27 15.32
N VAL E 178 60.72 -24.53 14.96
CA VAL E 178 60.53 -25.60 15.95
C VAL E 178 61.12 -26.91 15.39
N GLU E 185 55.13 -36.97 14.43
CA GLU E 185 54.11 -36.25 15.25
C GLU E 185 54.14 -34.73 15.10
N ALA E 186 55.06 -34.24 14.26
CA ALA E 186 55.25 -32.80 14.07
C ALA E 186 54.74 -32.39 12.69
N LYS E 187 53.98 -31.29 12.70
CA LYS E 187 53.07 -30.93 11.60
C LYS E 187 53.14 -29.44 11.29
N VAL E 188 53.10 -29.13 10.01
CA VAL E 188 53.14 -27.74 9.57
C VAL E 188 52.08 -27.47 8.46
N ILE E 189 51.56 -26.25 8.45
CA ILE E 189 50.65 -25.73 7.43
C ILE E 189 51.21 -24.40 6.96
N HIS E 190 51.46 -24.25 5.66
CA HIS E 190 52.09 -23.01 5.17
C HIS E 190 51.10 -22.06 4.55
N ASP E 191 51.09 -20.83 5.06
CA ASP E 191 50.18 -19.78 4.60
C ASP E 191 50.88 -18.73 3.79
N PHE E 192 50.90 -18.92 2.49
CA PHE E 192 51.60 -18.01 1.60
C PHE E 192 50.64 -17.04 0.96
N ALA E 193 49.63 -16.62 1.73
CA ALA E 193 48.63 -15.67 1.26
C ALA E 193 49.24 -14.45 0.60
N TYR E 194 50.38 -14.01 1.13
CA TYR E 194 51.05 -12.80 0.62
C TYR E 194 52.32 -13.01 -0.22
N TYR E 195 52.57 -14.24 -0.63
CA TYR E 195 53.75 -14.57 -1.42
C TYR E 195 53.53 -14.36 -2.94
N TRP E 196 53.52 -13.10 -3.38
CA TRP E 196 53.31 -12.76 -4.79
C TRP E 196 54.26 -11.62 -5.14
N PRO E 197 54.61 -11.45 -6.42
CA PRO E 197 55.63 -10.48 -6.84
C PRO E 197 55.42 -9.06 -6.33
N HIS E 198 54.15 -8.67 -6.18
CA HIS E 198 53.81 -7.29 -5.89
C HIS E 198 54.07 -6.91 -4.41
N TYR E 199 54.14 -7.92 -3.55
CA TYR E 199 54.48 -7.69 -2.15
C TYR E 199 55.94 -8.05 -1.78
N THR E 200 56.50 -9.11 -2.40
CA THR E 200 57.79 -9.65 -2.00
C THR E 200 58.45 -10.41 -3.16
N PRO E 201 59.81 -10.42 -3.23
CA PRO E 201 60.50 -11.15 -4.31
C PRO E 201 60.28 -12.66 -4.23
N ILE E 202 60.03 -13.28 -5.38
CA ILE E 202 59.78 -14.72 -5.44
C ILE E 202 61.13 -15.46 -5.47
N THR E 203 61.57 -15.93 -4.29
CA THR E 203 62.91 -16.50 -4.08
C THR E 203 62.91 -18.00 -4.32
N ARG E 204 61.80 -18.65 -3.97
CA ARG E 204 61.61 -20.06 -4.20
C ARG E 204 60.22 -20.35 -4.73
N ARG E 205 60.14 -21.43 -5.51
CA ARG E 205 58.89 -22.09 -5.84
C ARG E 205 58.60 -22.97 -4.66
N GLN E 206 57.79 -22.47 -3.75
CA GLN E 206 57.56 -23.17 -2.51
C GLN E 206 57.01 -24.56 -2.85
N ASP E 207 57.52 -25.56 -2.17
CA ASP E 207 57.15 -26.91 -2.50
C ASP E 207 56.87 -27.67 -1.22
N HIS E 208 56.29 -26.99 -0.26
CA HIS E 208 55.90 -27.55 1.03
C HIS E 208 54.69 -28.45 0.96
N ASP E 209 54.26 -28.96 2.12
CA ASP E 209 53.18 -29.98 2.22
C ASP E 209 51.70 -29.51 2.20
N ILE E 210 51.41 -28.42 2.91
CA ILE E 210 50.12 -27.76 2.82
C ILE E 210 50.44 -26.32 2.53
N MET E 211 49.99 -25.81 1.41
CA MET E 211 50.25 -24.40 1.06
C MET E 211 48.94 -23.63 0.77
N LEU E 212 48.71 -22.56 1.51
CA LEU E 212 47.45 -21.83 1.46
C LEU E 212 47.61 -20.54 0.68
N PHE E 213 46.74 -20.32 -0.29
CA PHE E 213 46.66 -19.02 -0.94
C PHE E 213 45.28 -18.43 -0.78
N THR E 214 45.17 -17.11 -0.96
CA THR E 214 43.87 -16.42 -0.88
C THR E 214 43.69 -15.52 -2.08
N PHE E 215 42.54 -15.65 -2.75
CA PHE E 215 42.22 -14.79 -3.89
C PHE E 215 42.25 -13.31 -3.55
N SER E 216 41.91 -12.98 -2.29
CA SER E 216 41.63 -11.62 -1.85
C SER E 216 42.83 -10.75 -1.90
N LYS E 217 43.94 -11.25 -1.37
CA LYS E 217 45.12 -10.47 -1.10
C LYS E 217 45.94 -10.43 -2.33
N ILE E 218 45.63 -11.27 -3.32
CA ILE E 218 46.28 -11.12 -4.62
C ILE E 218 45.70 -9.89 -5.34
N THR E 219 44.44 -9.99 -5.78
CA THR E 219 43.87 -8.97 -6.66
C THR E 219 42.93 -8.00 -5.92
N GLY E 220 42.54 -8.35 -4.70
CA GLY E 220 41.71 -7.48 -3.91
C GLY E 220 40.25 -7.81 -3.89
N HIS E 221 39.89 -8.93 -4.50
CA HIS E 221 38.52 -9.31 -4.57
C HIS E 221 38.20 -10.10 -3.34
N ALA E 222 38.11 -9.38 -2.22
CA ALA E 222 37.88 -10.01 -0.93
C ALA E 222 36.48 -10.56 -0.81
N GLY E 223 35.54 -9.91 -1.49
CA GLY E 223 34.12 -10.25 -1.39
C GLY E 223 33.76 -11.55 -2.10
N SER E 224 34.67 -11.98 -2.98
CA SER E 224 34.51 -13.25 -3.67
C SER E 224 34.60 -14.45 -2.77
N ARG E 225 35.32 -14.36 -1.66
CA ARG E 225 35.49 -15.47 -0.69
C ARG E 225 36.12 -16.75 -1.25
N ILE E 226 37.18 -16.62 -2.03
CA ILE E 226 37.92 -17.78 -2.58
C ILE E 226 39.32 -17.97 -1.99
N GLY E 227 39.59 -19.21 -1.62
CA GLY E 227 40.92 -19.63 -1.19
C GLY E 227 41.19 -20.98 -1.80
N TRP E 228 42.43 -21.44 -1.66
CA TRP E 228 42.84 -22.75 -2.16
C TRP E 228 44.08 -23.27 -1.44
N ALA E 229 44.06 -24.57 -1.18
CA ALA E 229 45.14 -25.26 -0.53
C ALA E 229 45.80 -26.17 -1.56
N LEU E 230 47.12 -26.08 -1.66
CA LEU E 230 47.93 -27.14 -2.32
C LEU E 230 48.38 -28.17 -1.25
N VAL E 231 47.85 -29.40 -1.33
CA VAL E 231 48.09 -30.47 -0.32
C VAL E 231 48.64 -31.78 -0.90
N LYS E 232 49.90 -32.09 -0.56
CA LYS E 232 50.58 -33.38 -0.92
C LYS E 232 49.95 -34.72 -0.47
N ASP E 233 49.53 -34.80 0.77
CA ASP E 233 49.00 -36.03 1.34
C ASP E 233 47.54 -36.24 0.90
N LYS E 234 47.27 -37.30 0.12
CA LYS E 234 45.90 -37.57 -0.35
C LYS E 234 44.92 -37.66 0.83
N GLU E 235 45.42 -38.14 1.96
CA GLU E 235 44.60 -38.28 3.16
C GLU E 235 44.23 -36.92 3.80
N VAL E 236 45.23 -36.12 4.19
CA VAL E 236 44.95 -34.73 4.65
C VAL E 236 43.90 -34.05 3.74
N ALA E 237 44.21 -33.94 2.45
CA ALA E 237 43.32 -33.38 1.43
C ALA E 237 41.91 -33.97 1.47
N LYS E 238 41.82 -35.29 1.61
CA LYS E 238 40.53 -35.97 1.71
C LYS E 238 39.78 -35.60 2.99
N LYS E 239 40.51 -35.28 4.05
CA LYS E 239 39.87 -34.95 5.35
C LYS E 239 39.45 -33.50 5.42
N MET E 240 40.24 -32.68 4.74
CA MET E 240 39.98 -31.28 4.48
C MET E 240 38.71 -31.12 3.66
N VAL E 241 38.61 -31.82 2.53
CA VAL E 241 37.40 -31.83 1.70
C VAL E 241 36.20 -32.23 2.53
N GLU E 242 36.34 -33.25 3.41
CA GLU E 242 35.21 -33.74 4.22
C GLU E 242 34.76 -32.73 5.25
N TYR E 243 35.72 -32.01 5.81
CA TYR E 243 35.42 -30.97 6.78
C TYR E 243 34.61 -29.88 6.08
N ILE E 244 35.07 -29.45 4.89
CA ILE E 244 34.37 -28.43 4.12
C ILE E 244 32.96 -28.88 3.79
N ILE E 245 32.80 -30.17 3.49
CA ILE E 245 31.52 -30.66 3.06
C ILE E 245 30.52 -30.49 4.19
N VAL E 246 30.88 -30.92 5.41
CA VAL E 246 29.99 -30.70 6.56
C VAL E 246 29.86 -29.20 6.89
N ASN E 247 31.00 -28.51 6.88
CA ASN E 247 31.06 -27.09 7.13
C ASN E 247 30.03 -26.29 6.34
N SER E 248 30.11 -26.40 5.01
CA SER E 248 29.43 -25.50 4.11
C SER E 248 28.91 -26.12 2.79
N ILE E 249 29.19 -27.41 2.54
CA ILE E 249 28.92 -28.16 1.27
C ILE E 249 29.53 -27.49 0.00
N GLY E 250 30.81 -27.18 0.08
CA GLY E 250 31.50 -26.61 -1.04
C GLY E 250 31.65 -25.13 -0.89
N VAL E 251 31.81 -24.47 -2.03
CA VAL E 251 32.12 -23.08 -2.11
C VAL E 251 31.29 -22.57 -3.29
N SER E 252 30.75 -21.37 -3.19
CA SER E 252 29.87 -20.84 -4.24
C SER E 252 30.46 -21.13 -5.62
N LYS E 253 29.72 -21.84 -6.48
CA LYS E 253 30.17 -22.10 -7.86
C LYS E 253 30.39 -20.80 -8.62
N GLU E 254 29.60 -19.79 -8.33
CA GLU E 254 29.74 -18.53 -9.09
C GLU E 254 30.87 -17.59 -8.67
N SER E 255 31.33 -17.77 -7.44
CA SER E 255 32.51 -17.14 -6.91
C SER E 255 33.74 -17.78 -7.52
N GLN E 256 33.66 -19.10 -7.73
CA GLN E 256 34.74 -19.88 -8.34
C GLN E 256 34.93 -19.53 -9.81
N VAL E 257 33.83 -19.35 -10.53
CA VAL E 257 33.79 -18.95 -11.97
C VAL E 257 34.33 -17.51 -12.15
N ARG E 258 33.83 -16.57 -11.39
CA ARG E 258 34.40 -15.22 -11.38
C ARG E 258 35.91 -15.10 -11.06
N THR E 259 36.36 -15.69 -9.94
CA THR E 259 37.78 -15.81 -9.57
C THR E 259 38.57 -16.28 -10.77
N ALA E 260 38.19 -17.44 -11.33
CA ALA E 260 38.77 -17.96 -12.57
C ALA E 260 38.90 -16.93 -13.70
N LYS E 261 37.83 -16.21 -14.04
CA LYS E 261 37.95 -15.12 -15.05
C LYS E 261 39.03 -14.10 -14.69
N ILE E 262 38.96 -13.52 -13.49
CA ILE E 262 39.92 -12.53 -12.98
C ILE E 262 41.33 -13.10 -12.97
N LEU E 263 41.49 -14.33 -12.51
CA LEU E 263 42.80 -14.95 -12.54
C LEU E 263 43.37 -15.14 -13.97
N ASN E 264 42.46 -15.37 -14.92
CA ASN E 264 42.83 -15.57 -16.30
C ASN E 264 43.31 -14.27 -16.90
N VAL E 265 42.55 -13.19 -16.70
CA VAL E 265 42.99 -11.85 -17.09
C VAL E 265 44.28 -11.45 -16.39
N LEU E 266 44.42 -11.85 -15.13
CA LEU E 266 45.60 -11.50 -14.35
C LEU E 266 46.79 -12.12 -15.06
N LYS E 267 46.68 -13.39 -15.40
CA LYS E 267 47.70 -14.08 -16.19
C LYS E 267 47.96 -13.45 -17.57
N GLU E 268 46.91 -13.15 -18.34
CA GLU E 268 47.07 -12.52 -19.66
C GLU E 268 47.93 -11.27 -19.55
N THR E 269 47.79 -10.58 -18.42
CA THR E 269 48.38 -9.29 -18.17
C THR E 269 49.86 -9.40 -17.87
N CYS E 270 50.32 -10.61 -17.59
CA CYS E 270 51.69 -10.81 -17.14
C CYS E 270 52.68 -10.79 -18.27
N LYS E 271 52.24 -11.17 -19.46
CA LYS E 271 53.09 -11.15 -20.63
C LYS E 271 53.11 -9.75 -21.27
N SER E 272 52.85 -8.70 -20.46
CA SER E 272 52.57 -7.33 -20.98
C SER E 272 53.64 -6.24 -20.69
N GLU E 273 53.86 -5.38 -21.69
CA GLU E 273 54.81 -4.24 -21.60
C GLU E 273 54.11 -2.89 -21.40
N SER E 274 53.43 -2.77 -20.25
CA SER E 274 52.92 -1.51 -19.74
C SER E 274 53.36 -1.46 -18.27
N GLU E 275 53.06 -0.35 -17.59
CA GLU E 275 53.34 -0.23 -16.15
C GLU E 275 52.06 -0.44 -15.36
N SER E 276 50.94 -0.15 -16.04
CA SER E 276 49.60 -0.20 -15.49
C SER E 276 48.83 -1.39 -16.04
N GLU E 277 49.37 -2.03 -17.08
CA GLU E 277 48.81 -3.29 -17.59
C GLU E 277 49.24 -4.46 -16.71
N ASN E 278 50.54 -4.75 -16.67
CA ASN E 278 51.06 -5.82 -15.81
C ASN E 278 50.70 -5.59 -14.33
N PHE E 279 49.75 -6.38 -13.85
CA PHE E 279 49.17 -6.20 -12.54
C PHE E 279 50.19 -6.33 -11.41
N PHE E 280 51.16 -7.24 -11.57
CA PHE E 280 52.18 -7.45 -10.50
C PHE E 280 53.16 -6.28 -10.41
N LYS E 281 53.48 -5.71 -11.56
CA LYS E 281 54.26 -4.51 -11.66
C LYS E 281 53.43 -3.37 -11.10
N TYR E 282 52.17 -3.30 -11.48
CA TYR E 282 51.29 -2.22 -11.02
C TYR E 282 51.15 -2.24 -9.52
N GLY E 283 50.91 -3.43 -8.96
CA GLY E 283 50.79 -3.58 -7.53
C GLY E 283 52.12 -3.37 -6.87
N ARG E 284 53.19 -3.66 -7.61
CA ARG E 284 54.55 -3.50 -7.11
C ARG E 284 54.83 -2.00 -6.97
N GLU E 285 54.54 -1.24 -8.03
CA GLU E 285 54.84 0.18 -8.02
C GLU E 285 53.99 0.92 -6.97
N MET E 286 52.72 0.55 -6.86
CA MET E 286 51.84 1.07 -5.83
C MET E 286 52.35 0.83 -4.38
N MET E 287 52.77 -0.39 -4.05
CA MET E 287 53.23 -0.69 -2.67
C MET E 287 54.56 -0.05 -2.33
N LYS E 288 55.41 0.08 -3.36
CA LYS E 288 56.73 0.71 -3.28
C LYS E 288 56.55 2.18 -2.92
N ASN E 289 55.90 2.93 -3.81
CA ASN E 289 55.45 4.30 -3.55
C ASN E 289 54.73 4.54 -2.20
N ARG E 290 53.76 3.70 -1.86
CA ARG E 290 53.12 3.75 -0.56
C ARG E 290 54.09 3.58 0.57
N TRP E 291 55.16 2.83 0.35
CA TRP E 291 56.11 2.49 1.42
C TRP E 291 57.17 3.55 1.54
N GLU E 292 57.61 4.06 0.39
CA GLU E 292 58.57 5.12 0.43
C GLU E 292 57.94 6.27 1.22
N LYS E 293 56.77 6.72 0.75
CA LYS E 293 56.00 7.75 1.44
C LYS E 293 55.93 7.56 2.96
N LEU E 294 55.44 6.40 3.41
CA LEU E 294 55.41 6.02 4.83
C LEU E 294 56.80 6.05 5.51
N ARG E 295 57.85 5.80 4.74
CA ARG E 295 59.18 5.81 5.32
C ARG E 295 59.71 7.24 5.50
N GLU E 296 59.41 8.13 4.55
CA GLU E 296 59.80 9.51 4.73
C GLU E 296 59.21 10.05 6.04
N VAL E 297 57.89 9.97 6.16
CA VAL E 297 57.16 10.30 7.37
C VAL E 297 57.74 9.64 8.64
N VAL E 298 58.02 8.34 8.63
CA VAL E 298 58.63 7.70 9.82
C VAL E 298 60.06 8.19 10.09
N LYS E 299 60.77 8.58 9.03
CA LYS E 299 62.18 8.96 9.12
C LYS E 299 62.37 10.32 9.78
N GLU E 300 61.52 11.28 9.42
CA GLU E 300 61.65 12.63 9.95
C GLU E 300 60.97 12.74 11.30
N SER E 301 60.12 11.78 11.61
CA SER E 301 59.50 11.70 12.92
C SER E 301 60.51 11.14 13.90
N ASP E 302 60.32 11.46 15.18
CA ASP E 302 61.33 11.15 16.21
C ASP E 302 60.93 10.05 17.20
N ALA E 303 59.92 9.25 16.84
CA ALA E 303 59.42 8.25 17.78
C ALA E 303 58.93 6.97 17.12
N PHE E 304 58.88 6.95 15.79
CA PHE E 304 58.30 5.79 15.12
C PHE E 304 59.30 4.79 14.57
N THR E 305 59.01 3.50 14.76
CA THR E 305 59.80 2.38 14.26
C THR E 305 59.06 1.59 13.17
N LEU E 306 59.82 1.19 12.17
CA LEU E 306 59.33 0.36 11.08
C LEU E 306 60.33 -0.78 10.83
N PRO E 307 59.82 -2.03 10.64
CA PRO E 307 60.68 -3.17 10.28
C PRO E 307 61.47 -2.92 8.99
N LYS E 308 62.70 -3.44 8.98
CA LYS E 308 63.60 -3.30 7.84
C LYS E 308 63.52 -4.57 6.99
N TYR E 309 63.66 -4.40 5.66
CA TYR E 309 63.51 -5.52 4.72
C TYR E 309 64.75 -5.79 3.86
N PRO E 310 65.44 -6.90 4.16
CA PRO E 310 66.47 -7.43 3.31
C PRO E 310 65.99 -7.41 1.87
N GLU E 311 66.76 -6.78 1.01
CA GLU E 311 66.58 -6.97 -0.43
C GLU E 311 66.67 -8.46 -0.75
N ALA E 312 66.26 -8.87 -1.94
CA ALA E 312 66.40 -10.27 -2.37
C ALA E 312 66.10 -10.43 -3.85
N PHE E 313 66.79 -11.36 -4.49
CA PHE E 313 66.59 -11.70 -5.87
C PHE E 313 65.18 -12.26 -6.13
N CYS E 314 64.48 -11.62 -7.05
CA CYS E 314 63.17 -12.10 -7.40
C CYS E 314 63.33 -12.86 -8.66
N ASN E 315 62.90 -14.12 -8.65
CA ASN E 315 63.01 -14.99 -9.82
C ASN E 315 61.92 -14.69 -10.81
N TYR E 316 60.98 -13.86 -10.41
CA TYR E 316 59.84 -13.50 -11.23
C TYR E 316 60.26 -12.33 -12.13
N PHE E 317 60.74 -11.25 -11.51
CA PHE E 317 61.11 -10.04 -12.22
C PHE E 317 62.54 -10.13 -12.73
N GLY E 318 63.36 -10.85 -11.95
CA GLY E 318 64.67 -11.28 -12.42
C GLY E 318 65.70 -10.30 -11.97
N LYS E 319 65.43 -9.69 -10.82
CA LYS E 319 66.20 -8.57 -10.34
C LYS E 319 66.23 -8.77 -8.85
N SER E 320 67.30 -8.27 -8.22
CA SER E 320 67.30 -8.16 -6.78
C SER E 320 66.41 -6.97 -6.43
N LEU E 321 65.48 -7.21 -5.52
CA LEU E 321 64.59 -6.15 -5.07
C LEU E 321 64.03 -6.24 -3.65
N GLU E 322 63.59 -5.08 -3.17
CA GLU E 322 62.97 -4.89 -1.85
C GLU E 322 61.59 -5.51 -1.68
N SER E 323 61.32 -5.93 -0.44
CA SER E 323 60.00 -6.32 -0.03
C SER E 323 59.13 -5.09 0.36
N TYR E 324 57.90 -5.02 -0.18
CA TYR E 324 56.95 -3.92 0.10
C TYR E 324 55.56 -4.40 0.52
N PRO E 325 55.42 -4.78 1.78
CA PRO E 325 54.21 -5.46 2.27
C PRO E 325 53.05 -4.56 2.77
N ALA E 326 52.00 -5.18 3.32
CA ALA E 326 50.66 -5.17 2.69
C ALA E 326 50.02 -4.68 3.99
N PHE E 327 50.75 -4.96 5.08
CA PHE E 327 50.57 -4.36 6.38
C PHE E 327 51.86 -3.64 6.81
N ALA E 328 51.68 -2.45 7.40
CA ALA E 328 52.75 -1.70 8.05
C ALA E 328 52.66 -1.91 9.55
N TRP E 329 53.79 -2.29 10.12
CA TRP E 329 53.85 -2.74 11.50
C TRP E 329 54.85 -1.94 12.32
N LEU E 330 54.53 -1.68 13.60
CA LEU E 330 53.90 -0.45 13.94
C LEU E 330 54.30 -0.06 15.28
N GLY E 331 55.35 0.73 15.44
CA GLY E 331 55.96 0.84 16.78
C GLY E 331 56.48 2.20 17.22
N THR E 332 56.44 2.41 18.52
CA THR E 332 57.17 3.51 19.11
C THR E 332 58.60 3.08 19.46
N LYS E 333 59.54 4.02 19.38
CA LYS E 333 60.88 3.77 19.90
C LYS E 333 60.75 3.64 21.43
N GLU E 334 59.81 4.39 22.00
CA GLU E 334 59.60 4.44 23.45
C GLU E 334 58.34 3.69 23.88
N GLU E 335 58.20 3.53 25.20
CA GLU E 335 57.03 2.88 25.81
C GLU E 335 55.78 3.75 25.61
N THR E 336 54.74 3.16 25.03
CA THR E 336 53.58 3.91 24.57
C THR E 336 52.45 2.95 24.30
N ASP E 337 51.23 3.39 24.61
CA ASP E 337 50.03 2.76 24.09
C ASP E 337 49.72 3.36 22.70
N LEU E 338 49.84 2.50 21.68
CA LEU E 338 49.74 2.91 20.28
C LEU E 338 48.32 2.67 19.77
N VAL E 339 47.70 1.57 20.21
CA VAL E 339 46.29 1.26 19.88
C VAL E 339 45.37 2.41 20.29
N SER E 340 45.83 3.20 21.27
CA SER E 340 45.04 4.29 21.81
C SER E 340 45.48 5.63 21.25
N GLU E 341 46.78 5.85 21.16
CA GLU E 341 47.27 7.13 20.63
C GLU E 341 46.80 7.49 19.22
N LEU E 342 46.52 6.43 18.45
CA LEU E 342 45.92 6.51 17.11
C LEU E 342 44.39 6.71 17.18
N ARG E 343 43.65 5.78 17.80
CA ARG E 343 42.19 5.93 17.93
C ARG E 343 41.81 7.37 18.26
N ARG E 344 42.60 7.99 19.12
CA ARG E 344 42.42 9.37 19.48
C ARG E 344 42.54 10.31 18.28
N HIS E 345 43.37 9.93 17.29
CA HIS E 345 43.56 10.72 16.06
C HIS E 345 42.65 10.19 14.96
N LYS E 346 41.65 9.44 15.40
CA LYS E 346 40.70 8.76 14.54
C LYS E 346 41.35 7.90 13.44
N VAL E 347 42.50 7.31 13.77
CA VAL E 347 43.05 6.22 12.97
C VAL E 347 42.72 4.91 13.69
N MET E 348 42.08 3.99 13.00
CA MET E 348 41.79 2.66 13.53
C MET E 348 42.91 1.69 13.11
N SER E 349 43.20 0.71 13.96
CA SER E 349 44.28 -0.27 13.73
C SER E 349 44.16 -1.48 14.68
N ARG E 350 44.95 -2.51 14.38
CA ARG E 350 45.03 -3.73 15.18
C ARG E 350 46.13 -3.63 16.25
N ALA E 351 45.76 -3.96 17.48
CA ALA E 351 46.61 -3.87 18.68
C ALA E 351 47.81 -4.80 18.60
N GLY E 352 48.92 -4.38 19.22
CA GLY E 352 50.06 -5.27 19.41
C GLY E 352 49.65 -6.32 20.42
N GLU E 353 49.19 -5.86 21.59
CA GLU E 353 48.78 -6.74 22.68
C GLU E 353 47.82 -7.89 22.30
N ARG E 354 47.72 -8.20 21.01
CA ARG E 354 47.19 -9.50 20.58
C ARG E 354 47.61 -9.99 19.16
N CYS E 355 48.83 -9.60 18.77
CA CYS E 355 49.55 -10.23 17.66
C CYS E 355 50.76 -10.95 18.22
N GLY E 356 50.65 -11.41 19.48
CA GLY E 356 51.82 -11.81 20.25
C GLY E 356 52.79 -10.63 20.33
N SER E 357 52.27 -9.46 20.70
CA SER E 357 53.14 -8.31 20.86
C SER E 357 52.79 -7.45 22.08
N ASP E 358 53.29 -6.23 22.07
CA ASP E 358 53.01 -5.28 23.15
C ASP E 358 52.44 -3.99 22.60
N LYS E 359 51.89 -3.17 23.49
CA LYS E 359 51.15 -1.98 23.13
C LYS E 359 52.03 -0.94 22.46
N LYS E 360 53.29 -1.27 22.26
CA LYS E 360 54.22 -0.34 21.64
C LYS E 360 54.02 -0.39 20.14
N HIS E 361 53.43 -1.50 19.68
CA HIS E 361 53.05 -1.65 18.27
C HIS E 361 51.57 -1.82 17.98
N VAL E 362 51.23 -1.43 16.76
CA VAL E 362 49.97 -1.73 16.11
C VAL E 362 50.26 -2.20 14.68
N ARG E 363 49.31 -2.90 14.08
CA ARG E 363 49.35 -3.20 12.64
C ARG E 363 48.36 -2.31 11.92
N VAL E 364 48.77 -1.85 10.73
CA VAL E 364 48.00 -0.95 9.89
C VAL E 364 48.05 -1.42 8.42
N SER E 365 46.88 -1.67 7.83
CA SER E 365 46.78 -2.09 6.43
C SER E 365 47.38 -1.04 5.52
N MET E 366 48.02 -1.48 4.43
CA MET E 366 48.48 -0.55 3.42
C MET E 366 47.76 -0.71 2.10
N LEU E 367 46.62 -1.39 2.17
CA LEU E 367 45.84 -1.69 0.99
C LEU E 367 44.54 -0.89 0.91
N SER E 368 44.46 0.21 1.65
CA SER E 368 43.23 0.98 1.69
C SER E 368 43.13 1.83 0.43
N ARG E 369 42.10 2.66 0.37
CA ARG E 369 41.92 3.63 -0.70
C ARG E 369 43.03 4.64 -0.57
N GLU E 370 43.47 5.25 -1.68
CA GLU E 370 44.65 6.13 -1.57
C GLU E 370 44.38 7.38 -0.73
N ASP E 371 43.15 7.91 -0.81
CA ASP E 371 42.69 9.01 0.07
C ASP E 371 42.84 8.67 1.53
N VAL E 372 42.38 7.50 1.93
CA VAL E 372 42.41 7.07 3.32
C VAL E 372 43.87 6.97 3.78
N PHE E 373 44.70 6.37 2.94
CA PHE E 373 46.15 6.35 3.11
C PHE E 373 46.77 7.73 3.41
N ASN E 374 46.52 8.71 2.53
CA ASN E 374 47.08 10.06 2.71
C ASN E 374 46.71 10.71 4.02
N VAL E 375 45.41 10.77 4.27
CA VAL E 375 44.92 11.26 5.51
C VAL E 375 45.73 10.62 6.63
N PHE E 376 45.82 9.30 6.66
CA PHE E 376 46.63 8.60 7.67
C PHE E 376 48.09 9.10 7.78
N LEU E 377 48.75 9.40 6.66
CA LEU E 377 50.12 9.86 6.78
C LEU E 377 50.10 11.22 7.48
N GLU E 378 49.37 12.19 6.90
CA GLU E 378 49.15 13.54 7.45
C GLU E 378 48.94 13.52 8.97
N ARG E 379 48.03 12.65 9.42
CA ARG E 379 47.79 12.44 10.84
C ARG E 379 48.97 11.80 11.58
N LEU E 380 49.83 11.11 10.83
CA LEU E 380 51.00 10.43 11.38
C LEU E 380 52.15 11.44 11.63
N ALA E 381 52.35 12.33 10.66
CA ALA E 381 53.36 13.39 10.71
C ALA E 381 53.15 14.35 11.89
N ASN E 382 51.89 14.69 12.14
CA ASN E 382 51.50 15.72 13.08
C ASN E 382 51.07 15.23 14.46
N MET E 383 51.36 13.97 14.77
CA MET E 383 51.24 13.56 16.16
C MET E 383 52.59 13.58 16.87
N LYS E 384 52.51 13.93 18.14
CA LYS E 384 53.66 13.88 19.01
C LYS E 384 53.30 12.90 20.12
N LEU E 385 54.25 12.03 20.47
CA LEU E 385 54.02 11.00 21.48
C LEU E 385 54.46 11.51 22.83
N ILE E 386 55.38 10.85 23.53
CA ILE E 386 55.77 11.38 24.84
C ILE E 386 56.87 10.67 25.63
N LYS E 387 57.01 9.35 25.41
CA LYS E 387 57.84 8.50 26.26
C LYS E 387 57.18 8.36 27.66
N MET F 20 21.81 -50.33 -21.19
CA MET F 20 21.98 -49.76 -19.85
C MET F 20 21.22 -50.60 -18.83
N SER F 21 21.15 -50.11 -17.59
CA SER F 21 21.08 -50.99 -16.41
C SER F 21 22.52 -51.16 -15.92
N ASP F 22 23.41 -50.40 -16.54
CA ASP F 22 24.81 -50.29 -16.13
C ASP F 22 25.18 -48.86 -15.72
N PHE F 23 24.17 -48.02 -15.58
CA PHE F 23 24.39 -46.72 -14.99
C PHE F 23 23.66 -46.73 -13.69
N VAL F 24 24.36 -46.32 -12.63
CA VAL F 24 23.80 -46.19 -11.29
C VAL F 24 22.84 -45.01 -11.25
N VAL F 25 21.69 -45.26 -10.65
CA VAL F 25 20.77 -44.22 -10.20
C VAL F 25 21.17 -43.74 -8.79
N ASN F 26 21.63 -42.51 -8.70
CA ASN F 26 21.90 -41.95 -7.39
C ASN F 26 20.80 -40.99 -6.92
N LEU F 27 19.98 -41.48 -6.00
CA LEU F 27 18.98 -40.69 -5.32
C LEU F 27 19.27 -40.60 -3.81
N ASP F 28 20.54 -40.80 -3.45
CA ASP F 28 21.08 -40.75 -2.07
C ASP F 28 21.20 -39.31 -1.62
N HIS F 29 21.79 -38.49 -2.47
CA HIS F 29 21.91 -37.07 -2.23
C HIS F 29 20.78 -36.34 -2.93
N GLY F 30 20.30 -35.29 -2.29
CA GLY F 30 19.18 -34.56 -2.86
C GLY F 30 19.58 -33.41 -3.81
N ASP F 31 20.51 -33.65 -4.75
CA ASP F 31 20.87 -32.64 -5.74
C ASP F 31 19.61 -32.35 -6.53
N PRO F 32 19.02 -31.13 -6.35
CA PRO F 32 17.76 -30.72 -7.03
C PRO F 32 17.89 -30.33 -8.49
N THR F 33 18.34 -31.29 -9.31
CA THR F 33 18.42 -31.03 -10.79
C THR F 33 17.15 -31.09 -11.63
N ALA F 34 16.01 -31.41 -11.04
CA ALA F 34 14.71 -31.32 -11.76
C ALA F 34 14.42 -29.96 -12.40
N TYR F 35 14.91 -28.92 -11.74
CA TYR F 35 14.54 -27.54 -12.05
C TYR F 35 15.34 -26.90 -13.14
N GLU F 36 16.23 -27.64 -13.76
CA GLU F 36 17.23 -27.11 -14.69
C GLU F 36 16.59 -26.68 -15.99
N GLU F 37 15.71 -27.52 -16.50
CA GLU F 37 14.88 -27.29 -17.70
C GLU F 37 14.04 -26.03 -17.65
N TYR F 38 13.31 -25.87 -16.56
CA TYR F 38 12.61 -24.62 -16.25
C TYR F 38 13.47 -23.34 -16.45
N TRP F 39 14.65 -23.32 -15.84
CA TRP F 39 15.52 -22.18 -15.85
C TRP F 39 16.24 -22.01 -17.15
N ARG F 40 16.51 -23.11 -17.85
CA ARG F 40 16.96 -23.05 -19.25
C ARG F 40 16.00 -22.24 -20.12
N LYS F 41 14.75 -22.67 -20.12
CA LYS F 41 13.58 -21.98 -20.71
C LYS F 41 13.39 -20.50 -20.39
N MET F 42 13.75 -20.05 -19.19
CA MET F 42 13.60 -18.63 -18.84
C MET F 42 14.58 -17.83 -19.68
N GLY F 43 15.71 -18.47 -19.97
CA GLY F 43 16.74 -17.86 -20.80
C GLY F 43 17.29 -16.58 -20.18
N ASP F 44 17.48 -15.58 -21.04
CA ASP F 44 18.11 -14.30 -20.74
C ASP F 44 17.56 -13.49 -19.57
N ARG F 45 16.29 -13.69 -19.22
CA ARG F 45 15.68 -12.99 -18.09
C ARG F 45 16.47 -13.15 -16.79
N CYS F 46 17.26 -14.23 -16.70
CA CYS F 46 17.97 -14.54 -15.45
C CYS F 46 19.45 -14.29 -15.48
N THR F 47 19.99 -13.85 -16.61
CA THR F 47 21.45 -13.66 -16.77
C THR F 47 21.95 -12.61 -15.76
N VAL F 48 23.05 -12.92 -15.07
CA VAL F 48 23.69 -12.07 -14.09
C VAL F 48 25.00 -11.56 -14.72
N THR F 49 25.26 -10.28 -14.51
CA THR F 49 26.46 -9.61 -15.02
C THR F 49 27.18 -8.95 -13.86
N ILE F 50 28.43 -9.39 -13.67
CA ILE F 50 29.32 -8.89 -12.65
C ILE F 50 30.57 -8.31 -13.34
N ARG F 51 30.84 -7.04 -13.12
CA ARG F 51 32.03 -6.41 -13.69
C ARG F 51 33.23 -6.63 -12.77
N GLY F 52 34.43 -6.55 -13.36
CA GLY F 52 35.69 -6.88 -12.72
C GLY F 52 36.01 -6.11 -11.46
N CYS F 53 35.43 -4.92 -11.32
CA CYS F 53 35.59 -4.12 -10.11
C CYS F 53 34.40 -4.16 -9.11
N ASP F 54 33.37 -4.97 -9.39
CA ASP F 54 32.18 -5.06 -8.52
C ASP F 54 32.48 -6.03 -7.39
N LEU F 55 31.78 -5.86 -6.28
CA LEU F 55 31.80 -6.76 -5.12
C LEU F 55 33.11 -7.05 -4.44
N MET F 56 34.08 -6.15 -4.52
CA MET F 56 35.39 -6.48 -3.93
C MET F 56 35.46 -6.37 -2.42
N SER F 57 34.78 -5.43 -1.78
CA SER F 57 34.95 -5.31 -0.34
C SER F 57 34.53 -6.56 0.38
N TYR F 58 35.06 -6.72 1.58
CA TYR F 58 34.59 -7.74 2.52
C TYR F 58 33.19 -7.33 2.95
N PHE F 59 32.96 -6.01 3.05
CA PHE F 59 31.76 -5.43 3.67
C PHE F 59 30.62 -5.16 2.67
N SER F 60 29.38 -5.46 3.07
CA SER F 60 28.20 -5.11 2.25
C SER F 60 27.55 -3.86 2.83
N ASP F 61 27.10 -3.96 4.08
CA ASP F 61 26.54 -2.80 4.76
C ASP F 61 26.99 -2.77 6.22
N MET F 62 27.87 -1.82 6.53
CA MET F 62 28.32 -1.62 7.91
C MET F 62 27.16 -1.19 8.84
N THR F 63 26.09 -0.68 8.25
CA THR F 63 24.87 -0.23 8.98
C THR F 63 24.16 -1.35 9.78
N ASN F 64 24.29 -2.57 9.26
CA ASN F 64 23.47 -3.72 9.64
C ASN F 64 24.20 -4.74 10.49
N LEU F 65 23.45 -5.46 11.31
CA LEU F 65 24.04 -6.51 12.16
C LEU F 65 24.85 -7.46 11.30
N CYS F 66 24.22 -8.05 10.29
CA CYS F 66 24.90 -8.91 9.34
C CYS F 66 25.51 -8.01 8.30
N TRP F 67 26.70 -7.52 8.58
CA TRP F 67 27.34 -6.55 7.67
C TRP F 67 27.76 -7.14 6.30
N PHE F 68 27.56 -8.45 6.11
CA PHE F 68 27.97 -9.12 4.84
C PHE F 68 26.80 -9.60 4.02
N LEU F 69 25.60 -9.16 4.40
CA LEU F 69 24.39 -9.42 3.68
C LEU F 69 24.19 -8.29 2.75
N GLU F 70 24.05 -8.60 1.47
CA GLU F 70 23.80 -7.62 0.41
C GLU F 70 22.38 -7.16 0.51
N PRO F 71 22.15 -5.85 0.47
CA PRO F 71 20.79 -5.27 0.43
C PRO F 71 19.83 -5.85 -0.61
N GLU F 72 20.29 -6.10 -1.83
CA GLU F 72 19.46 -6.68 -2.87
C GLU F 72 18.90 -8.02 -2.47
N LEU F 73 19.69 -8.79 -1.76
CA LEU F 73 19.30 -10.13 -1.46
C LEU F 73 18.32 -10.01 -0.33
N GLU F 74 18.67 -9.25 0.71
CA GLU F 74 17.74 -8.97 1.81
C GLU F 74 16.35 -8.54 1.34
N ASP F 75 16.31 -7.57 0.45
CA ASP F 75 15.04 -7.15 -0.15
C ASP F 75 14.32 -8.28 -0.83
N ALA F 76 15.08 -9.09 -1.58
CA ALA F 76 14.57 -10.23 -2.32
C ALA F 76 13.98 -11.30 -1.38
N ILE F 77 14.63 -11.54 -0.26
CA ILE F 77 14.16 -12.55 0.73
C ILE F 77 12.84 -12.06 1.36
N LYS F 78 12.82 -10.81 1.82
CA LYS F 78 11.63 -10.23 2.38
C LYS F 78 10.49 -10.20 1.36
N ASP F 79 10.78 -9.75 0.16
CA ASP F 79 9.70 -9.64 -0.80
C ASP F 79 9.09 -10.99 -1.17
N LEU F 80 9.92 -12.01 -1.22
CA LEU F 80 9.50 -13.35 -1.65
C LEU F 80 8.61 -13.94 -0.57
N HIS F 81 9.06 -13.86 0.68
CA HIS F 81 8.29 -14.39 1.82
C HIS F 81 7.00 -13.59 1.91
N GLY F 82 7.04 -12.42 1.29
CA GLY F 82 5.93 -11.52 1.30
C GLY F 82 4.95 -12.08 0.34
N VAL F 83 5.36 -12.23 -0.92
CA VAL F 83 4.50 -12.80 -1.96
C VAL F 83 3.98 -14.19 -1.56
N VAL F 84 4.78 -15.02 -0.89
CA VAL F 84 4.36 -16.40 -0.56
C VAL F 84 3.56 -16.43 0.71
N GLY F 85 4.05 -15.77 1.74
CA GLY F 85 3.29 -15.57 2.95
C GLY F 85 3.56 -16.71 3.90
N ASN F 86 4.74 -17.30 3.78
CA ASN F 86 5.09 -18.52 4.53
C ASN F 86 5.87 -18.32 5.81
N ALA F 87 6.42 -17.13 5.96
CA ALA F 87 7.25 -16.77 7.08
C ALA F 87 7.17 -15.30 7.27
N ALA F 88 7.23 -14.89 8.54
CA ALA F 88 7.18 -13.47 8.90
C ALA F 88 8.59 -12.90 8.98
N THR F 89 8.76 -11.73 8.36
CA THR F 89 10.06 -11.08 8.21
C THR F 89 10.19 -9.82 9.05
N GLU F 90 9.08 -9.26 9.52
CA GLU F 90 9.16 -8.01 10.29
C GLU F 90 9.74 -8.21 11.70
N ASP F 91 10.44 -7.18 12.20
CA ASP F 91 11.00 -7.11 13.55
C ASP F 91 11.85 -8.31 13.96
N ARG F 92 12.73 -8.68 13.05
CA ARG F 92 13.76 -9.66 13.30
C ARG F 92 14.96 -9.49 12.37
N TYR F 93 16.00 -10.25 12.70
CA TYR F 93 17.28 -10.27 12.01
C TYR F 93 17.36 -11.31 10.90
N ILE F 94 17.74 -10.85 9.71
CA ILE F 94 18.05 -11.74 8.57
C ILE F 94 19.56 -11.98 8.55
N VAL F 95 19.95 -13.25 8.53
CA VAL F 95 21.35 -13.63 8.47
C VAL F 95 21.56 -14.57 7.31
N VAL F 96 22.50 -14.21 6.45
CA VAL F 96 22.81 -15.00 5.27
C VAL F 96 23.99 -15.87 5.56
N GLY F 97 24.03 -17.08 5.02
CA GLY F 97 25.20 -17.89 5.19
C GLY F 97 25.28 -18.97 4.16
N THR F 98 26.49 -19.22 3.66
CA THR F 98 26.79 -20.25 2.63
C THR F 98 26.05 -21.56 2.85
N GLY F 99 24.87 -21.63 2.24
CA GLY F 99 23.89 -22.67 2.47
C GLY F 99 23.26 -22.55 3.85
N SER F 100 22.10 -23.17 4.02
CA SER F 100 21.44 -23.28 5.31
C SER F 100 22.34 -24.09 6.21
N THR F 101 23.18 -24.89 5.55
CA THR F 101 24.11 -25.82 6.18
C THR F 101 25.00 -25.09 7.20
N GLN F 102 25.52 -23.93 6.81
CA GLN F 102 26.32 -23.08 7.69
C GLN F 102 25.43 -22.40 8.73
N LEU F 103 24.16 -22.17 8.38
CA LEU F 103 23.21 -21.48 9.25
C LEU F 103 22.79 -22.32 10.45
N CYS F 104 22.45 -23.58 10.24
CA CYS F 104 22.02 -24.41 11.37
C CYS F 104 23.13 -24.60 12.38
N GLN F 105 24.38 -24.60 11.90
CA GLN F 105 25.56 -24.74 12.74
C GLN F 105 25.84 -23.45 13.49
N ALA F 106 25.59 -22.33 12.83
CA ALA F 106 25.72 -20.99 13.42
C ALA F 106 24.75 -20.82 14.59
N ALA F 107 23.51 -21.27 14.40
CA ALA F 107 22.46 -21.12 15.42
C ALA F 107 22.76 -21.96 16.63
N VAL F 108 23.13 -23.22 16.40
CA VAL F 108 23.56 -24.13 17.45
C VAL F 108 24.76 -23.62 18.26
N HIS F 109 25.81 -23.11 17.61
CA HIS F 109 26.98 -22.59 18.32
C HIS F 109 26.59 -21.39 19.22
N ALA F 110 25.74 -20.53 18.67
CA ALA F 110 25.30 -19.31 19.31
C ALA F 110 24.36 -19.57 20.50
N LEU F 111 23.46 -20.53 20.36
CA LEU F 111 22.53 -20.88 21.43
C LEU F 111 23.32 -21.50 22.57
N SER F 112 24.19 -22.42 22.17
CA SER F 112 25.23 -23.02 22.98
C SER F 112 26.03 -21.99 23.78
N SER F 113 26.55 -20.98 23.09
CA SER F 113 27.40 -19.99 23.75
C SER F 113 26.58 -19.19 24.77
N LEU F 114 25.32 -18.91 24.45
CA LEU F 114 24.40 -18.12 25.30
C LEU F 114 23.74 -18.89 26.47
N ALA F 115 23.67 -20.22 26.35
CA ALA F 115 23.21 -21.08 27.45
C ALA F 115 24.04 -20.95 28.76
N ARG F 116 23.44 -21.39 29.88
CA ARG F 116 24.09 -21.40 31.21
C ARG F 116 25.14 -22.51 31.33
N SER F 117 24.74 -23.75 31.03
CA SER F 117 25.59 -24.93 31.15
C SER F 117 25.89 -25.60 29.81
N GLN F 118 27.09 -26.16 29.72
CA GLN F 118 27.52 -26.90 28.55
C GLN F 118 27.96 -28.27 29.02
N PRO F 119 27.79 -29.32 28.18
CA PRO F 119 27.35 -29.27 26.79
C PRO F 119 25.83 -29.28 26.62
N VAL F 120 25.33 -28.36 25.81
CA VAL F 120 23.91 -28.26 25.52
C VAL F 120 23.55 -29.40 24.59
N SER F 121 22.73 -30.33 25.08
CA SER F 121 22.24 -31.45 24.27
C SER F 121 21.39 -31.01 23.07
N VAL F 122 21.53 -31.71 21.94
CA VAL F 122 20.75 -31.41 20.74
C VAL F 122 19.97 -32.63 20.23
N VAL F 123 18.67 -32.46 19.96
CA VAL F 123 17.82 -33.57 19.53
C VAL F 123 16.83 -33.23 18.36
N ALA F 124 16.44 -34.25 17.62
CA ALA F 124 15.36 -34.13 16.65
C ALA F 124 14.49 -35.37 16.78
N ALA F 125 13.18 -35.18 16.62
CA ALA F 125 12.20 -36.25 16.76
C ALA F 125 12.29 -37.19 15.56
N ALA F 126 12.82 -38.40 15.74
CA ALA F 126 13.05 -39.33 14.62
C ALA F 126 11.74 -39.69 13.93
N PRO F 127 11.77 -40.01 12.61
CA PRO F 127 12.94 -39.99 11.74
C PRO F 127 13.44 -38.55 11.52
N PHE F 128 14.75 -38.35 11.41
CA PHE F 128 15.33 -37.00 11.34
C PHE F 128 16.40 -36.79 10.25
N TYR F 129 16.67 -35.53 9.92
CA TYR F 129 17.70 -35.16 8.94
C TYR F 129 19.06 -35.74 9.30
N SER F 130 19.46 -36.79 8.57
CA SER F 130 20.73 -37.48 8.87
C SER F 130 21.90 -36.57 9.19
N THR F 131 22.03 -35.47 8.44
CA THR F 131 23.22 -34.59 8.45
C THR F 131 23.47 -33.73 9.70
N TYR F 132 22.39 -33.28 10.34
CA TYR F 132 22.48 -32.65 11.67
C TYR F 132 23.51 -33.36 12.57
N VAL F 133 23.49 -34.70 12.52
CA VAL F 133 24.36 -35.55 13.34
C VAL F 133 25.81 -35.15 13.15
N GLU F 134 26.30 -35.34 11.93
CA GLU F 134 27.69 -35.04 11.61
C GLU F 134 27.99 -33.55 11.85
N GLU F 135 26.98 -32.71 11.58
CA GLU F 135 27.05 -31.26 11.81
C GLU F 135 27.28 -30.88 13.27
N THR F 136 26.62 -31.62 14.16
CA THR F 136 26.70 -31.36 15.58
C THR F 136 27.81 -32.21 16.23
N THR F 137 28.49 -33.02 15.43
CA THR F 137 29.41 -34.03 15.94
C THR F 137 30.85 -33.90 15.42
N TYR F 138 30.99 -33.36 14.20
CA TYR F 138 32.30 -33.37 13.50
C TYR F 138 33.39 -32.50 14.10
N VAL F 139 33.01 -31.41 14.77
CA VAL F 139 33.99 -30.55 15.43
C VAL F 139 34.26 -30.97 16.88
N ARG F 140 33.58 -32.03 17.34
CA ARG F 140 33.68 -32.52 18.72
C ARG F 140 33.71 -31.37 19.74
N SER F 141 32.81 -30.40 19.54
CA SER F 141 32.76 -29.19 20.33
C SER F 141 32.25 -29.51 21.73
N GLY F 142 32.92 -28.97 22.75
CA GLY F 142 32.50 -29.20 24.14
C GLY F 142 31.27 -28.38 24.51
N MET F 143 30.80 -27.59 23.54
CA MET F 143 29.71 -26.64 23.73
C MET F 143 28.33 -27.32 23.65
N TYR F 144 28.28 -28.42 22.89
CA TYR F 144 27.03 -29.13 22.64
C TYR F 144 27.28 -30.63 22.45
N LYS F 145 26.18 -31.38 22.35
CA LYS F 145 26.25 -32.84 22.30
C LYS F 145 24.98 -33.44 21.67
N TRP F 146 25.17 -34.15 20.56
CA TRP F 146 24.06 -34.83 19.89
C TRP F 146 23.55 -35.97 20.76
N GLU F 147 22.30 -35.85 21.19
CA GLU F 147 21.70 -36.82 22.09
C GLU F 147 20.58 -37.63 21.47
N GLY F 148 20.59 -37.76 20.14
CA GLY F 148 19.69 -38.70 19.48
C GLY F 148 18.24 -38.25 19.43
N ASP F 149 17.32 -39.22 19.33
CA ASP F 149 15.89 -38.95 19.20
C ASP F 149 15.40 -37.98 20.28
N ALA F 150 14.34 -37.24 19.95
CA ALA F 150 13.74 -36.28 20.87
C ALA F 150 12.57 -36.85 21.71
N TRP F 151 11.92 -37.91 21.20
CA TRP F 151 10.92 -38.63 22.00
C TRP F 151 11.59 -39.37 23.17
N GLY F 152 12.72 -40.01 22.91
CA GLY F 152 13.50 -40.67 23.95
C GLY F 152 14.26 -39.68 24.83
N PHE F 153 13.76 -38.45 24.91
CA PHE F 153 14.47 -37.40 25.63
C PHE F 153 13.69 -36.88 26.82
N ASP F 154 14.41 -36.80 27.95
CA ASP F 154 13.87 -36.36 29.24
C ASP F 154 15.04 -36.09 30.22
N LYS F 155 16.15 -35.62 29.68
CA LYS F 155 17.40 -35.48 30.43
C LYS F 155 17.69 -34.04 30.92
N LYS F 156 18.51 -33.96 31.97
CA LYS F 156 18.80 -32.70 32.66
C LYS F 156 19.62 -31.71 31.82
N GLY F 157 19.34 -30.42 31.99
CA GLY F 157 20.13 -29.35 31.37
C GLY F 157 19.44 -28.59 30.23
N PRO F 158 20.14 -27.58 29.67
CA PRO F 158 19.70 -26.83 28.48
C PRO F 158 19.81 -27.65 27.19
N TYR F 159 18.85 -27.44 26.30
CA TYR F 159 18.77 -28.22 25.09
C TYR F 159 18.19 -27.40 23.94
N ILE F 160 18.51 -27.84 22.72
CA ILE F 160 17.98 -27.26 21.50
C ILE F 160 17.25 -28.36 20.74
N GLU F 161 16.02 -28.05 20.32
CA GLU F 161 15.28 -28.91 19.42
C GLU F 161 15.34 -28.34 18.00
N LEU F 162 15.80 -29.20 17.10
CA LEU F 162 15.87 -28.91 15.70
C LEU F 162 14.56 -29.40 15.14
N VAL F 163 13.81 -28.49 14.53
CA VAL F 163 12.53 -28.86 13.93
C VAL F 163 12.63 -28.65 12.43
N THR F 164 12.45 -29.74 11.69
CA THR F 164 12.47 -29.75 10.26
C THR F 164 11.05 -30.03 9.81
N SER F 165 10.43 -29.08 9.13
CA SER F 165 9.05 -29.23 8.64
C SER F 165 8.87 -28.49 7.29
N PRO F 166 8.41 -29.17 6.22
CA PRO F 166 8.32 -30.61 5.99
C PRO F 166 9.61 -31.31 6.30
N ASN F 167 9.48 -32.45 6.96
CA ASN F 167 10.61 -33.14 7.52
C ASN F 167 11.43 -33.83 6.45
N ASN F 168 12.74 -33.86 6.73
CA ASN F 168 13.71 -34.65 5.99
C ASN F 168 14.02 -35.71 7.02
N PRO F 169 13.77 -37.00 6.70
CA PRO F 169 13.39 -37.69 5.44
C PRO F 169 11.92 -37.97 5.06
N ASP F 170 10.99 -37.99 6.02
CA ASP F 170 9.61 -38.51 5.80
C ASP F 170 8.62 -37.55 5.13
N GLY F 171 8.91 -36.24 5.18
CA GLY F 171 8.02 -35.20 4.61
C GLY F 171 6.82 -34.82 5.48
N THR F 172 6.84 -35.25 6.74
CA THR F 172 5.76 -34.96 7.66
C THR F 172 5.87 -33.54 8.21
N ILE F 173 4.75 -32.84 8.31
CA ILE F 173 4.72 -31.58 9.06
C ILE F 173 4.93 -31.82 10.57
N ARG F 174 5.78 -31.01 11.18
CA ARG F 174 6.15 -31.18 12.59
C ARG F 174 6.06 -29.91 13.46
N GLU F 175 6.04 -30.18 14.77
CA GLU F 175 6.10 -29.19 15.82
C GLU F 175 7.11 -29.77 16.79
N THR F 176 7.44 -29.07 17.87
CA THR F 176 8.36 -29.65 18.86
C THR F 176 7.75 -30.89 19.55
N VAL F 177 8.59 -31.72 20.15
CA VAL F 177 8.11 -32.87 20.95
C VAL F 177 8.48 -32.73 22.44
N VAL F 178 9.71 -32.35 22.72
CA VAL F 178 10.12 -31.98 24.08
C VAL F 178 9.97 -30.47 24.33
N ALA F 186 13.39 -25.52 25.97
CA ALA F 186 13.97 -24.22 26.28
C ALA F 186 14.42 -23.47 24.99
N LYS F 187 14.89 -24.23 23.99
CA LYS F 187 15.47 -23.65 22.76
C LYS F 187 15.10 -24.42 21.47
N VAL F 188 14.80 -23.68 20.39
CA VAL F 188 14.23 -24.32 19.20
C VAL F 188 14.65 -23.69 17.86
N ILE F 189 15.06 -24.56 16.92
CA ILE F 189 15.43 -24.18 15.57
C ILE F 189 14.49 -24.81 14.55
N HIS F 190 14.00 -23.96 13.65
CA HIS F 190 13.01 -24.37 12.65
C HIS F 190 13.65 -24.29 11.28
N ASP F 191 13.91 -25.48 10.75
CA ASP F 191 14.40 -25.66 9.42
C ASP F 191 13.23 -25.77 8.43
N PHE F 192 12.97 -24.68 7.69
CA PHE F 192 11.86 -24.67 6.78
C PHE F 192 12.34 -24.82 5.35
N ALA F 193 13.36 -25.66 5.17
CA ALA F 193 13.93 -25.89 3.85
C ALA F 193 12.86 -26.13 2.78
N TYR F 194 11.90 -27.01 3.07
CA TYR F 194 10.88 -27.38 2.09
C TYR F 194 9.50 -26.84 2.39
N TYR F 195 9.43 -25.75 3.16
CA TYR F 195 8.18 -25.06 3.37
C TYR F 195 7.83 -24.08 2.23
N TRP F 196 7.61 -24.60 1.01
CA TRP F 196 7.20 -23.74 -0.14
C TRP F 196 6.02 -24.38 -0.83
N PRO F 197 5.18 -23.54 -1.48
CA PRO F 197 3.92 -24.01 -2.09
C PRO F 197 4.10 -25.06 -3.19
N HIS F 198 5.34 -25.43 -3.54
CA HIS F 198 5.45 -26.47 -4.53
C HIS F 198 5.55 -27.84 -3.89
N TYR F 199 5.84 -27.86 -2.59
CA TYR F 199 6.13 -29.09 -1.88
C TYR F 199 5.02 -29.40 -0.92
N THR F 200 4.48 -28.34 -0.32
CA THR F 200 3.46 -28.39 0.72
C THR F 200 2.67 -27.09 0.86
N PRO F 201 1.38 -27.22 1.16
CA PRO F 201 0.50 -26.06 1.46
C PRO F 201 1.00 -25.18 2.59
N ILE F 202 0.96 -23.87 2.31
CA ILE F 202 1.28 -22.82 3.25
C ILE F 202 0.00 -22.63 4.06
N THR F 203 -0.08 -23.36 5.16
CA THR F 203 -1.26 -23.36 5.97
C THR F 203 -1.19 -22.12 6.86
N ARG F 204 0.04 -21.65 7.09
CA ARG F 204 0.23 -20.52 7.94
C ARG F 204 1.57 -19.84 7.75
N ARG F 205 1.60 -18.57 8.16
CA ARG F 205 2.72 -17.65 8.06
C ARG F 205 3.58 -17.85 9.29
N GLN F 206 4.48 -18.82 9.17
CA GLN F 206 5.29 -19.29 10.28
C GLN F 206 5.99 -18.15 10.93
N ASP F 207 6.12 -18.23 12.24
CA ASP F 207 6.62 -17.09 12.97
C ASP F 207 7.18 -17.53 14.27
N HIS F 208 8.41 -18.03 14.22
CA HIS F 208 9.07 -18.53 15.40
C HIS F 208 10.30 -17.71 15.57
N ASP F 209 11.16 -18.17 16.45
CA ASP F 209 12.30 -17.42 16.84
C ASP F 209 13.45 -17.54 15.87
N ILE F 210 13.70 -18.77 15.40
CA ILE F 210 14.75 -19.04 14.42
C ILE F 210 14.16 -19.87 13.30
N MET F 211 14.00 -19.24 12.15
CA MET F 211 13.50 -19.94 10.98
C MET F 211 14.59 -19.94 9.87
N LEU F 212 14.91 -21.18 9.43
CA LEU F 212 15.99 -21.44 8.47
C LEU F 212 15.46 -21.70 7.08
N PHE F 213 16.03 -20.99 6.11
CA PHE F 213 15.67 -21.16 4.70
C PHE F 213 16.88 -21.45 3.81
N THR F 214 16.70 -22.35 2.84
CA THR F 214 17.76 -22.70 1.87
C THR F 214 17.32 -22.44 0.43
N PHE F 215 18.11 -21.66 -0.30
CA PHE F 215 17.87 -21.34 -1.73
C PHE F 215 17.83 -22.58 -2.65
N SER F 216 18.70 -23.56 -2.38
CA SER F 216 18.81 -24.80 -3.18
C SER F 216 17.47 -25.45 -3.47
N LYS F 217 16.67 -25.54 -2.42
CA LYS F 217 15.46 -26.37 -2.46
C LYS F 217 14.24 -25.67 -3.01
N ILE F 218 14.28 -24.34 -3.05
CA ILE F 218 13.27 -23.53 -3.71
C ILE F 218 13.43 -23.76 -5.20
N THR F 219 14.46 -23.16 -5.79
CA THR F 219 14.64 -23.15 -7.24
C THR F 219 15.59 -24.20 -7.80
N GLY F 220 16.51 -24.69 -6.97
CA GLY F 220 17.37 -25.76 -7.43
C GLY F 220 18.80 -25.40 -7.56
N HIS F 221 19.14 -24.15 -7.21
CA HIS F 221 20.50 -23.62 -7.36
C HIS F 221 21.35 -23.98 -6.19
N ALA F 222 21.75 -25.24 -6.15
CA ALA F 222 22.43 -25.78 -4.97
C ALA F 222 23.85 -25.27 -4.94
N GLY F 223 24.48 -25.39 -6.11
CA GLY F 223 25.74 -24.68 -6.41
C GLY F 223 25.93 -23.22 -6.02
N SER F 224 24.84 -22.51 -5.72
CA SER F 224 25.00 -21.10 -5.26
C SER F 224 25.35 -21.01 -3.78
N ARG F 225 25.07 -22.05 -3.05
CA ARG F 225 25.49 -22.10 -1.66
C ARG F 225 24.95 -20.99 -0.78
N ILE F 226 23.62 -20.82 -0.81
CA ILE F 226 22.99 -19.76 -0.03
C ILE F 226 21.82 -20.21 0.81
N GLY F 227 21.80 -19.75 2.07
CA GLY F 227 20.59 -19.90 2.91
C GLY F 227 20.50 -18.67 3.75
N TRP F 228 19.35 -18.47 4.41
CA TRP F 228 19.19 -17.32 5.26
C TRP F 228 18.44 -17.72 6.54
N ALA F 229 18.50 -16.86 7.54
CA ALA F 229 17.90 -17.14 8.83
C ALA F 229 17.11 -15.93 9.24
N LEU F 230 15.91 -16.19 9.72
CA LEU F 230 15.05 -15.16 10.31
C LEU F 230 15.16 -15.33 11.83
N VAL F 231 15.92 -14.44 12.47
CA VAL F 231 16.27 -14.60 13.88
C VAL F 231 15.62 -13.48 14.72
N LYS F 232 14.73 -13.84 15.62
CA LYS F 232 14.08 -12.83 16.47
C LYS F 232 15.09 -12.27 17.47
N ASP F 233 15.66 -13.17 18.28
CA ASP F 233 16.54 -12.75 19.38
C ASP F 233 17.80 -12.14 18.85
N LYS F 234 17.93 -10.83 19.03
CA LYS F 234 19.05 -10.08 18.52
C LYS F 234 20.36 -10.69 18.97
N GLU F 235 20.38 -11.22 20.19
CA GLU F 235 21.64 -11.62 20.79
C GLU F 235 22.16 -12.86 20.10
N VAL F 236 21.26 -13.78 19.74
CA VAL F 236 21.55 -14.96 18.89
C VAL F 236 21.98 -14.53 17.47
N ALA F 237 21.18 -13.71 16.82
CA ALA F 237 21.62 -13.02 15.60
C ALA F 237 23.13 -12.71 15.68
N LYS F 238 23.53 -11.93 16.69
CA LYS F 238 24.91 -11.44 16.84
C LYS F 238 25.95 -12.58 16.92
N LYS F 239 25.59 -13.69 17.57
CA LYS F 239 26.49 -14.82 17.73
C LYS F 239 26.56 -15.67 16.47
N MET F 240 25.42 -15.90 15.83
CA MET F 240 25.37 -16.41 14.46
C MET F 240 26.30 -15.64 13.52
N VAL F 241 26.16 -14.33 13.48
CA VAL F 241 27.00 -13.51 12.60
C VAL F 241 28.45 -13.66 12.98
N GLU F 242 28.72 -13.71 14.30
CA GLU F 242 30.08 -13.85 14.80
C GLU F 242 30.68 -15.22 14.40
N TYR F 243 29.94 -16.29 14.63
CA TYR F 243 30.31 -17.60 14.12
C TYR F 243 30.78 -17.51 12.66
N ILE F 244 29.91 -17.01 11.78
CA ILE F 244 30.20 -16.90 10.34
C ILE F 244 31.36 -15.97 9.96
N ILE F 245 31.53 -14.84 10.64
CA ILE F 245 32.68 -13.95 10.32
C ILE F 245 33.99 -14.71 10.46
N VAL F 246 34.11 -15.42 11.59
CA VAL F 246 35.30 -16.18 11.93
C VAL F 246 35.41 -17.36 10.98
N ASN F 247 34.29 -18.06 10.82
CA ASN F 247 34.22 -19.30 10.03
C ASN F 247 34.66 -19.13 8.56
N SER F 248 34.24 -18.03 7.93
CA SER F 248 34.47 -17.85 6.50
C SER F 248 34.60 -16.38 6.04
N ILE F 249 34.54 -15.45 6.99
CA ILE F 249 34.54 -14.00 6.73
C ILE F 249 33.39 -13.59 5.76
N GLY F 250 32.22 -14.20 6.00
CA GLY F 250 31.06 -13.85 5.23
C GLY F 250 30.70 -14.88 4.19
N VAL F 251 30.00 -14.41 3.14
CA VAL F 251 29.35 -15.27 2.15
C VAL F 251 29.56 -14.62 0.77
N SER F 252 29.87 -15.44 -0.23
CA SER F 252 30.18 -14.96 -1.58
C SER F 252 29.20 -13.86 -1.96
N LYS F 253 29.74 -12.70 -2.25
CA LYS F 253 28.97 -11.60 -2.82
C LYS F 253 28.28 -11.98 -4.09
N GLU F 254 28.95 -12.69 -4.98
CA GLU F 254 28.33 -12.92 -6.28
C GLU F 254 27.31 -13.99 -6.26
N SER F 255 27.40 -14.91 -5.28
CA SER F 255 26.32 -15.80 -4.98
C SER F 255 25.08 -15.02 -4.60
N GLN F 256 25.27 -13.94 -3.82
CA GLN F 256 24.15 -13.14 -3.32
C GLN F 256 23.50 -12.26 -4.36
N VAL F 257 24.30 -11.66 -5.23
CA VAL F 257 23.81 -10.90 -6.38
C VAL F 257 23.00 -11.83 -7.29
N ARG F 258 23.53 -13.01 -7.59
CA ARG F 258 22.87 -13.99 -8.45
C ARG F 258 21.55 -14.49 -7.85
N THR F 259 21.58 -14.87 -6.58
CA THR F 259 20.42 -15.30 -5.85
C THR F 259 19.31 -14.27 -5.81
N ALA F 260 19.63 -13.03 -5.45
CA ALA F 260 18.69 -11.91 -5.55
C ALA F 260 18.04 -11.81 -6.94
N LYS F 261 18.81 -12.06 -7.98
CA LYS F 261 18.31 -11.95 -9.39
C LYS F 261 17.26 -13.00 -9.64
N ILE F 262 17.54 -14.20 -9.17
CA ILE F 262 16.70 -15.33 -9.48
C ILE F 262 15.41 -15.32 -8.69
N LEU F 263 15.48 -14.95 -7.41
CA LEU F 263 14.29 -14.69 -6.60
C LEU F 263 13.42 -13.58 -7.17
N ASN F 264 14.07 -12.55 -7.72
CA ASN F 264 13.31 -11.49 -8.32
C ASN F 264 12.54 -11.97 -9.51
N VAL F 265 13.20 -12.64 -10.46
CA VAL F 265 12.50 -13.30 -11.55
C VAL F 265 11.39 -14.24 -11.03
N LEU F 266 11.68 -15.01 -9.99
CA LEU F 266 10.72 -15.97 -9.43
C LEU F 266 9.46 -15.22 -9.03
N LYS F 267 9.64 -14.05 -8.40
CA LYS F 267 8.56 -13.16 -7.96
C LYS F 267 7.67 -12.59 -9.09
N GLU F 268 8.28 -11.94 -10.08
CA GLU F 268 7.63 -11.56 -11.32
C GLU F 268 6.76 -12.71 -11.84
N THR F 269 7.26 -13.92 -11.65
CA THR F 269 6.67 -15.13 -12.21
C THR F 269 5.35 -15.44 -11.52
N CYS F 270 5.24 -15.06 -10.26
CA CYS F 270 4.07 -15.35 -9.44
C CYS F 270 2.83 -14.52 -9.74
N LYS F 271 2.99 -13.35 -10.34
CA LYS F 271 1.85 -12.66 -10.95
C LYS F 271 1.48 -13.19 -12.37
N SER F 272 2.02 -14.37 -12.74
CA SER F 272 1.83 -14.99 -14.07
C SER F 272 0.87 -16.19 -14.08
N GLU F 273 0.02 -16.23 -15.09
CA GLU F 273 -1.05 -17.25 -15.15
C GLU F 273 -0.62 -18.52 -15.92
N SER F 274 0.22 -18.33 -16.95
CA SER F 274 0.86 -19.42 -17.72
C SER F 274 1.43 -20.48 -16.76
N GLU F 275 0.90 -21.70 -16.84
CA GLU F 275 1.19 -22.73 -15.83
C GLU F 275 2.62 -23.35 -15.96
N SER F 276 3.39 -22.81 -16.90
CA SER F 276 4.80 -23.16 -17.07
C SER F 276 5.66 -21.93 -16.75
N GLU F 277 5.00 -20.80 -16.53
CA GLU F 277 5.63 -19.53 -16.12
C GLU F 277 5.66 -19.45 -14.59
N ASN F 278 4.49 -19.54 -13.94
CA ASN F 278 4.44 -19.52 -12.50
C ASN F 278 5.31 -20.66 -11.95
N PHE F 279 6.40 -20.29 -11.27
CA PHE F 279 7.41 -21.25 -10.86
C PHE F 279 6.75 -22.22 -9.91
N PHE F 280 6.02 -21.71 -8.95
CA PHE F 280 5.45 -22.59 -7.96
C PHE F 280 4.37 -23.40 -8.59
N LYS F 281 3.79 -22.91 -9.67
CA LYS F 281 2.76 -23.67 -10.34
C LYS F 281 3.50 -24.75 -11.06
N TYR F 282 4.36 -24.35 -12.00
CA TYR F 282 5.22 -25.32 -12.72
C TYR F 282 5.76 -26.41 -11.79
N GLY F 283 6.43 -25.98 -10.72
CA GLY F 283 7.11 -26.88 -9.79
C GLY F 283 6.16 -27.81 -9.09
N ARG F 284 4.98 -27.28 -8.80
CA ARG F 284 3.95 -28.04 -8.11
C ARG F 284 3.41 -29.12 -9.01
N GLU F 285 3.20 -28.79 -10.28
CA GLU F 285 2.66 -29.75 -11.21
C GLU F 285 3.71 -30.81 -11.53
N MET F 286 4.98 -30.39 -11.52
CA MET F 286 6.08 -31.34 -11.63
C MET F 286 6.14 -32.34 -10.47
N MET F 287 6.04 -31.90 -9.23
CA MET F 287 6.08 -32.83 -8.10
C MET F 287 4.86 -33.74 -7.98
N LYS F 288 3.73 -33.26 -8.49
CA LYS F 288 2.46 -34.01 -8.46
C LYS F 288 2.59 -35.24 -9.39
N ASN F 289 2.87 -34.98 -10.66
CA ASN F 289 3.10 -36.02 -11.65
C ASN F 289 4.07 -37.15 -11.21
N ARG F 290 5.09 -36.82 -10.40
CA ARG F 290 6.15 -37.76 -10.05
C ARG F 290 5.72 -38.58 -8.85
N TRP F 291 5.00 -37.93 -7.94
CA TRP F 291 4.48 -38.64 -6.78
C TRP F 291 3.44 -39.68 -7.15
N GLU F 292 2.59 -39.31 -8.12
CA GLU F 292 1.56 -40.14 -8.67
C GLU F 292 2.15 -41.39 -9.29
N LYS F 293 3.05 -41.19 -10.26
CA LYS F 293 3.77 -42.28 -10.93
C LYS F 293 4.45 -43.18 -9.92
N LEU F 294 5.04 -42.58 -8.90
CA LEU F 294 5.67 -43.36 -7.85
C LEU F 294 4.62 -44.09 -6.97
N ARG F 295 3.42 -43.52 -6.90
CA ARG F 295 2.31 -44.04 -6.12
C ARG F 295 1.78 -45.32 -6.80
N GLU F 296 1.64 -45.26 -8.11
CA GLU F 296 1.28 -46.42 -8.91
C GLU F 296 2.23 -47.59 -8.67
N VAL F 297 3.52 -47.36 -8.81
CA VAL F 297 4.51 -48.44 -8.63
C VAL F 297 4.39 -49.17 -7.27
N VAL F 298 4.30 -48.41 -6.19
CA VAL F 298 4.31 -49.00 -4.84
C VAL F 298 2.98 -49.72 -4.56
N LYS F 299 1.96 -49.36 -5.35
CA LYS F 299 0.61 -49.96 -5.26
C LYS F 299 0.66 -51.40 -5.73
N GLU F 300 0.88 -51.59 -7.03
CA GLU F 300 1.06 -52.90 -7.60
C GLU F 300 2.44 -53.44 -7.29
N SER F 301 2.80 -53.38 -6.01
CA SER F 301 4.03 -54.01 -5.54
C SER F 301 3.73 -54.83 -4.28
N ASP F 302 4.68 -55.69 -3.91
CA ASP F 302 4.52 -56.58 -2.77
C ASP F 302 4.52 -55.78 -1.48
N ALA F 303 5.74 -55.52 -0.98
CA ALA F 303 5.94 -55.01 0.36
C ALA F 303 6.54 -53.60 0.40
N PHE F 304 6.29 -52.80 -0.63
CA PHE F 304 6.71 -51.39 -0.55
C PHE F 304 5.67 -50.52 0.13
N THR F 305 6.14 -49.42 0.70
CA THR F 305 5.28 -48.51 1.44
C THR F 305 5.75 -47.08 1.26
N LEU F 306 4.86 -46.15 1.59
CA LEU F 306 5.08 -44.73 1.43
C LEU F 306 4.25 -44.07 2.51
N PRO F 307 4.74 -42.94 3.05
CA PRO F 307 3.88 -42.18 3.98
C PRO F 307 2.66 -41.58 3.29
N LYS F 308 1.64 -41.28 4.10
CA LYS F 308 0.47 -40.52 3.63
C LYS F 308 0.47 -39.11 4.21
N TYR F 309 -0.14 -38.19 3.47
CA TYR F 309 -0.19 -36.78 3.85
C TYR F 309 -1.65 -36.36 3.79
N PRO F 310 -2.11 -35.63 4.83
CA PRO F 310 -3.49 -35.14 4.79
C PRO F 310 -3.60 -34.02 3.77
N GLU F 311 -4.71 -33.96 3.04
CA GLU F 311 -5.05 -32.75 2.29
C GLU F 311 -5.13 -31.59 3.31
N ALA F 312 -4.95 -30.37 2.82
CA ALA F 312 -4.94 -29.17 3.67
C ALA F 312 -5.02 -27.90 2.81
N PHE F 313 -5.42 -26.82 3.45
CA PHE F 313 -5.67 -25.57 2.73
C PHE F 313 -4.40 -24.77 2.70
N CYS F 314 -4.12 -24.29 1.49
CA CYS F 314 -2.93 -23.56 1.19
C CYS F 314 -3.23 -22.10 0.93
N ASN F 315 -2.74 -21.23 1.82
CA ASN F 315 -3.02 -19.83 1.73
C ASN F 315 -2.47 -19.19 0.43
N TYR F 316 -1.35 -19.70 -0.06
CA TYR F 316 -0.78 -19.20 -1.29
C TYR F 316 -1.61 -19.50 -2.57
N PHE F 317 -1.99 -20.75 -2.79
CA PHE F 317 -2.76 -21.04 -4.01
C PHE F 317 -4.25 -20.76 -3.77
N GLY F 318 -4.62 -20.76 -2.49
CA GLY F 318 -5.97 -20.47 -2.07
C GLY F 318 -6.90 -21.58 -2.48
N LYS F 319 -6.54 -22.79 -2.06
CA LYS F 319 -7.12 -24.04 -2.53
C LYS F 319 -6.68 -25.08 -1.56
N SER F 320 -7.51 -26.10 -1.40
CA SER F 320 -7.17 -27.21 -0.52
C SER F 320 -6.51 -28.31 -1.37
N LEU F 321 -5.24 -28.63 -1.09
CA LEU F 321 -4.53 -29.66 -1.86
C LEU F 321 -3.44 -30.43 -1.12
N GLU F 322 -2.99 -31.55 -1.71
CA GLU F 322 -2.04 -32.45 -1.04
C GLU F 322 -0.60 -31.94 -1.19
N SER F 323 0.29 -32.45 -0.35
CA SER F 323 1.70 -32.14 -0.44
C SER F 323 2.56 -33.19 -1.16
N TYR F 324 3.58 -32.71 -1.88
CA TYR F 324 4.40 -33.56 -2.75
C TYR F 324 5.86 -33.41 -2.36
N PRO F 325 6.26 -34.07 -1.27
CA PRO F 325 7.59 -33.91 -0.67
C PRO F 325 8.77 -34.13 -1.64
N ALA F 326 9.90 -33.54 -1.29
CA ALA F 326 11.10 -33.61 -2.11
C ALA F 326 11.84 -34.94 -1.94
N PHE F 327 11.49 -35.70 -0.90
CA PHE F 327 12.03 -37.05 -0.67
C PHE F 327 10.96 -38.08 -0.42
N ALA F 328 11.10 -39.24 -1.06
CA ALA F 328 10.19 -40.36 -0.84
C ALA F 328 10.82 -41.25 0.22
N TRP F 329 10.07 -41.47 1.26
CA TRP F 329 10.53 -42.27 2.37
C TRP F 329 9.97 -43.64 2.05
N LEU F 330 10.88 -44.53 1.61
CA LEU F 330 10.52 -45.87 1.14
C LEU F 330 10.72 -46.90 2.23
N GLY F 331 9.65 -47.64 2.49
CA GLY F 331 9.68 -48.72 3.46
C GLY F 331 9.43 -50.07 2.84
N THR F 332 9.71 -51.10 3.63
CA THR F 332 9.39 -52.45 3.22
C THR F 332 8.74 -53.24 4.38
N LYS F 333 7.64 -53.94 4.06
CA LYS F 333 6.92 -54.77 5.04
C LYS F 333 7.80 -55.95 5.49
N GLU F 334 8.46 -56.55 4.50
CA GLU F 334 9.47 -57.60 4.72
C GLU F 334 10.52 -57.07 5.69
N GLU F 335 11.27 -57.95 6.32
CA GLU F 335 12.34 -57.51 7.23
C GLU F 335 13.61 -57.07 6.44
N THR F 336 13.52 -57.16 5.11
CA THR F 336 14.68 -57.01 4.21
C THR F 336 15.32 -55.62 4.22
N ASP F 337 16.64 -55.59 3.95
CA ASP F 337 17.50 -54.41 4.11
C ASP F 337 17.37 -53.54 2.87
N LEU F 338 16.36 -52.67 2.88
CA LEU F 338 15.94 -51.96 1.67
C LEU F 338 17.07 -51.26 0.92
N VAL F 339 17.97 -50.60 1.66
CA VAL F 339 19.11 -49.90 1.04
C VAL F 339 20.05 -50.86 0.31
N SER F 340 20.29 -52.02 0.93
CA SER F 340 21.16 -53.07 0.39
C SER F 340 20.53 -53.75 -0.81
N GLU F 341 19.21 -53.95 -0.78
CA GLU F 341 18.48 -54.53 -1.90
C GLU F 341 18.30 -53.55 -3.06
N LEU F 342 18.47 -52.25 -2.77
CA LEU F 342 18.38 -51.20 -3.78
C LEU F 342 19.72 -50.96 -4.50
N ARG F 343 20.82 -50.98 -3.76
CA ARG F 343 22.17 -50.96 -4.35
C ARG F 343 22.34 -52.13 -5.30
N ARG F 344 21.86 -53.31 -4.91
CA ARG F 344 21.90 -54.52 -5.76
C ARG F 344 21.32 -54.27 -7.15
N HIS F 345 20.36 -53.36 -7.25
CA HIS F 345 19.76 -52.98 -8.54
C HIS F 345 20.31 -51.65 -9.06
N LYS F 346 21.48 -51.29 -8.54
CA LYS F 346 22.18 -50.05 -8.89
C LYS F 346 21.32 -48.81 -8.62
N VAL F 347 20.71 -48.77 -7.44
CA VAL F 347 19.93 -47.63 -7.04
C VAL F 347 20.50 -47.14 -5.71
N MET F 348 21.07 -45.93 -5.71
CA MET F 348 21.61 -45.37 -4.46
C MET F 348 20.49 -44.68 -3.72
N SER F 349 20.61 -44.62 -2.40
CA SER F 349 19.64 -44.01 -1.52
C SER F 349 20.20 -43.86 -0.10
N ARG F 350 19.49 -43.11 0.72
CA ARG F 350 19.99 -42.80 2.05
C ARG F 350 19.38 -43.80 3.03
N ALA F 351 20.23 -44.57 3.71
CA ALA F 351 19.81 -45.62 4.66
C ALA F 351 18.92 -45.05 5.74
N GLY F 352 17.98 -45.86 6.24
CA GLY F 352 17.08 -45.43 7.30
C GLY F 352 17.79 -45.31 8.64
N GLU F 353 18.81 -46.15 8.85
CA GLU F 353 19.58 -46.16 10.11
C GLU F 353 20.25 -44.82 10.33
N ARG F 354 20.65 -44.21 9.22
CA ARG F 354 21.29 -42.89 9.23
C ARG F 354 20.36 -41.79 9.72
N CYS F 355 19.07 -41.93 9.45
CA CYS F 355 18.07 -40.91 9.78
C CYS F 355 17.34 -41.20 11.11
N GLY F 356 17.74 -42.26 11.81
CA GLY F 356 17.13 -42.61 13.10
C GLY F 356 16.06 -43.69 12.98
N SER F 357 16.21 -44.58 12.00
CA SER F 357 15.23 -45.64 11.75
C SER F 357 15.87 -46.99 11.44
N ASP F 358 15.11 -47.89 10.82
CA ASP F 358 15.53 -49.27 10.61
C ASP F 358 16.09 -49.50 9.21
N LYS F 359 16.57 -50.72 8.95
CA LYS F 359 17.06 -51.14 7.63
C LYS F 359 15.97 -51.13 6.55
N LYS F 360 14.72 -51.28 7.00
CA LYS F 360 13.51 -51.36 6.16
C LYS F 360 13.12 -50.02 5.55
N HIS F 361 13.83 -48.96 5.93
CA HIS F 361 13.60 -47.62 5.36
C HIS F 361 14.80 -47.03 4.61
N VAL F 362 14.48 -46.34 3.51
CA VAL F 362 15.44 -45.50 2.77
C VAL F 362 14.78 -44.22 2.27
N ARG F 363 15.57 -43.16 2.21
CA ARG F 363 15.17 -41.89 1.61
C ARG F 363 15.70 -41.80 0.19
N VAL F 364 14.81 -41.50 -0.75
CA VAL F 364 15.19 -41.36 -2.12
C VAL F 364 14.79 -39.95 -2.62
N SER F 365 15.72 -39.26 -3.26
CA SER F 365 15.44 -37.94 -3.80
C SER F 365 14.38 -38.01 -4.86
N MET F 366 13.47 -37.04 -4.82
CA MET F 366 12.42 -36.90 -5.84
C MET F 366 12.72 -35.77 -6.78
N LEU F 367 13.91 -35.21 -6.64
CA LEU F 367 14.26 -34.01 -7.41
C LEU F 367 15.46 -34.25 -8.34
N SER F 368 15.58 -35.44 -8.92
CA SER F 368 16.62 -35.71 -9.88
C SER F 368 16.14 -35.28 -11.28
N ARG F 369 17.00 -35.49 -12.26
CA ARG F 369 16.64 -35.20 -13.66
C ARG F 369 15.55 -36.19 -14.06
N GLU F 370 14.78 -35.83 -15.08
CA GLU F 370 13.59 -36.61 -15.45
C GLU F 370 13.96 -38.04 -15.85
N ASP F 371 14.91 -38.15 -16.79
CA ASP F 371 15.52 -39.40 -17.23
C ASP F 371 15.86 -40.34 -16.07
N VAL F 372 16.59 -39.82 -15.10
CA VAL F 372 17.04 -40.57 -13.93
C VAL F 372 15.85 -41.04 -13.11
N PHE F 373 14.87 -40.14 -12.88
CA PHE F 373 13.65 -40.48 -12.11
C PHE F 373 12.91 -41.65 -12.73
N ASN F 374 12.71 -41.59 -14.05
CA ASN F 374 12.05 -42.68 -14.80
C ASN F 374 12.70 -44.05 -14.66
N VAL F 375 14.02 -44.08 -14.85
CA VAL F 375 14.83 -45.29 -14.71
C VAL F 375 14.70 -45.86 -13.32
N PHE F 376 14.54 -44.98 -12.35
CA PHE F 376 14.38 -45.41 -10.97
C PHE F 376 13.06 -46.16 -10.85
N LEU F 377 12.03 -45.66 -11.52
CA LEU F 377 10.73 -46.28 -11.37
C LEU F 377 10.79 -47.64 -12.05
N GLU F 378 11.22 -47.64 -13.32
CA GLU F 378 11.45 -48.88 -14.07
C GLU F 378 12.17 -49.94 -13.22
N ARG F 379 13.22 -49.54 -12.50
CA ARG F 379 13.93 -50.47 -11.60
C ARG F 379 13.22 -50.82 -10.28
N LEU F 380 12.42 -49.87 -9.78
CA LEU F 380 11.64 -50.09 -8.56
C LEU F 380 10.61 -51.16 -8.87
N ALA F 381 9.90 -50.93 -9.97
CA ALA F 381 8.79 -51.74 -10.46
C ALA F 381 9.23 -53.12 -10.92
N ASN F 382 10.25 -53.13 -11.79
CA ASN F 382 10.79 -54.38 -12.28
C ASN F 382 11.26 -55.23 -11.12
N MET F 383 11.83 -54.59 -10.10
CA MET F 383 12.33 -55.26 -8.90
C MET F 383 11.29 -56.26 -8.38
N LYS F 384 11.72 -57.23 -7.58
CA LYS F 384 10.81 -58.29 -7.01
C LYS F 384 10.04 -59.05 -8.11
N LEU F 385 10.74 -59.24 -9.23
CA LEU F 385 10.29 -59.94 -10.43
C LEU F 385 11.57 -60.52 -11.03
N ILE F 386 12.68 -59.80 -10.84
CA ILE F 386 14.03 -60.17 -11.34
C ILE F 386 15.07 -59.65 -10.34
#